data_4XTT
# 
_entry.id   4XTT 
# 
_audit_conform.dict_name       mmcif_pdbx.dic 
_audit_conform.dict_version    5.380 
_audit_conform.dict_location   http://mmcif.pdb.org/dictionaries/ascii/mmcif_pdbx.dic 
# 
loop_
_database_2.database_id 
_database_2.database_code 
_database_2.pdbx_database_accession 
_database_2.pdbx_DOI 
PDB   4XTT         pdb_00004xtt 10.2210/pdb4xtt/pdb 
WWPDB D_1000206272 ?            ?                   
# 
_pdbx_database_status.status_code                     REL 
_pdbx_database_status.status_code_sf                  REL 
_pdbx_database_status.status_code_mr                  ? 
_pdbx_database_status.entry_id                        4XTT 
_pdbx_database_status.recvd_initial_deposition_date   2015-01-24 
_pdbx_database_status.SG_entry                        N 
_pdbx_database_status.deposit_site                    RCSB 
_pdbx_database_status.process_site                    PDBJ 
_pdbx_database_status.status_code_cs                  ? 
_pdbx_database_status.methods_development_category    ? 
_pdbx_database_status.pdb_format_compatible           Y 
_pdbx_database_status.status_code_nmr_data            ? 
# 
loop_
_audit_author.name 
_audit_author.pdbx_ordinal 
'Kim, H.'    1 
'Youn, S.J.' 2 
'Kim, S.O.'  3 
'Ko, J.'     4 
'Lee, J.O.'  5 
'Choi, B.S.' 6 
# 
_citation.abstract                  ? 
_citation.abstract_id_CAS           ? 
_citation.book_id_ISBN              ? 
_citation.book_publisher            ? 
_citation.book_publisher_city       ? 
_citation.book_title                ? 
_citation.coordinate_linkage        ? 
_citation.country                   US 
_citation.database_id_Medline       ? 
_citation.details                   ? 
_citation.id                        primary 
_citation.journal_abbrev            J.Biol.Chem. 
_citation.journal_id_ASTM           JBCHA3 
_citation.journal_id_CSD            0071 
_citation.journal_id_ISSN           1083-351X 
_citation.journal_full              ? 
_citation.journal_issue             ? 
_citation.journal_volume            290 
_citation.language                  ? 
_citation.page_first                16393 
_citation.page_last                 16402 
_citation.title                     
;Structural Studies of Potassium Transport Protein KtrA Regulator of Conductance of K+ (RCK) C Domain in Complex with Cyclic Diadenosine Monophosphate (c-di-AMP)
;
_citation.year                      2015 
_citation.database_id_CSD           ? 
_citation.pdbx_database_id_DOI      10.1074/jbc.M115.641340 
_citation.pdbx_database_id_PubMed   25957408 
_citation.unpublished_flag          ? 
# 
loop_
_citation_author.citation_id 
_citation_author.name 
_citation_author.ordinal 
_citation_author.identifier_ORCID 
primary 'Kim, H.'    1 ? 
primary 'Youn, S.J.' 2 ? 
primary 'Kim, S.O.'  3 ? 
primary 'Ko, J.'     4 ? 
primary 'Lee, J.O.'  5 ? 
primary 'Choi, B.S.' 6 ? 
# 
_cell.angle_alpha                  90.000 
_cell.angle_alpha_esd              ? 
_cell.angle_beta                   90.000 
_cell.angle_beta_esd               ? 
_cell.angle_gamma                  90.000 
_cell.angle_gamma_esd              ? 
_cell.entry_id                     4XTT 
_cell.details                      ? 
_cell.formula_units_Z              ? 
_cell.length_a                     84.976 
_cell.length_a_esd                 ? 
_cell.length_b                     84.976 
_cell.length_b_esd                 ? 
_cell.length_c                     85.575 
_cell.length_c_esd                 ? 
_cell.volume                       ? 
_cell.volume_esd                   ? 
_cell.Z_PDB                        16 
_cell.reciprocal_angle_alpha       ? 
_cell.reciprocal_angle_beta        ? 
_cell.reciprocal_angle_gamma       ? 
_cell.reciprocal_angle_alpha_esd   ? 
_cell.reciprocal_angle_beta_esd    ? 
_cell.reciprocal_angle_gamma_esd   ? 
_cell.reciprocal_length_a          ? 
_cell.reciprocal_length_b          ? 
_cell.reciprocal_length_c          ? 
_cell.reciprocal_length_a_esd      ? 
_cell.reciprocal_length_b_esd      ? 
_cell.reciprocal_length_c_esd      ? 
_cell.pdbx_unique_axis             ? 
# 
_symmetry.entry_id                         4XTT 
_symmetry.cell_setting                     ? 
_symmetry.Int_Tables_number                96 
_symmetry.space_group_name_Hall            ? 
_symmetry.space_group_name_H-M             'P 43 21 2' 
_symmetry.pdbx_full_space_group_name_H-M   ? 
# 
loop_
_entity.id 
_entity.type 
_entity.src_method 
_entity.pdbx_description 
_entity.formula_weight 
_entity.pdbx_number_of_molecules 
_entity.pdbx_ec 
_entity.pdbx_mutation 
_entity.pdbx_fragment 
_entity.details 
1 polymer     man 'Putative potassium transport protein' 9486.837 2  ? ? 'UNP residues 133-217' ? 
2 non-polymer syn 
;(2R,3R,3aS,5R,7aR,9R,10R,10aS,12R,14aR)-2,9-bis(6-amino-9H-purin-9-yl)octahydro-2H,7H-difuro[3,2-d:3',2'-j][1,3,7,9,2,8 ]tetraoxadiphosphacyclododecine-3,5,10,12-tetrol 5,12-dioxide
;
658.412  1  ? ? ?                      ? 
3 water       nat water 18.015   20 ? ? ?                      ? 
# 
_entity_poly.entity_id                      1 
_entity_poly.type                           'polypeptide(L)' 
_entity_poly.nstd_linkage                   no 
_entity_poly.nstd_monomer                   no 
_entity_poly.pdbx_seq_one_letter_code       
;ASASVLDYLELADEHSIVELKATEKMAGQSIIDLDIRAQYGINIIAIKRGKEFIISPNPNINLEIGDILIMIGHDNDLNR
FEKNI
;
_entity_poly.pdbx_seq_one_letter_code_can   
;ASASVLDYLELADEHSIVELKATEKMAGQSIIDLDIRAQYGINIIAIKRGKEFIISPNPNINLEIGDILIMIGHDNDLNR
FEKNI
;
_entity_poly.pdbx_strand_id                 A,B 
_entity_poly.pdbx_target_identifier         ? 
# 
loop_
_entity_poly_seq.entity_id 
_entity_poly_seq.num 
_entity_poly_seq.mon_id 
_entity_poly_seq.hetero 
1 1  ALA n 
1 2  SER n 
1 3  ALA n 
1 4  SER n 
1 5  VAL n 
1 6  LEU n 
1 7  ASP n 
1 8  TYR n 
1 9  LEU n 
1 10 GLU n 
1 11 LEU n 
1 12 ALA n 
1 13 ASP n 
1 14 GLU n 
1 15 HIS n 
1 16 SER n 
1 17 ILE n 
1 18 VAL n 
1 19 GLU n 
1 20 LEU n 
1 21 LYS n 
1 22 ALA n 
1 23 THR n 
1 24 GLU n 
1 25 LYS n 
1 26 MET n 
1 27 ALA n 
1 28 GLY n 
1 29 GLN n 
1 30 SER n 
1 31 ILE n 
1 32 ILE n 
1 33 ASP n 
1 34 LEU n 
1 35 ASP n 
1 36 ILE n 
1 37 ARG n 
1 38 ALA n 
1 39 GLN n 
1 40 TYR n 
1 41 GLY n 
1 42 ILE n 
1 43 ASN n 
1 44 ILE n 
1 45 ILE n 
1 46 ALA n 
1 47 ILE n 
1 48 LYS n 
1 49 ARG n 
1 50 GLY n 
1 51 LYS n 
1 52 GLU n 
1 53 PHE n 
1 54 ILE n 
1 55 ILE n 
1 56 SER n 
1 57 PRO n 
1 58 ASN n 
1 59 PRO n 
1 60 ASN n 
1 61 ILE n 
1 62 ASN n 
1 63 LEU n 
1 64 GLU n 
1 65 ILE n 
1 66 GLY n 
1 67 ASP n 
1 68 ILE n 
1 69 LEU n 
1 70 ILE n 
1 71 MET n 
1 72 ILE n 
1 73 GLY n 
1 74 HIS n 
1 75 ASP n 
1 76 ASN n 
1 77 ASP n 
1 78 LEU n 
1 79 ASN n 
1 80 ARG n 
1 81 PHE n 
1 82 GLU n 
1 83 LYS n 
1 84 ASN n 
1 85 ILE n 
# 
_entity_src_gen.entity_id                          1 
_entity_src_gen.pdbx_src_id                        1 
_entity_src_gen.pdbx_alt_source_flag               sample 
_entity_src_gen.pdbx_seq_type                      'Biological sequence' 
_entity_src_gen.pdbx_beg_seq_num                   1 
_entity_src_gen.pdbx_end_seq_num                   85 
_entity_src_gen.gene_src_common_name               ? 
_entity_src_gen.gene_src_genus                     ? 
_entity_src_gen.pdbx_gene_src_gene                 C248_1114 
_entity_src_gen.gene_src_species                   ? 
_entity_src_gen.gene_src_strain                    ? 
_entity_src_gen.gene_src_tissue                    ? 
_entity_src_gen.gene_src_tissue_fraction           ? 
_entity_src_gen.gene_src_details                   ? 
_entity_src_gen.pdbx_gene_src_fragment             ? 
_entity_src_gen.pdbx_gene_src_scientific_name      'Staphylococcus aureus 08BA02176' 
_entity_src_gen.pdbx_gene_src_ncbi_taxonomy_id     1229492 
_entity_src_gen.pdbx_gene_src_variant              ? 
_entity_src_gen.pdbx_gene_src_cell_line            ? 
_entity_src_gen.pdbx_gene_src_atcc                 ? 
_entity_src_gen.pdbx_gene_src_organ                ? 
_entity_src_gen.pdbx_gene_src_organelle            ? 
_entity_src_gen.pdbx_gene_src_cell                 ? 
_entity_src_gen.pdbx_gene_src_cellular_location    ? 
_entity_src_gen.host_org_common_name               ? 
_entity_src_gen.pdbx_host_org_scientific_name      'Escherichia coli' 
_entity_src_gen.pdbx_host_org_ncbi_taxonomy_id     562 
_entity_src_gen.host_org_genus                     ? 
_entity_src_gen.pdbx_host_org_gene                 ? 
_entity_src_gen.pdbx_host_org_organ                ? 
_entity_src_gen.host_org_species                   ? 
_entity_src_gen.pdbx_host_org_tissue               ? 
_entity_src_gen.pdbx_host_org_tissue_fraction      ? 
_entity_src_gen.pdbx_host_org_strain               ? 
_entity_src_gen.pdbx_host_org_variant              ? 
_entity_src_gen.pdbx_host_org_cell_line            ? 
_entity_src_gen.pdbx_host_org_atcc                 ? 
_entity_src_gen.pdbx_host_org_culture_collection   ? 
_entity_src_gen.pdbx_host_org_cell                 ? 
_entity_src_gen.pdbx_host_org_organelle            ? 
_entity_src_gen.pdbx_host_org_cellular_location    ? 
_entity_src_gen.pdbx_host_org_vector_type          ? 
_entity_src_gen.pdbx_host_org_vector               ? 
_entity_src_gen.host_org_details                   ? 
_entity_src_gen.expression_system_id               ? 
_entity_src_gen.plasmid_name                       ? 
_entity_src_gen.plasmid_details                    ? 
_entity_src_gen.pdbx_description                   ? 
# 
_struct_ref.id                         1 
_struct_ref.db_name                    UNP 
_struct_ref.db_code                    J9USJ9_STAAU 
_struct_ref.pdbx_db_accession          J9USJ9 
_struct_ref.pdbx_db_isoform            ? 
_struct_ref.entity_id                  1 
_struct_ref.pdbx_seq_one_letter_code   
;ASASVLDYLELADEHSIVELKATEKMAGQSIIDLDIRAQYGINIIAIKRGKEFIISPNPNINLEIGDILIMIGHDNDLNR
FEKNI
;
_struct_ref.pdbx_align_begin           133 
# 
loop_
_struct_ref_seq.align_id 
_struct_ref_seq.ref_id 
_struct_ref_seq.pdbx_PDB_id_code 
_struct_ref_seq.pdbx_strand_id 
_struct_ref_seq.seq_align_beg 
_struct_ref_seq.pdbx_seq_align_beg_ins_code 
_struct_ref_seq.seq_align_end 
_struct_ref_seq.pdbx_seq_align_end_ins_code 
_struct_ref_seq.pdbx_db_accession 
_struct_ref_seq.db_align_beg 
_struct_ref_seq.pdbx_db_align_beg_ins_code 
_struct_ref_seq.db_align_end 
_struct_ref_seq.pdbx_db_align_end_ins_code 
_struct_ref_seq.pdbx_auth_seq_align_beg 
_struct_ref_seq.pdbx_auth_seq_align_end 
1 1 4XTT A 1 ? 85 ? J9USJ9 133 ? 217 ? 133 217 
2 1 4XTT B 1 ? 85 ? J9USJ9 133 ? 217 ? 133 217 
# 
loop_
_chem_comp.id 
_chem_comp.type 
_chem_comp.mon_nstd_flag 
_chem_comp.name 
_chem_comp.pdbx_synonyms 
_chem_comp.formula 
_chem_comp.formula_weight 
2BA non-polymer         . 
;(2R,3R,3aS,5R,7aR,9R,10R,10aS,12R,14aR)-2,9-bis(6-amino-9H-purin-9-yl)octahydro-2H,7H-difuro[3,2-d:3',2'-j][1,3,7,9,2,8 ]tetraoxadiphosphacyclododecine-3,5,10,12-tetrol 5,12-dioxide
;
"bis-(3',5')-cyclic-dimeric-Adenosine-monophosphate" 'C20 H24 N10 O12 P2' 658.412 
ALA 'L-peptide linking' y ALANINE ?                                                    'C3 H7 N O2'         89.093  
ARG 'L-peptide linking' y ARGININE ?                                                    'C6 H15 N4 O2 1'     175.209 
ASN 'L-peptide linking' y ASPARAGINE ?                                                    'C4 H8 N2 O3'        132.118 
ASP 'L-peptide linking' y 'ASPARTIC ACID' ?                                                    'C4 H7 N O4'         133.103 
GLN 'L-peptide linking' y GLUTAMINE ?                                                    'C5 H10 N2 O3'       146.144 
GLU 'L-peptide linking' y 'GLUTAMIC ACID' ?                                                    'C5 H9 N O4'         147.129 
GLY 'peptide linking'   y GLYCINE ?                                                    'C2 H5 N O2'         75.067  
HIS 'L-peptide linking' y HISTIDINE ?                                                    'C6 H10 N3 O2 1'     156.162 
HOH non-polymer         . WATER ?                                                    'H2 O'               18.015  
ILE 'L-peptide linking' y ISOLEUCINE ?                                                    'C6 H13 N O2'        131.173 
LEU 'L-peptide linking' y LEUCINE ?                                                    'C6 H13 N O2'        131.173 
LYS 'L-peptide linking' y LYSINE ?                                                    'C6 H15 N2 O2 1'     147.195 
MET 'L-peptide linking' y METHIONINE ?                                                    'C5 H11 N O2 S'      149.211 
PHE 'L-peptide linking' y PHENYLALANINE ?                                                    'C9 H11 N O2'        165.189 
PRO 'L-peptide linking' y PROLINE ?                                                    'C5 H9 N O2'         115.130 
SER 'L-peptide linking' y SERINE ?                                                    'C3 H7 N O3'         105.093 
THR 'L-peptide linking' y THREONINE ?                                                    'C4 H9 N O3'         119.119 
TYR 'L-peptide linking' y TYROSINE ?                                                    'C9 H11 N O3'        181.189 
VAL 'L-peptide linking' y VALINE ?                                                    'C5 H11 N O2'        117.146 
# 
_exptl.absorpt_coefficient_mu     ? 
_exptl.absorpt_correction_T_max   ? 
_exptl.absorpt_correction_T_min   ? 
_exptl.absorpt_correction_type    ? 
_exptl.absorpt_process_details    ? 
_exptl.entry_id                   4XTT 
_exptl.crystals_number            1 
_exptl.details                    ? 
_exptl.method                     'X-RAY DIFFRACTION' 
_exptl.method_details             ? 
# 
_exptl_crystal.colour                      ? 
_exptl_crystal.density_diffrn              ? 
_exptl_crystal.density_Matthews            4.07 
_exptl_crystal.density_method              ? 
_exptl_crystal.density_percent_sol         69.79 
_exptl_crystal.description                 ? 
_exptl_crystal.F_000                       ? 
_exptl_crystal.id                          1 
_exptl_crystal.preparation                 ? 
_exptl_crystal.size_max                    ? 
_exptl_crystal.size_mid                    ? 
_exptl_crystal.size_min                    ? 
_exptl_crystal.size_rad                    ? 
_exptl_crystal.colour_lustre               ? 
_exptl_crystal.colour_modifier             ? 
_exptl_crystal.colour_primary              ? 
_exptl_crystal.density_meas                ? 
_exptl_crystal.density_meas_esd            ? 
_exptl_crystal.density_meas_gt             ? 
_exptl_crystal.density_meas_lt             ? 
_exptl_crystal.density_meas_temp           ? 
_exptl_crystal.density_meas_temp_esd       ? 
_exptl_crystal.density_meas_temp_gt        ? 
_exptl_crystal.density_meas_temp_lt        ? 
_exptl_crystal.pdbx_crystal_image_url      ? 
_exptl_crystal.pdbx_crystal_image_format   ? 
_exptl_crystal.pdbx_mosaicity              ? 
_exptl_crystal.pdbx_mosaicity_esd          ? 
# 
_exptl_crystal_grow.apparatus       ? 
_exptl_crystal_grow.atmosphere      ? 
_exptl_crystal_grow.crystal_id      1 
_exptl_crystal_grow.details         ? 
_exptl_crystal_grow.method          'VAPOR DIFFUSION, HANGING DROP' 
_exptl_crystal_grow.method_ref      ? 
_exptl_crystal_grow.pH              ? 
_exptl_crystal_grow.pressure        ? 
_exptl_crystal_grow.pressure_esd    ? 
_exptl_crystal_grow.seeding         ? 
_exptl_crystal_grow.seeding_ref     ? 
_exptl_crystal_grow.temp            293 
_exptl_crystal_grow.temp_details    ? 
_exptl_crystal_grow.temp_esd        ? 
_exptl_crystal_grow.time            ? 
_exptl_crystal_grow.pdbx_details    '100mM Bis-Tris pH 6.0, 24.5%(w/v) PEG6000, 250mM Lithium acetate' 
_exptl_crystal_grow.pdbx_pH_range   6.0 
# 
_diffrn.ambient_environment    ? 
_diffrn.ambient_temp           80 
_diffrn.ambient_temp_details   ? 
_diffrn.ambient_temp_esd       ? 
_diffrn.crystal_id             1 
_diffrn.crystal_support        ? 
_diffrn.crystal_treatment      ? 
_diffrn.details                ? 
_diffrn.id                     1 
_diffrn.ambient_pressure       ? 
_diffrn.ambient_pressure_esd   ? 
_diffrn.ambient_pressure_gt    ? 
_diffrn.ambient_pressure_lt    ? 
_diffrn.ambient_temp_gt        ? 
_diffrn.ambient_temp_lt        ? 
# 
_diffrn_detector.details                      ? 
_diffrn_detector.detector                     CCD 
_diffrn_detector.diffrn_id                    1 
_diffrn_detector.type                         'ADSC QUANTUM 315' 
_diffrn_detector.area_resol_mean              ? 
_diffrn_detector.dtime                        ? 
_diffrn_detector.pdbx_frames_total            ? 
_diffrn_detector.pdbx_collection_time_total   ? 
_diffrn_detector.pdbx_collection_date         2014-10-18 
# 
_diffrn_radiation.collimation                      ? 
_diffrn_radiation.diffrn_id                        1 
_diffrn_radiation.filter_edge                      ? 
_diffrn_radiation.inhomogeneity                    ? 
_diffrn_radiation.monochromator                    ? 
_diffrn_radiation.polarisn_norm                    ? 
_diffrn_radiation.polarisn_ratio                   ? 
_diffrn_radiation.probe                            ? 
_diffrn_radiation.type                             ? 
_diffrn_radiation.xray_symbol                      ? 
_diffrn_radiation.wavelength_id                    1 
_diffrn_radiation.pdbx_monochromatic_or_laue_m_l   M 
_diffrn_radiation.pdbx_wavelength_list             ? 
_diffrn_radiation.pdbx_wavelength                  ? 
_diffrn_radiation.pdbx_diffrn_protocol             'SINGLE WAVELENGTH' 
_diffrn_radiation.pdbx_analyzer                    ? 
_diffrn_radiation.pdbx_scattering_type             x-ray 
# 
_diffrn_radiation_wavelength.id           1 
_diffrn_radiation_wavelength.wavelength   0.97934 
_diffrn_radiation_wavelength.wt           1.0 
# 
_diffrn_source.current                     ? 
_diffrn_source.details                     ? 
_diffrn_source.diffrn_id                   1 
_diffrn_source.power                       ? 
_diffrn_source.size                        ? 
_diffrn_source.source                      SYNCHROTRON 
_diffrn_source.target                      ? 
_diffrn_source.type                        'PAL/PLS BEAMLINE 7A (6B, 6C1)' 
_diffrn_source.voltage                     ? 
_diffrn_source.take-off_angle              ? 
_diffrn_source.pdbx_wavelength_list        0.97934 
_diffrn_source.pdbx_wavelength             ? 
_diffrn_source.pdbx_synchrotron_beamline   '7A (6B, 6C1)' 
_diffrn_source.pdbx_synchrotron_site       PAL/PLS 
# 
_reflns.B_iso_Wilson_estimate            39.730 
_reflns.entry_id                         4XTT 
_reflns.data_reduction_details           ? 
_reflns.data_reduction_method            ? 
_reflns.d_resolution_high                2.700 
_reflns.d_resolution_low                 50.000 
_reflns.details                          ? 
_reflns.limit_h_max                      ? 
_reflns.limit_h_min                      ? 
_reflns.limit_k_max                      ? 
_reflns.limit_k_min                      ? 
_reflns.limit_l_max                      ? 
_reflns.limit_l_min                      ? 
_reflns.number_all                       ? 
_reflns.number_obs                       9002 
_reflns.observed_criterion               ? 
_reflns.observed_criterion_F_max         ? 
_reflns.observed_criterion_F_min         ? 
_reflns.observed_criterion_I_max         ? 
_reflns.observed_criterion_I_min         ? 
_reflns.observed_criterion_sigma_F       ? 
_reflns.observed_criterion_sigma_I       ? 
_reflns.percent_possible_obs             99.800 
_reflns.R_free_details                   ? 
_reflns.Rmerge_F_all                     ? 
_reflns.Rmerge_F_obs                     ? 
_reflns.Friedel_coverage                 ? 
_reflns.number_gt                        ? 
_reflns.threshold_expression             ? 
_reflns.pdbx_redundancy                  11.300 
_reflns.pdbx_Rmerge_I_obs                0.145 
_reflns.pdbx_Rmerge_I_all                ? 
_reflns.pdbx_Rsym_value                  ? 
_reflns.pdbx_netI_over_av_sigmaI         20.374 
_reflns.pdbx_netI_over_sigmaI            6.800 
_reflns.pdbx_res_netI_over_av_sigmaI_2   ? 
_reflns.pdbx_res_netI_over_sigmaI_2      ? 
_reflns.pdbx_chi_squared                 1.372 
_reflns.pdbx_scaling_rejects             ? 
_reflns.pdbx_d_res_high_opt              ? 
_reflns.pdbx_d_res_low_opt               ? 
_reflns.pdbx_d_res_opt_method            ? 
_reflns.phase_calculation_details        ? 
_reflns.pdbx_Rrim_I_all                  ? 
_reflns.pdbx_Rpim_I_all                  ? 
_reflns.pdbx_d_opt                       ? 
_reflns.pdbx_number_measured_all         101464 
_reflns.pdbx_diffrn_id                   1 
_reflns.pdbx_ordinal                     1 
_reflns.pdbx_CC_half                     ? 
_reflns.pdbx_R_split                     ? 
# 
loop_
_reflns_shell.d_res_high 
_reflns_shell.d_res_low 
_reflns_shell.meanI_over_sigI_all 
_reflns_shell.meanI_over_sigI_obs 
_reflns_shell.number_measured_all 
_reflns_shell.number_measured_obs 
_reflns_shell.number_possible 
_reflns_shell.number_unique_all 
_reflns_shell.number_unique_obs 
_reflns_shell.percent_possible_all 
_reflns_shell.percent_possible_obs 
_reflns_shell.Rmerge_F_all 
_reflns_shell.Rmerge_F_obs 
_reflns_shell.Rmerge_I_all 
_reflns_shell.Rmerge_I_obs 
_reflns_shell.meanI_over_sigI_gt 
_reflns_shell.meanI_over_uI_all 
_reflns_shell.meanI_over_uI_gt 
_reflns_shell.number_measured_gt 
_reflns_shell.number_unique_gt 
_reflns_shell.percent_possible_gt 
_reflns_shell.Rmerge_F_gt 
_reflns_shell.Rmerge_I_gt 
_reflns_shell.pdbx_redundancy 
_reflns_shell.pdbx_Rsym_value 
_reflns_shell.pdbx_chi_squared 
_reflns_shell.pdbx_netI_over_sigmaI_all 
_reflns_shell.pdbx_netI_over_sigmaI_obs 
_reflns_shell.pdbx_Rrim_I_all 
_reflns_shell.pdbx_Rpim_I_all 
_reflns_shell.pdbx_rejects 
_reflns_shell.pdbx_ordinal 
_reflns_shell.pdbx_diffrn_id 
_reflns_shell.pdbx_CC_half 
_reflns_shell.pdbx_R_split 
2.700 2.800  ? ? ? ? ? 878 ? 100.000 ? ? ? ? 0.641 ? ? ? ? ? ? ? ? 9.700  ? 1.036 ? ? ? ? 0 1  1 ? ? 
2.800 2.910  ? ? ? ? ? 867 ? 100.000 ? ? ? ? 0.503 ? ? ? ? ? ? ? ? 10.000 ? 1.097 ? ? ? ? 0 2  1 ? ? 
2.910 3.040  ? ? ? ? ? 880 ? 100.000 ? ? ? ? 0.429 ? ? ? ? ? ? ? ? 10.500 ? 1.125 ? ? ? ? 0 3  1 ? ? 
3.040 3.200  ? ? ? ? ? 881 ? 100.000 ? ? ? ? 0.329 ? ? ? ? ? ? ? ? 11.200 ? 1.230 ? ? ? ? 0 4  1 ? ? 
3.200 3.400  ? ? ? ? ? 894 ? 100.000 ? ? ? ? 0.252 ? ? ? ? ? ? ? ? 12.200 ? 1.255 ? ? ? ? 0 5  1 ? ? 
3.400 3.660  ? ? ? ? ? 884 ? 99.900  ? ? ? ? 0.178 ? ? ? ? ? ? ? ? 12.500 ? 1.408 ? ? ? ? 0 6  1 ? ? 
3.660 4.030  ? ? ? ? ? 898 ? 100.000 ? ? ? ? 0.120 ? ? ? ? ? ? ? ? 12.100 ? 1.569 ? ? ? ? 0 7  1 ? ? 
4.030 4.620  ? ? ? ? ? 914 ? 99.900  ? ? ? ? 0.091 ? ? ? ? ? ? ? ? 11.800 ? 1.683 ? ? ? ? 0 8  1 ? ? 
4.620 5.810  ? ? ? ? ? 909 ? 99.900  ? ? ? ? 0.074 ? ? ? ? ? ? ? ? 11.800 ? 1.585 ? ? ? ? 0 9  1 ? ? 
5.810 50.000 ? ? ? ? ? 997 ? 98.500  ? ? ? ? 0.057 ? ? ? ? ? ? ? ? 10.900 ? 1.545 ? ? ? ? 0 10 1 ? ? 
# 
_refine.aniso_B[1][1]                            ? 
_refine.aniso_B[1][2]                            ? 
_refine.aniso_B[1][3]                            ? 
_refine.aniso_B[2][2]                            ? 
_refine.aniso_B[2][3]                            ? 
_refine.aniso_B[3][3]                            ? 
_refine.B_iso_max                                128.220 
_refine.B_iso_mean                               41.7800 
_refine.B_iso_min                                12.870 
_refine.correlation_coeff_Fo_to_Fc               ? 
_refine.correlation_coeff_Fo_to_Fc_free          ? 
_refine.details                                  ? 
_refine.diff_density_max                         ? 
_refine.diff_density_max_esd                     ? 
_refine.diff_density_min                         ? 
_refine.diff_density_min_esd                     ? 
_refine.diff_density_rms                         ? 
_refine.diff_density_rms_esd                     ? 
_refine.entry_id                                 4XTT 
_refine.pdbx_refine_id                           'X-RAY DIFFRACTION' 
_refine.ls_abs_structure_details                 ? 
_refine.ls_abs_structure_Flack                   ? 
_refine.ls_abs_structure_Flack_esd               ? 
_refine.ls_abs_structure_Rogers                  ? 
_refine.ls_abs_structure_Rogers_esd              ? 
_refine.ls_d_res_high                            2.7080 
_refine.ls_d_res_low                             28.3470 
_refine.ls_extinction_coef                       ? 
_refine.ls_extinction_coef_esd                   ? 
_refine.ls_extinction_expression                 ? 
_refine.ls_extinction_method                     ? 
_refine.ls_goodness_of_fit_all                   ? 
_refine.ls_goodness_of_fit_all_esd               ? 
_refine.ls_goodness_of_fit_obs                   ? 
_refine.ls_goodness_of_fit_obs_esd               ? 
_refine.ls_hydrogen_treatment                    ? 
_refine.ls_matrix_type                           ? 
_refine.ls_number_constraints                    ? 
_refine.ls_number_parameters                     ? 
_refine.ls_number_reflns_all                     ? 
_refine.ls_number_reflns_obs                     8969 
_refine.ls_number_reflns_R_free                  895 
_refine.ls_number_reflns_R_work                  8074 
_refine.ls_number_restraints                     ? 
_refine.ls_percent_reflns_obs                    99.8900 
_refine.ls_percent_reflns_R_free                 9.9800 
_refine.ls_R_factor_all                          ? 
_refine.ls_R_factor_obs                          0.2331 
_refine.ls_R_factor_R_free                       0.2740 
_refine.ls_R_factor_R_free_error                 ? 
_refine.ls_R_factor_R_free_error_details         ? 
_refine.ls_R_factor_R_work                       0.2285 
_refine.ls_R_Fsqd_factor_obs                     ? 
_refine.ls_R_I_factor_obs                        ? 
_refine.ls_redundancy_reflns_all                 ? 
_refine.ls_redundancy_reflns_obs                 ? 
_refine.ls_restrained_S_all                      ? 
_refine.ls_restrained_S_obs                      ? 
_refine.ls_shift_over_esd_max                    ? 
_refine.ls_shift_over_esd_mean                   ? 
_refine.ls_structure_factor_coef                 ? 
_refine.ls_weighting_details                     ? 
_refine.ls_weighting_scheme                      ? 
_refine.ls_wR_factor_all                         ? 
_refine.ls_wR_factor_obs                         ? 
_refine.ls_wR_factor_R_free                      ? 
_refine.ls_wR_factor_R_work                      ? 
_refine.occupancy_max                            ? 
_refine.occupancy_min                            ? 
_refine.solvent_model_details                    'FLAT BULK SOLVENT MODEL' 
_refine.solvent_model_param_bsol                 ? 
_refine.solvent_model_param_ksol                 ? 
_refine.ls_R_factor_gt                           ? 
_refine.ls_goodness_of_fit_gt                    ? 
_refine.ls_goodness_of_fit_ref                   ? 
_refine.ls_shift_over_su_max                     ? 
_refine.ls_shift_over_su_max_lt                  ? 
_refine.ls_shift_over_su_mean                    ? 
_refine.ls_shift_over_su_mean_lt                 ? 
_refine.pdbx_ls_sigma_I                          ? 
_refine.pdbx_ls_sigma_F                          1.390 
_refine.pdbx_ls_sigma_Fsqd                       ? 
_refine.pdbx_data_cutoff_high_absF               ? 
_refine.pdbx_data_cutoff_high_rms_absF           ? 
_refine.pdbx_data_cutoff_low_absF                ? 
_refine.pdbx_isotropic_thermal_model             ? 
_refine.pdbx_ls_cross_valid_method               NONE 
_refine.pdbx_method_to_determine_struct          'MOLECULAR REPLACEMENT' 
_refine.pdbx_starting_model                      4J91 
_refine.pdbx_stereochemistry_target_values       ML 
_refine.pdbx_R_Free_selection_details            ? 
_refine.pdbx_stereochem_target_val_spec_case     ? 
_refine.pdbx_overall_ESU_R                       ? 
_refine.pdbx_overall_ESU_R_Free                  ? 
_refine.pdbx_solvent_vdw_probe_radii             1.1100 
_refine.pdbx_solvent_ion_probe_radii             ? 
_refine.pdbx_solvent_shrinkage_radii             0.9000 
_refine.pdbx_real_space_R                        ? 
_refine.pdbx_density_correlation                 ? 
_refine.pdbx_pd_number_of_powder_patterns        ? 
_refine.pdbx_pd_number_of_points                 ? 
_refine.pdbx_pd_meas_number_of_points            ? 
_refine.pdbx_pd_proc_ls_prof_R_factor            ? 
_refine.pdbx_pd_proc_ls_prof_wR_factor           ? 
_refine.pdbx_pd_Marquardt_correlation_coeff      ? 
_refine.pdbx_pd_Fsqrd_R_factor                   ? 
_refine.pdbx_pd_ls_matrix_band_width             ? 
_refine.pdbx_overall_phase_error                 25.6800 
_refine.pdbx_overall_SU_R_free_Cruickshank_DPI   ? 
_refine.pdbx_overall_SU_R_free_Blow_DPI          ? 
_refine.pdbx_overall_SU_R_Blow_DPI               ? 
_refine.pdbx_TLS_residual_ADP_flag               ? 
_refine.pdbx_diffrn_id                           1 
_refine.overall_SU_B                             ? 
_refine.overall_SU_ML                            0.3300 
_refine.overall_SU_R_Cruickshank_DPI             ? 
_refine.overall_SU_R_free                        ? 
_refine.overall_FOM_free_R_set                   ? 
_refine.overall_FOM_work_R_set                   0.8027 
_refine.pdbx_average_fsc_overall                 ? 
_refine.pdbx_average_fsc_work                    ? 
_refine.pdbx_average_fsc_free                    ? 
# 
_refine_hist.cycle_id                         final 
_refine_hist.pdbx_refine_id                   'X-RAY DIFFRACTION' 
_refine_hist.d_res_high                       2.7080 
_refine_hist.d_res_low                        28.3470 
_refine_hist.pdbx_number_atoms_ligand         44 
_refine_hist.number_atoms_solvent             20 
_refine_hist.number_atoms_total               1394 
_refine_hist.pdbx_number_residues_total       170 
_refine_hist.pdbx_B_iso_mean_ligand           26.05 
_refine_hist.pdbx_B_iso_mean_solvent          33.51 
_refine_hist.pdbx_number_atoms_protein        1330 
_refine_hist.pdbx_number_atoms_nucleic_acid   0 
# 
loop_
_refine_ls_restr.pdbx_refine_id 
_refine_ls_restr.criterion 
_refine_ls_restr.dev_ideal 
_refine_ls_restr.dev_ideal_target 
_refine_ls_restr.number 
_refine_ls_restr.rejects 
_refine_ls_restr.type 
_refine_ls_restr.weight 
_refine_ls_restr.pdbx_restraint_function 
'X-RAY DIFFRACTION' ? 0.005  ? 1394 ? f_bond_d           ? ? 
'X-RAY DIFFRACTION' ? 0.997  ? 1890 ? f_angle_d          ? ? 
'X-RAY DIFFRACTION' ? 0.040  ? 222  ? f_chiral_restr     ? ? 
'X-RAY DIFFRACTION' ? 0.005  ? 238  ? f_plane_restr      ? ? 
'X-RAY DIFFRACTION' ? 14.124 ? 526  ? f_dihedral_angle_d ? ? 
# 
loop_
_refine_ls_shell.pdbx_refine_id 
_refine_ls_shell.d_res_high 
_refine_ls_shell.d_res_low 
_refine_ls_shell.number_reflns_all 
_refine_ls_shell.number_reflns_obs 
_refine_ls_shell.number_reflns_R_free 
_refine_ls_shell.number_reflns_R_work 
_refine_ls_shell.percent_reflns_obs 
_refine_ls_shell.percent_reflns_R_free 
_refine_ls_shell.R_factor_all 
_refine_ls_shell.R_factor_obs 
_refine_ls_shell.R_factor_R_free 
_refine_ls_shell.R_factor_R_free_error 
_refine_ls_shell.R_factor_R_work 
_refine_ls_shell.redundancy_reflns_all 
_refine_ls_shell.redundancy_reflns_obs 
_refine_ls_shell.wR_factor_all 
_refine_ls_shell.wR_factor_obs 
_refine_ls_shell.wR_factor_R_free 
_refine_ls_shell.wR_factor_R_work 
_refine_ls_shell.pdbx_total_number_of_bins_used 
_refine_ls_shell.pdbx_phase_error 
_refine_ls_shell.pdbx_fsc_work 
_refine_ls_shell.pdbx_fsc_free 
'X-RAY DIFFRACTION' 2.7082 2.8778  1451 . 148 1303 100.0000 . . . 0.3214 . 0.2488 . . . . . . 6 . . . 
'X-RAY DIFFRACTION' 2.8778 3.0997  1462 . 143 1319 100.0000 . . . 0.2664 . 0.2464 . . . . . . 6 . . . 
'X-RAY DIFFRACTION' 3.0997 3.4112  1470 . 144 1326 100.0000 . . . 0.3144 . 0.2239 . . . . . . 6 . . . 
'X-RAY DIFFRACTION' 3.4112 3.9037  1479 . 151 1328 100.0000 . . . 0.2405 . 0.1996 . . . . . . 6 . . . 
'X-RAY DIFFRACTION' 3.9037 4.9141  1498 . 146 1352 100.0000 . . . 0.2608 . 0.2115 . . . . . . 6 . . . 
'X-RAY DIFFRACTION' 4.9141 28.3489 1609 . 163 1446 100.0000 . . . 0.2769 . 0.2552 . . . . . . 6 . . . 
# 
_struct.entry_id                     4XTT 
_struct.title                        
;Structural Studies of Potassium Transport Protein KtrA Regulator of Conductance of K+ (RCK) C domain in Complex with Cyclic Diadenosine Monophosphate (c-di-AMP)
;
_struct.pdbx_model_details           ? 
_struct.pdbx_formula_weight          ? 
_struct.pdbx_formula_weight_method   ? 
_struct.pdbx_model_type_details      ? 
_struct.pdbx_CASP_flag               ? 
# 
_struct_keywords.entry_id        4XTT 
_struct_keywords.text            'Potassium, transporter, KtrA, c-di-AMP, TRANSPORT PROTEIN' 
_struct_keywords.pdbx_keywords   'TRANSPORT PROTEIN' 
# 
loop_
_struct_asym.id 
_struct_asym.pdbx_blank_PDB_chainid_flag 
_struct_asym.pdbx_modified 
_struct_asym.entity_id 
_struct_asym.details 
A N N 1 ? 
B N N 1 ? 
C N N 2 ? 
D N N 3 ? 
E N N 3 ? 
# 
loop_
_struct_conf.conf_type_id 
_struct_conf.id 
_struct_conf.pdbx_PDB_helix_id 
_struct_conf.beg_label_comp_id 
_struct_conf.beg_label_asym_id 
_struct_conf.beg_label_seq_id 
_struct_conf.pdbx_beg_PDB_ins_code 
_struct_conf.end_label_comp_id 
_struct_conf.end_label_asym_id 
_struct_conf.end_label_seq_id 
_struct_conf.pdbx_end_PDB_ins_code 
_struct_conf.beg_auth_comp_id 
_struct_conf.beg_auth_asym_id 
_struct_conf.beg_auth_seq_id 
_struct_conf.end_auth_comp_id 
_struct_conf.end_auth_asym_id 
_struct_conf.end_auth_seq_id 
_struct_conf.pdbx_PDB_helix_class 
_struct_conf.details 
_struct_conf.pdbx_PDB_helix_length 
HELX_P HELX_P1 AA1 SER A 2  ? ALA A 12 ? SER A 134 ALA A 144 1 ? 11 
HELX_P HELX_P2 AA2 ASP A 35 ? GLY A 41 ? ASP A 167 GLY A 173 1 ? 7  
HELX_P HELX_P3 AA3 ASP A 75 ? ASN A 84 ? ASP A 207 ASN A 216 1 ? 10 
HELX_P HELX_P4 AA4 SER B 2  ? ASP B 13 ? SER B 134 ASP B 145 1 ? 12 
HELX_P HELX_P5 AA5 ASP B 35 ? GLY B 41 ? ASP B 167 GLY B 173 1 ? 7  
HELX_P HELX_P6 AA6 HIS B 74 ? ASN B 84 ? HIS B 206 ASN B 216 1 ? 11 
# 
_struct_conf_type.id          HELX_P 
_struct_conf_type.criteria    ? 
_struct_conf_type.reference   ? 
# 
loop_
_struct_sheet.id 
_struct_sheet.type 
_struct_sheet.number_strands 
_struct_sheet.details 
AA1 ? 4 ? 
AA2 ? 4 ? 
# 
loop_
_struct_sheet_order.sheet_id 
_struct_sheet_order.range_id_1 
_struct_sheet_order.range_id_2 
_struct_sheet_order.offset 
_struct_sheet_order.sense 
AA1 1 2 ? anti-parallel 
AA1 2 3 ? anti-parallel 
AA1 3 4 ? anti-parallel 
AA2 1 2 ? anti-parallel 
AA2 2 3 ? anti-parallel 
AA2 3 4 ? anti-parallel 
# 
loop_
_struct_sheet_range.sheet_id 
_struct_sheet_range.id 
_struct_sheet_range.beg_label_comp_id 
_struct_sheet_range.beg_label_asym_id 
_struct_sheet_range.beg_label_seq_id 
_struct_sheet_range.pdbx_beg_PDB_ins_code 
_struct_sheet_range.end_label_comp_id 
_struct_sheet_range.end_label_asym_id 
_struct_sheet_range.end_label_seq_id 
_struct_sheet_range.pdbx_end_PDB_ins_code 
_struct_sheet_range.beg_auth_comp_id 
_struct_sheet_range.beg_auth_asym_id 
_struct_sheet_range.beg_auth_seq_id 
_struct_sheet_range.end_auth_comp_id 
_struct_sheet_range.end_auth_asym_id 
_struct_sheet_range.end_auth_seq_id 
AA1 1 HIS A 15 ? LYS A 21 ? HIS A 147 LYS A 153 
AA1 2 ILE A 68 ? HIS A 74 ? ILE A 200 HIS A 206 
AA1 3 ASN A 43 ? ARG A 49 ? ASN A 175 ARG A 181 
AA1 4 GLU A 52 ? ILE A 55 ? GLU A 184 ILE A 187 
AA2 1 ILE B 17 ? LYS B 21 ? ILE B 149 LYS B 153 
AA2 2 ILE B 68 ? ILE B 72 ? ILE B 200 ILE B 204 
AA2 3 ASN B 43 ? ARG B 49 ? ASN B 175 ARG B 181 
AA2 4 GLU B 52 ? ILE B 55 ? GLU B 184 ILE B 187 
# 
loop_
_pdbx_struct_sheet_hbond.sheet_id 
_pdbx_struct_sheet_hbond.range_id_1 
_pdbx_struct_sheet_hbond.range_id_2 
_pdbx_struct_sheet_hbond.range_1_label_atom_id 
_pdbx_struct_sheet_hbond.range_1_label_comp_id 
_pdbx_struct_sheet_hbond.range_1_label_asym_id 
_pdbx_struct_sheet_hbond.range_1_label_seq_id 
_pdbx_struct_sheet_hbond.range_1_PDB_ins_code 
_pdbx_struct_sheet_hbond.range_1_auth_atom_id 
_pdbx_struct_sheet_hbond.range_1_auth_comp_id 
_pdbx_struct_sheet_hbond.range_1_auth_asym_id 
_pdbx_struct_sheet_hbond.range_1_auth_seq_id 
_pdbx_struct_sheet_hbond.range_2_label_atom_id 
_pdbx_struct_sheet_hbond.range_2_label_comp_id 
_pdbx_struct_sheet_hbond.range_2_label_asym_id 
_pdbx_struct_sheet_hbond.range_2_label_seq_id 
_pdbx_struct_sheet_hbond.range_2_PDB_ins_code 
_pdbx_struct_sheet_hbond.range_2_auth_atom_id 
_pdbx_struct_sheet_hbond.range_2_auth_comp_id 
_pdbx_struct_sheet_hbond.range_2_auth_asym_id 
_pdbx_struct_sheet_hbond.range_2_auth_seq_id 
AA1 1 2 N VAL A 18 ? N VAL A 150 O MET A 71 ? O MET A 203 
AA1 2 3 O ILE A 68 ? O ILE A 200 N LYS A 48 ? N LYS A 180 
AA1 3 4 N ILE A 47 ? N ILE A 179 O ILE A 54 ? O ILE A 186 
AA2 1 2 N LEU B 20 ? N LEU B 152 O LEU B 69 ? O LEU B 201 
AA2 2 3 O ILE B 70 ? O ILE B 202 N ALA B 46 ? N ALA B 178 
AA2 3 4 N ILE B 47 ? N ILE B 179 O ILE B 54 ? O ILE B 186 
# 
_struct_site.id                   AC1 
_struct_site.pdbx_evidence_code   Software 
_struct_site.pdbx_auth_asym_id    A 
_struct_site.pdbx_auth_comp_id    2BA 
_struct_site.pdbx_auth_seq_id     301 
_struct_site.pdbx_auth_ins_code   ? 
_struct_site.pdbx_num_residues    19 
_struct_site.details              'binding site for residue 2BA A 301' 
# 
loop_
_struct_site_gen.id 
_struct_site_gen.site_id 
_struct_site_gen.pdbx_num_res 
_struct_site_gen.label_comp_id 
_struct_site_gen.label_asym_id 
_struct_site_gen.label_seq_id 
_struct_site_gen.pdbx_auth_ins_code 
_struct_site_gen.auth_comp_id 
_struct_site_gen.auth_asym_id 
_struct_site_gen.auth_seq_id 
_struct_site_gen.label_atom_id 
_struct_site_gen.label_alt_id 
_struct_site_gen.symmetry 
_struct_site_gen.details 
1  AC1 19 ILE A 31 ? ILE A 163 . ? 1_555 ? 
2  AC1 19 ILE A 32 ? ILE A 164 . ? 1_555 ? 
3  AC1 19 ASP A 35 ? ASP A 167 . ? 1_555 ? 
4  AC1 19 ILE A 36 ? ILE A 168 . ? 1_555 ? 
5  AC1 19 ARG A 37 ? ARG A 169 . ? 1_555 ? 
6  AC1 19 ALA A 38 ? ALA A 170 . ? 1_555 ? 
7  AC1 19 ILE A 42 ? ILE A 174 . ? 1_555 ? 
8  AC1 19 ILE A 44 ? ILE A 176 . ? 1_555 ? 
9  AC1 19 PRO A 59 ? PRO A 191 . ? 1_555 ? 
10 AC1 19 HOH D .  ? HOH A 404 . ? 1_555 ? 
11 AC1 19 ILE B 31 ? ILE B 163 . ? 1_555 ? 
12 AC1 19 ILE B 32 ? ILE B 164 . ? 1_555 ? 
13 AC1 19 ASP B 35 ? ASP B 167 . ? 1_555 ? 
14 AC1 19 ARG B 37 ? ARG B 169 . ? 1_555 ? 
15 AC1 19 ALA B 38 ? ALA B 170 . ? 1_555 ? 
16 AC1 19 ILE B 42 ? ILE B 174 . ? 1_555 ? 
17 AC1 19 ASN B 43 ? ASN B 175 . ? 1_555 ? 
18 AC1 19 ILE B 44 ? ILE B 176 . ? 1_555 ? 
19 AC1 19 PRO B 59 ? PRO B 191 . ? 1_555 ? 
# 
_atom_sites.entry_id                    4XTT 
_atom_sites.fract_transf_matrix[1][1]   0.00160328 
_atom_sites.fract_transf_matrix[1][2]   0.00928447 
_atom_sites.fract_transf_matrix[1][3]   0.00705081 
_atom_sites.fract_transf_matrix[2][1]   -0.01136802 
_atom_sites.fract_transf_matrix[2][2]   -0.00033320 
_atom_sites.fract_transf_matrix[2][3]   0.00302373 
_atom_sites.fract_transf_matrix[3][1]   0.00256723 
_atom_sites.fract_transf_matrix[3][2]   -0.00717279 
_atom_sites.fract_transf_matrix[3][3]   0.00886133 
_atom_sites.fract_transf_vector[1]      -0.086844 
_atom_sites.fract_transf_vector[2]      -0.380075 
_atom_sites.fract_transf_vector[3]      0.082055 
# 
loop_
_atom_type.symbol 
C 
N 
O 
P 
S 
# 
loop_
_atom_site.group_PDB 
_atom_site.id 
_atom_site.type_symbol 
_atom_site.label_atom_id 
_atom_site.label_alt_id 
_atom_site.label_comp_id 
_atom_site.label_asym_id 
_atom_site.label_entity_id 
_atom_site.label_seq_id 
_atom_site.pdbx_PDB_ins_code 
_atom_site.Cartn_x 
_atom_site.Cartn_y 
_atom_site.Cartn_z 
_atom_site.occupancy 
_atom_site.B_iso_or_equiv 
_atom_site.pdbx_formal_charge 
_atom_site.auth_seq_id 
_atom_site.auth_comp_id 
_atom_site.auth_asym_id 
_atom_site.auth_atom_id 
_atom_site.pdbx_PDB_model_num 
ATOM   1    N N      . ALA A 1 1  ? -2.449  -13.316 -8.284  1.00 59.05  ?  133 ALA A N      1 
ATOM   2    C CA     . ALA A 1 1  ? -2.155  -12.975 -6.911  1.00 47.60  ?  133 ALA A CA     1 
ATOM   3    C C      . ALA A 1 1  ? -2.197  -11.495 -6.600  1.00 67.47  ?  133 ALA A C      1 
ATOM   4    O O      . ALA A 1 1  ? -1.430  -10.982 -5.844  1.00 50.35  ?  133 ALA A O      1 
ATOM   5    C CB     . ALA A 1 1  ? -0.832  -13.565 -6.487  1.00 66.96  ?  133 ALA A CB     1 
ATOM   6    N N      . SER A 1 2  ? -3.140  -10.825 -7.212  1.00 80.58  ?  134 SER A N      1 
ATOM   7    C CA     . SER A 1 2  ? -3.634  -9.543  -6.776  1.00 40.92  ?  134 SER A CA     1 
ATOM   8    C C      . SER A 1 2  ? -4.951  -9.737  -6.040  1.00 50.97  ?  134 SER A C      1 
ATOM   9    O O      . SER A 1 2  ? -5.433  -8.839  -5.382  1.00 38.03  ?  134 SER A O      1 
ATOM   10   C CB     . SER A 1 2  ? -3.765  -8.615  -7.975  1.00 47.27  ?  134 SER A CB     1 
ATOM   11   O OG     . SER A 1 2  ? -5.080  -8.320  -8.335  1.00 43.38  ?  134 SER A OG     1 
ATOM   12   N N      . ALA A 1 3  ? -5.497  -10.938 -6.160  1.00 49.76  ?  135 ALA A N      1 
ATOM   13   C CA     . ALA A 1 3  ? -6.735  -11.357 -5.565  1.00 56.81  ?  135 ALA A CA     1 
ATOM   14   C C      . ALA A 1 3  ? -6.459  -12.032 -4.266  1.00 42.37  ?  135 ALA A C      1 
ATOM   15   O O      . ALA A 1 3  ? -7.295  -12.064 -3.405  1.00 37.74  ?  135 ALA A O      1 
ATOM   16   C CB     . ALA A 1 3  ? -7.436  -12.310 -6.496  1.00 56.06  ?  135 ALA A CB     1 
ATOM   17   N N      . SER A 1 4  ? -5.261  -12.559 -4.138  1.00 38.43  ?  136 SER A N      1 
ATOM   18   C CA     . SER A 1 4  ? -4.823  -13.109 -2.909  1.00 29.98  ?  136 SER A CA     1 
ATOM   19   C C      . SER A 1 4  ? -4.858  -12.026 -1.903  1.00 33.08  ?  136 SER A C      1 
ATOM   20   O O      . SER A 1 4  ? -5.032  -12.277 -0.759  1.00 49.24  ?  136 SER A O      1 
ATOM   21   C CB     . SER A 1 4  ? -3.428  -13.655 -3.031  1.00 41.13  ?  136 SER A CB     1 
ATOM   22   O OG     . SER A 1 4  ? -2.571  -12.694 -3.549  1.00 62.07  ?  136 SER A OG     1 
ATOM   23   N N      . VAL A 1 5  ? -4.703  -10.803 -2.337  1.00 35.91  ?  137 VAL A N      1 
ATOM   24   C CA     . VAL A 1 5  ? -4.790  -9.668  -1.432  1.00 32.70  ?  137 VAL A CA     1 
ATOM   25   C C      . VAL A 1 5  ? -6.254  -9.429  -1.141  1.00 33.00  ?  137 VAL A C      1 
ATOM   26   O O      . VAL A 1 5  ? -6.650  -9.198  -0.002  1.00 38.09  ?  137 VAL A O      1 
ATOM   27   C CB     . VAL A 1 5  ? -4.188  -8.383  -2.033  1.00 30.90  ?  137 VAL A CB     1 
ATOM   28   C CG1    . VAL A 1 5  ? -4.545  -7.177  -1.168  1.00 21.62  ?  137 VAL A CG1    1 
ATOM   29   C CG2    . VAL A 1 5  ? -2.679  -8.522  -2.209  1.00 18.86  ?  137 VAL A CG2    1 
ATOM   30   N N      . LEU A 1 6  ? -7.063  -9.508  -2.187  1.00 37.20  ?  138 LEU A N      1 
ATOM   31   C CA     . LEU A 1 6  ? -8.487  -9.260  -2.053  1.00 35.07  ?  138 LEU A CA     1 
ATOM   32   C C      . LEU A 1 6  ? -9.189  -10.412 -1.341  1.00 36.76  ?  138 LEU A C      1 
ATOM   33   O O      . LEU A 1 6  ? -10.152 -10.200 -0.608  1.00 41.03  ?  138 LEU A O      1 
ATOM   34   C CB     . LEU A 1 6  ? -9.099  -8.996  -3.430  1.00 40.75  ?  138 LEU A CB     1 
ATOM   35   C CG     . LEU A 1 6  ? -10.597 -8.715  -3.521  1.00 59.39  ?  138 LEU A CG     1 
ATOM   36   C CD1    . LEU A 1 6  ? -11.021 -7.628  -2.536  1.00 54.83  ?  138 LEU A CD1    1 
ATOM   37   C CD2    . LEU A 1 6  ? -10.901 -8.261  -4.936  1.00 39.45  ?  138 LEU A CD2    1 
ATOM   38   N N      . ASP A 1 7  ? -8.668  -11.624 -1.513  1.00 42.75  ?  139 ASP A N      1 
ATOM   39   C CA     . ASP A 1 7  ? -9.247  -12.797 -0.868  1.00 35.40  ?  139 ASP A CA     1 
ATOM   40   C C      . ASP A 1 7  ? -9.028  -12.777 0.635   1.00 43.45  ?  139 ASP A C      1 
ATOM   41   O O      . ASP A 1 7  ? -9.913  -13.138 1.401   1.00 55.25  ?  139 ASP A O      1 
ATOM   42   C CB     . ASP A 1 7  ? -8.642  -14.080 -1.438  1.00 31.97  ?  139 ASP A CB     1 
ATOM   43   C CG     . ASP A 1 7  ? -9.200  -14.435 -2.794  1.00 58.19  ?  139 ASP A CG     1 
ATOM   44   O OD1    . ASP A 1 7  ? -10.247 -13.864 -3.183  1.00 56.03  ?  139 ASP A OD1    1 
ATOM   45   O OD2    . ASP A 1 7  ? -8.583  -15.289 -3.471  1.00 59.42  -1 139 ASP A OD2    1 
ATOM   46   N N      . TYR A 1 8  ? -7.855  -12.317 1.051   1.00 43.10  ?  140 TYR A N      1 
ATOM   47   C CA     . TYR A 1 8  ? -7.545  -12.194 2.465   1.00 41.41  ?  140 TYR A CA     1 
ATOM   48   C C      . TYR A 1 8  ? -8.485  -11.210 3.161   1.00 44.94  ?  140 TYR A C      1 
ATOM   49   O O      . TYR A 1 8  ? -9.025  -11.498 4.224   1.00 51.33  ?  140 TYR A O      1 
ATOM   50   C CB     . TYR A 1 8  ? -6.085  -11.756 2.650   1.00 40.22  ?  140 TYR A CB     1 
ATOM   51   C CG     . TYR A 1 8  ? -5.727  -11.430 4.088   1.00 39.54  ?  140 TYR A CG     1 
ATOM   52   C CD1    . TYR A 1 8  ? -5.415  -12.436 4.990   1.00 40.29  ?  140 TYR A CD1    1 
ATOM   53   C CD2    . TYR A 1 8  ? -5.703  -10.116 4.538   1.00 37.72  ?  140 TYR A CD2    1 
ATOM   54   C CE1    . TYR A 1 8  ? -5.097  -12.147 6.296   1.00 30.12  ?  140 TYR A CE1    1 
ATOM   55   C CE2    . TYR A 1 8  ? -5.385  -9.816  5.845   1.00 42.00  ?  140 TYR A CE2    1 
ATOM   56   C CZ     . TYR A 1 8  ? -5.081  -10.837 6.721   1.00 46.62  ?  140 TYR A CZ     1 
ATOM   57   O OH     . TYR A 1 8  ? -4.753  -10.554 8.029   1.00 33.27  ?  140 TYR A OH     1 
ATOM   58   N N      . LEU A 1 9  ? -8.691  -10.058 2.535   1.00 50.14  ?  141 LEU A N      1 
ATOM   59   C CA     . LEU A 1 9  ? -9.524  -8.994  3.088   1.00 46.14  ?  141 LEU A CA     1 
ATOM   60   C C      . LEU A 1 9  ? -10.980 -9.398  3.272   1.00 46.09  ?  141 LEU A C      1 
ATOM   61   O O      . LEU A 1 9  ? -11.650 -8.916  4.187   1.00 46.80  ?  141 LEU A O      1 
ATOM   62   C CB     . LEU A 1 9  ? -9.443  -7.764  2.194   1.00 49.61  ?  141 LEU A CB     1 
ATOM   63   C CG     . LEU A 1 9  ? -8.067  -7.103  2.186   1.00 54.73  ?  141 LEU A CG     1 
ATOM   64   C CD1    . LEU A 1 9  ? -7.982  -6.173  1.007   1.00 47.01  ?  141 LEU A CD1    1 
ATOM   65   C CD2    . LEU A 1 9  ? -7.807  -6.351  3.486   1.00 43.36  ?  141 LEU A CD2    1 
ATOM   66   N N      . GLU A 1 10 ? -11.486 -10.235 2.369   1.00 53.05  ?  142 GLU A N      1 
ATOM   67   C CA     . GLU A 1 10 ? -12.869 -10.695 2.460   1.00 48.17  ?  142 GLU A CA     1 
ATOM   68   C C      . GLU A 1 10 ? -13.103 -11.660 3.624   1.00 55.59  ?  142 GLU A C      1 
ATOM   69   O O      . GLU A 1 10 ? -14.159 -11.628 4.255   1.00 68.88  ?  142 GLU A O      1 
ATOM   70   C CB     . GLU A 1 10 ? -13.292 -11.356 1.147   1.00 42.68  ?  142 GLU A CB     1 
ATOM   71   C CG     . GLU A 1 10 ? -13.483 -10.370 -0.008  1.00 50.85  ?  142 GLU A CG     1 
ATOM   72   C CD     . GLU A 1 10 ? -13.861 -11.060 -1.312  1.00 84.16  ?  142 GLU A CD     1 
ATOM   73   O OE1    . GLU A 1 10 ? -13.897 -12.312 -1.339  1.00 90.47  ?  142 GLU A OE1    1 
ATOM   74   O OE2    . GLU A 1 10 ? -14.117 -10.353 -2.312  1.00 76.05  -1 142 GLU A OE2    1 
ATOM   75   N N      . LEU A 1 11 ? -12.128 -12.520 3.904   1.00 48.83  ?  143 LEU A N      1 
ATOM   76   C CA     . LEU A 1 11 ? -12.264 -13.496 4.986   1.00 54.24  ?  143 LEU A CA     1 
ATOM   77   C C      . LEU A 1 11 ? -11.821 -12.920 6.331   1.00 45.83  ?  143 LEU A C      1 
ATOM   78   O O      . LEU A 1 11 ? -12.232 -13.404 7.386   1.00 51.87  ?  143 LEU A O      1 
ATOM   79   C CB     . LEU A 1 11 ? -11.497 -14.788 4.666   1.00 54.97  ?  143 LEU A CB     1 
ATOM   80   C CG     . LEU A 1 11 ? -10.033 -14.776 4.217   1.00 73.80  ?  143 LEU A CG     1 
ATOM   81   C CD1    . LEU A 1 11 ? -9.071  -14.592 5.389   1.00 57.84  ?  143 LEU A CD1    1 
ATOM   82   C CD2    . LEU A 1 11 ? -9.723  -16.063 3.457   1.00 67.63  ?  143 LEU A CD2    1 
ATOM   83   N N      . ALA A 1 12 ? -10.959 -11.905 6.288   1.00 48.80  ?  144 ALA A N      1 
ATOM   84   C CA     . ALA A 1 12 ? -10.468 -11.252 7.502   1.00 46.97  ?  144 ALA A CA     1 
ATOM   85   C C      . ALA A 1 12 ? -11.517 -10.314 8.073   1.00 42.22  ?  144 ALA A C      1 
ATOM   86   O O      . ALA A 1 12 ? -12.113 -9.523  7.348   1.00 55.87  ?  144 ALA A O      1 
ATOM   87   C CB     . ALA A 1 12 ? -9.187  -10.497 7.218   1.00 45.63  ?  144 ALA A CB     1 
ATOM   88   N N      . ASP A 1 13 ? -11.739 -10.402 9.380   1.00 46.86  ?  145 ASP A N      1 
ATOM   89   C CA     . ASP A 1 13 ? -12.833 -9.672  10.002  1.00 70.95  ?  145 ASP A CA     1 
ATOM   90   C C      . ASP A 1 13 ? -12.301 -8.487  10.818  1.00 58.22  ?  145 ASP A C      1 
ATOM   91   O O      . ASP A 1 13 ? -13.052 -7.817  11.525  1.00 60.56  ?  145 ASP A O      1 
ATOM   92   C CB     . ASP A 1 13 ? -13.671 -10.612 10.877  1.00 74.29  ?  145 ASP A CB     1 
ATOM   93   C CG     . ASP A 1 13 ? -15.038 -10.030 11.225  1.00 105.73 ?  145 ASP A CG     1 
ATOM   94   O OD1    . ASP A 1 13 ? -15.563 -9.219  10.428  1.00 112.43 ?  145 ASP A OD1    1 
ATOM   95   O OD2    . ASP A 1 13 ? -15.593 -10.387 12.287  1.00 105.24 -1 145 ASP A OD2    1 
ATOM   96   N N      . GLU A 1 14 ? -10.997 -8.242  10.728  1.00 58.17  ?  146 GLU A N      1 
ATOM   97   C CA     . GLU A 1 14 ? -10.378 -7.123  11.439  1.00 47.08  ?  146 GLU A CA     1 
ATOM   98   C C      . GLU A 1 14 ? -9.566  -6.206  10.512  1.00 46.77  ?  146 GLU A C      1 
ATOM   99   O O      . GLU A 1 14 ? -9.098  -5.139  10.919  1.00 32.78  ?  146 GLU A O      1 
ATOM   100  C CB     . GLU A 1 14 ? -9.516  -7.647  12.582  1.00 59.24  ?  146 GLU A CB     1 
ATOM   101  C CG     . GLU A 1 14 ? -10.364 -8.191  13.726  1.00 63.47  ?  146 GLU A CG     1 
ATOM   102  C CD     . GLU A 1 14 ? -9.554  -8.592  14.938  1.00 77.38  ?  146 GLU A CD     1 
ATOM   103  O OE1    . GLU A 1 14 ? -9.576  -9.793  15.282  1.00 92.13  ?  146 GLU A OE1    1 
ATOM   104  O OE2    . GLU A 1 14 ? -8.888  -7.715  15.537  1.00 69.59  -1 146 GLU A OE2    1 
ATOM   105  N N      . HIS A 1 15 ? -9.405  -6.636  9.265   1.00 56.06  ?  147 HIS A N      1 
ATOM   106  C CA     . HIS A 1 15 ? -8.696  -5.864  8.250   1.00 34.43  ?  147 HIS A CA     1 
ATOM   107  C C      . HIS A 1 15 ? -9.623  -5.624  7.072   1.00 50.42  ?  147 HIS A C      1 
ATOM   108  O O      . HIS A 1 15 ? -10.512 -6.432  6.789   1.00 61.05  ?  147 HIS A O      1 
ATOM   109  C CB     . HIS A 1 15 ? -7.441  -6.589  7.763   1.00 41.23  ?  147 HIS A CB     1 
ATOM   110  C CG     . HIS A 1 15 ? -6.498  -6.996  8.854   1.00 53.61  ?  147 HIS A CG     1 
ATOM   111  N ND1    . HIS A 1 15 ? -5.600  -8.027  8.707   1.00 49.02  ?  147 HIS A ND1    1 
ATOM   112  C CD2    . HIS A 1 15 ? -6.300  -6.496  10.096  1.00 47.93  ?  147 HIS A CD2    1 
ATOM   113  C CE1    . HIS A 1 15 ? -4.891  -8.154  9.817   1.00 44.19  ?  147 HIS A CE1    1 
ATOM   114  N NE2    . HIS A 1 15 ? -5.298  -7.237  10.673  1.00 52.94  ?  147 HIS A NE2    1 
ATOM   115  N N      . SER A 1 16 ? -9.419  -4.500  6.394   1.00 48.30  ?  148 SER A N      1 
ATOM   116  C CA     . SER A 1 16 ? -10.357 -4.041  5.372   1.00 55.09  ?  148 SER A CA     1 
ATOM   117  C C      . SER A 1 16 ? -9.772  -2.919  4.511   1.00 33.00  ?  148 SER A C      1 
ATOM   118  O O      . SER A 1 16 ? -8.871  -2.205  4.950   1.00 28.09  ?  148 SER A O      1 
ATOM   119  C CB     . SER A 1 16 ? -11.671 -3.595  6.020   1.00 42.15  ?  148 SER A CB     1 
ATOM   120  O OG     . SER A 1 16 ? -11.450 -2.610  7.008   1.00 49.45  ?  148 SER A OG     1 
ATOM   121  N N      . ILE A 1 17 ? -10.227 -2.829  3.261   1.00 35.40  ?  149 ILE A N      1 
ATOM   122  C CA     . ILE A 1 17 ? -9.882  -1.693  2.407   1.00 31.26  ?  149 ILE A CA     1 
ATOM   123  C C      . ILE A 1 17 ? -10.997 -0.665  2.426   1.00 26.90  ?  149 ILE A C      1 
ATOM   124  O O      . ILE A 1 17 ? -12.168 -0.980  2.235   1.00 32.30  ?  149 ILE A O      1 
ATOM   125  C CB     . ILE A 1 17 ? -9.618  -2.090  0.943   1.00 32.64  ?  149 ILE A CB     1 
ATOM   126  C CG1    . ILE A 1 17 ? -8.277  -2.792  0.819   1.00 61.25  ?  149 ILE A CG1    1 
ATOM   127  C CG2    . ILE A 1 17 ? -9.497  -0.862  0.068   1.00 25.83  ?  149 ILE A CG2    1 
ATOM   128  C CD1    . ILE A 1 17 ? -7.860  -3.043  -0.625  1.00 62.71  ?  149 ILE A CD1    1 
ATOM   129  N N      . VAL A 1 18 ? -10.614 0.570   2.705   1.00 27.10  ?  150 VAL A N      1 
ATOM   130  C CA     . VAL A 1 18 ? -11.562 1.645   2.905   1.00 30.88  ?  150 VAL A CA     1 
ATOM   131  C C      . VAL A 1 18 ? -11.154 2.819   2.039   1.00 34.04  ?  150 VAL A C      1 
ATOM   132  O O      . VAL A 1 18 ? -9.968  3.103   1.869   1.00 37.71  ?  150 VAL A O      1 
ATOM   133  C CB     . VAL A 1 18 ? -11.628 2.073   4.390   1.00 33.53  ?  150 VAL A CB     1 
ATOM   134  C CG1    . VAL A 1 18 ? -12.482 3.318   4.556   1.00 47.92  ?  150 VAL A CG1    1 
ATOM   135  C CG2    . VAL A 1 18 ? -12.164 0.925   5.249   1.00 23.94  ?  150 VAL A CG2    1 
ATOM   136  N N      . GLU A 1 19 ? -12.139 3.468   1.441   1.00 41.65  ?  151 GLU A N      1 
ATOM   137  C CA     . GLU A 1 19 ? -11.916 4.724   0.750   1.00 27.33  ?  151 GLU A CA     1 
ATOM   138  C C      . GLU A 1 19 ? -12.233 5.924   1.632   1.00 26.05  ?  151 GLU A C      1 
ATOM   139  O O      . GLU A 1 19 ? -13.189 5.905   2.404   1.00 36.45  ?  151 GLU A O      1 
ATOM   140  C CB     . GLU A 1 19 ? -12.731 4.766   -0.534  1.00 34.51  ?  151 GLU A CB     1 
ATOM   141  C CG     . GLU A 1 19 ? -12.035 4.090   -1.693  1.00 39.47  ?  151 GLU A CG     1 
ATOM   142  C CD     . GLU A 1 19 ? -12.901 4.042   -2.925  1.00 44.09  ?  151 GLU A CD     1 
ATOM   143  O OE1    . GLU A 1 19 ? -13.834 4.868   -3.023  1.00 40.33  ?  151 GLU A OE1    1 
ATOM   144  O OE2    . GLU A 1 19 ? -12.615 3.209   -3.811  1.00 41.59  -1 151 GLU A OE2    1 
ATOM   145  N N      . LEU A 1 20 ? -11.432 6.974   1.506   1.00 34.28  ?  152 LEU A N      1 
ATOM   146  C CA     . LEU A 1 20 ? -11.649 8.177   2.297   1.00 44.48  ?  152 LEU A CA     1 
ATOM   147  C C      . LEU A 1 20 ? -11.431 9.417   1.437   1.00 46.28  ?  152 LEU A C      1 
ATOM   148  O O      . LEU A 1 20 ? -10.341 9.643   0.914   1.00 35.08  ?  152 LEU A O      1 
ATOM   149  C CB     . LEU A 1 20 ? -10.713 8.208   3.504   1.00 43.81  ?  152 LEU A CB     1 
ATOM   150  C CG     . LEU A 1 20 ? -10.888 9.442   4.384   1.00 40.94  ?  152 LEU A CG     1 
ATOM   151  C CD1    . LEU A 1 20 ? -12.268 9.421   5.016   1.00 55.38  ?  152 LEU A CD1    1 
ATOM   152  C CD2    . LEU A 1 20 ? -9.808  9.531   5.444   1.00 62.72  ?  152 LEU A CD2    1 
ATOM   153  N N      . LYS A 1 21 ? -12.476 10.230  1.319   1.00 51.85  ?  153 LYS A N      1 
ATOM   154  C CA     . LYS A 1 21 ? -12.441 11.399  0.454   1.00 47.17  ?  153 LYS A CA     1 
ATOM   155  C C      . LYS A 1 21 ? -11.771 12.551  1.189   1.00 43.60  ?  153 LYS A C      1 
ATOM   156  O O      . LYS A 1 21 ? -12.021 12.769  2.376   1.00 47.91  ?  153 LYS A O      1 
ATOM   157  C CB     . LYS A 1 21 ? -13.859 11.771  0.010   1.00 54.93  ?  153 LYS A CB     1 
ATOM   158  C CG     . LYS A 1 21 ? -13.957 12.969  -0.935  1.00 58.62  ?  153 LYS A CG     1 
ATOM   159  C CD     . LYS A 1 21 ? -15.133 12.814  -1.900  1.00 46.45  ?  153 LYS A CD     1 
ATOM   160  C CE     . LYS A 1 21 ? -16.331 12.161  -1.214  1.00 66.86  ?  153 LYS A CE     1 
ATOM   161  N NZ     . LYS A 1 21 ? -17.425 11.793  -2.157  1.00 80.13  1  153 LYS A NZ     1 
ATOM   162  N N      . ALA A 1 22 ? -10.909 13.277  0.488   1.00 42.07  ?  154 ALA A N      1 
ATOM   163  C CA     . ALA A 1 22 ? -10.132 14.334  1.116   1.00 48.81  ?  154 ALA A CA     1 
ATOM   164  C C      . ALA A 1 22 ? -10.979 15.566  1.421   1.00 74.41  ?  154 ALA A C      1 
ATOM   165  O O      . ALA A 1 22 ? -11.659 16.105  0.543   1.00 69.25  ?  154 ALA A O      1 
ATOM   166  C CB     . ALA A 1 22 ? -8.959  14.715  0.234   1.00 50.17  ?  154 ALA A CB     1 
ATOM   167  N N      . THR A 1 23 ? -10.916 16.010  2.673   1.00 82.71  ?  155 THR A N      1 
ATOM   168  C CA     . THR A 1 23 ? -11.625 17.204  3.119   1.00 91.37  ?  155 THR A CA     1 
ATOM   169  C C      . THR A 1 23 ? -10.693 18.408  3.047   1.00 92.42  ?  155 THR A C      1 
ATOM   170  O O      . THR A 1 23 ? -9.477  18.241  2.931   1.00 84.42  ?  155 THR A O      1 
ATOM   171  C CB     . THR A 1 23 ? -12.145 17.045  4.557   1.00 84.98  ?  155 THR A CB     1 
ATOM   172  O OG1    . THR A 1 23 ? -12.776 18.260  4.982   1.00 91.15  ?  155 THR A OG1    1 
ATOM   173  C CG2    . THR A 1 23 ? -10.992 16.732  5.493   1.00 68.44  ?  155 THR A CG2    1 
ATOM   174  N N      . GLU A 1 24 ? -11.257 19.611  3.140   1.00 84.25  ?  156 GLU A N      1 
ATOM   175  C CA     . GLU A 1 24 ? -10.460 20.833  3.122   1.00 79.51  ?  156 GLU A CA     1 
ATOM   176  C C      . GLU A 1 24 ? -9.427  20.807  4.241   1.00 86.26  ?  156 GLU A C      1 
ATOM   177  O O      . GLU A 1 24 ? -8.298  21.277  4.075   1.00 70.56  ?  156 GLU A O      1 
ATOM   178  C CB     . GLU A 1 24 ? -11.352 22.067  3.253   1.00 90.06  ?  156 GLU A CB     1 
ATOM   179  C CG     . GLU A 1 24 ? -12.290 22.275  2.078   1.00 113.07 ?  156 GLU A CG     1 
ATOM   180  C CD     . GLU A 1 24 ? -11.553 22.622  0.795   1.00 117.77 ?  156 GLU A CD     1 
ATOM   181  O OE1    . GLU A 1 24 ? -10.403 23.108  0.872   1.00 128.22 ?  156 GLU A OE1    1 
ATOM   182  O OE2    . GLU A 1 24 ? -12.124 22.394  -0.293  1.00 120.38 -1 156 GLU A OE2    1 
ATOM   183  N N      . LYS A 1 25 ? -9.834  20.264  5.384   1.00 78.87  ?  157 LYS A N      1 
ATOM   184  C CA     . LYS A 1 25 ? -8.927  20.039  6.496   1.00 72.18  ?  157 LYS A CA     1 
ATOM   185  C C      . LYS A 1 25 ? -7.710  19.241  6.044   1.00 80.20  ?  157 LYS A C      1 
ATOM   186  O O      . LYS A 1 25 ? -6.578  19.544  6.424   1.00 80.08  ?  157 LYS A O      1 
ATOM   187  C CB     . LYS A 1 25 ? -9.651  19.294  7.618   1.00 71.32  ?  157 LYS A CB     1 
ATOM   188  C CG     . LYS A 1 25 ? -8.752  18.826  8.741   1.00 83.35  ?  157 LYS A CG     1 
ATOM   189  C CD     . LYS A 1 25 ? -9.501  17.905  9.691   1.00 86.31  ?  157 LYS A CD     1 
ATOM   190  C CE     . LYS A 1 25 ? -8.590  17.424  10.805  1.00 77.77  ?  157 LYS A CE     1 
ATOM   191  N NZ     . LYS A 1 25 ? -7.326  16.855  10.260  1.00 65.67  1  157 LYS A NZ     1 
ATOM   192  N N      . MET A 1 26 ? -7.952  18.248  5.196   1.00 75.57  ?  158 MET A N      1 
ATOM   193  C CA     . MET A 1 26 ? -6.910  17.321  4.778   1.00 54.47  ?  158 MET A CA     1 
ATOM   194  C C      . MET A 1 26 ? -6.316  17.744  3.434   1.00 53.77  ?  158 MET A C      1 
ATOM   195  O O      . MET A 1 26 ? -5.176  17.406  3.112   1.00 62.57  ?  158 MET A O      1 
ATOM   196  C CB     . MET A 1 26 ? -7.484  15.898  4.744   1.00 65.62  ?  158 MET A CB     1 
ATOM   197  C CG     . MET A 1 26 ? -6.976  14.970  3.665   1.00 68.74  ?  158 MET A CG     1 
ATOM   198  S SD     . MET A 1 26 ? -7.528  13.278  3.992   1.00 72.87  ?  158 MET A SD     1 
ATOM   199  C CE     . MET A 1 26 ? -9.192  13.574  4.565   1.00 85.65  ?  158 MET A CE     1 
ATOM   200  N N      . ALA A 1 27 ? -7.083  18.517  2.669   1.00 65.55  ?  159 ALA A N      1 
ATOM   201  C CA     . ALA A 1 27 ? -6.599  19.085  1.411   1.00 59.75  ?  159 ALA A CA     1 
ATOM   202  C C      . ALA A 1 27 ? -5.582  20.189  1.692   1.00 62.81  ?  159 ALA A C      1 
ATOM   203  O O      . ALA A 1 27 ? -5.730  20.956  2.647   1.00 50.53  ?  159 ALA A O      1 
ATOM   204  C CB     . ALA A 1 27 ? -7.752  19.620  0.583   1.00 76.48  ?  159 ALA A CB     1 
ATOM   205  N N      . GLY A 1 28 ? -4.537  20.258  0.873   1.00 58.97  ?  160 GLY A N      1 
ATOM   206  C CA     . GLY A 1 28 ? -3.475  21.218  1.105   1.00 40.48  ?  160 GLY A CA     1 
ATOM   207  C C      . GLY A 1 28 ? -2.341  20.573  1.870   1.00 46.71  ?  160 GLY A C      1 
ATOM   208  O O      . GLY A 1 28 ? -1.247  21.128  1.974   1.00 44.43  ?  160 GLY A O      1 
ATOM   209  N N      . GLN A 1 29 ? -2.617  19.401  2.433   1.00 56.80  ?  161 GLN A N      1 
ATOM   210  C CA     . GLN A 1 29 ? -1.608  18.645  3.161   1.00 41.15  ?  161 GLN A CA     1 
ATOM   211  C C      . GLN A 1 29 ? -1.143  17.453  2.333   1.00 36.50  ?  161 GLN A C      1 
ATOM   212  O O      . GLN A 1 29 ? -1.869  16.971  1.466   1.00 40.56  ?  161 GLN A O      1 
ATOM   213  C CB     . GLN A 1 29 ? -2.149  18.169  4.504   1.00 43.69  ?  161 GLN A CB     1 
ATOM   214  C CG     . GLN A 1 29 ? -2.548  19.284  5.452   1.00 62.53  ?  161 GLN A CG     1 
ATOM   215  C CD     . GLN A 1 29 ? -2.938  18.761  6.819   1.00 70.34  ?  161 GLN A CD     1 
ATOM   216  O OE1    . GLN A 1 29 ? -2.079  18.512  7.668   1.00 72.57  ?  161 GLN A OE1    1 
ATOM   217  N NE2    . GLN A 1 29 ? -4.237  18.571  7.035   1.00 54.27  ?  161 GLN A NE2    1 
ATOM   218  N N      . SER A 1 30 ? 0.067   16.980  2.610   1.00 37.14  ?  162 SER A N      1 
ATOM   219  C CA     . SER A 1 30 ? 0.612   15.806  1.935   1.00 46.87  ?  162 SER A CA     1 
ATOM   220  C C      . SER A 1 30 ? 0.518   14.596  2.844   1.00 36.48  ?  162 SER A C      1 
ATOM   221  O O      . SER A 1 30 ? 0.291   14.745  4.046   1.00 38.50  ?  162 SER A O      1 
ATOM   222  C CB     . SER A 1 30 ? 2.068   16.035  1.549   1.00 41.32  ?  162 SER A CB     1 
ATOM   223  O OG     . SER A 1 30 ? 2.857   16.195  2.711   1.00 24.34  ?  162 SER A OG     1 
ATOM   224  N N      . ILE A 1 31 ? 0.698   13.397  2.297   1.00 33.35  ?  163 ILE A N      1 
ATOM   225  C CA     . ILE A 1 31 ? 0.594   12.223  3.156   1.00 32.24  ?  163 ILE A CA     1 
ATOM   226  C C      . ILE A 1 31 ? 1.876   12.056  3.973   1.00 39.43  ?  163 ILE A C      1 
ATOM   227  O O      . ILE A 1 31 ? 1.910   11.279  4.929   1.00 38.51  ?  163 ILE A O      1 
ATOM   228  C CB     . ILE A 1 31 ? 0.292   10.922  2.361   1.00 22.09  ?  163 ILE A CB     1 
ATOM   229  C CG1    . ILE A 1 31 ? 1.549   10.358  1.714   1.00 41.45  ?  163 ILE A CG1    1 
ATOM   230  C CG2    . ILE A 1 31 ? -0.775  11.145  1.306   1.00 30.41  ?  163 ILE A CG2    1 
ATOM   231  C CD1    . ILE A 1 31 ? 1.261   9.213   0.738   1.00 60.83  ?  163 ILE A CD1    1 
ATOM   232  N N      . ILE A 1 32 ? 2.903   12.843  3.656   1.00 36.04  ?  164 ILE A N      1 
ATOM   233  C CA     . ILE A 1 32 ? 4.119   12.839  4.470   1.00 33.79  ?  164 ILE A CA     1 
ATOM   234  C C      . ILE A 1 32 ? 4.012   13.892  5.565   1.00 28.24  ?  164 ILE A C      1 
ATOM   235  O O      . ILE A 1 32 ? 4.653   13.773  6.603   1.00 33.28  ?  164 ILE A O      1 
ATOM   236  C CB     . ILE A 1 32 ? 5.396   13.069  3.616   1.00 38.72  ?  164 ILE A CB     1 
ATOM   237  C CG1    . ILE A 1 32 ? 6.640   12.583  4.369   1.00 47.86  ?  164 ILE A CG1    1 
ATOM   238  C CG2    . ILE A 1 32 ? 5.554   14.529  3.213   1.00 32.55  ?  164 ILE A CG2    1 
ATOM   239  C CD1    . ILE A 1 32 ? 7.938   12.835  3.622   1.00 37.99  ?  164 ILE A CD1    1 
ATOM   240  N N      . ASP A 1 33 ? 3.167   14.896  5.347   1.00 37.98  ?  165 ASP A N      1 
ATOM   241  C CA     . ASP A 1 33 ? 2.835   15.850  6.399   1.00 35.08  ?  165 ASP A CA     1 
ATOM   242  C C      . ASP A 1 33 ? 2.057   15.122  7.484   1.00 30.81  ?  165 ASP A C      1 
ATOM   243  O O      . ASP A 1 33 ? 2.332   15.271  8.671   1.00 53.09  ?  165 ASP A O      1 
ATOM   244  C CB     . ASP A 1 33 ? 2.007   17.023  5.861   1.00 41.27  ?  165 ASP A CB     1 
ATOM   245  C CG     . ASP A 1 33 ? 2.833   18.020  5.066   1.00 63.68  ?  165 ASP A CG     1 
ATOM   246  O OD1    . ASP A 1 33 ? 4.070   18.071  5.262   1.00 64.08  ?  165 ASP A OD1    1 
ATOM   247  O OD2    . ASP A 1 33 ? 2.238   18.756  4.243   1.00 47.32  -1 165 ASP A OD2    1 
ATOM   248  N N      . LEU A 1 34 ? 1.085   14.321  7.059   1.00 36.89  ?  166 LEU A N      1 
ATOM   249  C CA     . LEU A 1 34 ? 0.272   13.529  7.975   1.00 29.09  ?  166 LEU A CA     1 
ATOM   250  C C      . LEU A 1 34 ? 1.045   12.312  8.498   1.00 31.78  ?  166 LEU A C      1 
ATOM   251  O O      . LEU A 1 34 ? 0.700   11.750  9.540   1.00 30.76  ?  166 LEU A O      1 
ATOM   252  C CB     . LEU A 1 34 ? -1.018  13.089  7.278   1.00 30.66  ?  166 LEU A CB     1 
ATOM   253  C CG     . LEU A 1 34 ? -1.987  14.223  6.922   1.00 34.68  ?  166 LEU A CG     1 
ATOM   254  C CD1    . LEU A 1 34 ? -3.227  13.692  6.220   1.00 36.85  ?  166 LEU A CD1    1 
ATOM   255  C CD2    . LEU A 1 34 ? -2.371  15.024  8.160   1.00 36.29  ?  166 LEU A CD2    1 
ATOM   256  N N      . ASP A 1 35 ? 2.091   11.933  7.763   1.00 31.73  ?  167 ASP A N      1 
ATOM   257  C CA     . ASP A 1 35 ? 2.976   10.809  8.091   1.00 28.51  ?  167 ASP A CA     1 
ATOM   258  C C      . ASP A 1 35 ? 2.159   9.548   8.408   1.00 33.45  ?  167 ASP A C      1 
ATOM   259  O O      . ASP A 1 35 ? 2.333   8.911   9.451   1.00 32.06  ?  167 ASP A O      1 
ATOM   260  C CB     . ASP A 1 35 ? 3.891   11.182  9.255   1.00 30.98  ?  167 ASP A CB     1 
ATOM   261  C CG     . ASP A 1 35 ? 5.204   10.419  9.234   1.00 50.85  ?  167 ASP A CG     1 
ATOM   262  O OD1    . ASP A 1 35 ? 5.605   9.938   8.149   1.00 39.48  ?  167 ASP A OD1    1 
ATOM   263  O OD2    . ASP A 1 35 ? 5.851   10.320  10.297  1.00 63.16  -1 167 ASP A OD2    1 
ATOM   264  N N      . ILE A 1 36 ? 1.298   9.176   7.469   1.00 25.60  ?  168 ILE A N      1 
ATOM   265  C CA     . ILE A 1 36 ? 0.214   8.251   7.749   1.00 32.17  ?  168 ILE A CA     1 
ATOM   266  C C      . ILE A 1 36 ? 0.681   6.862   8.180   1.00 30.26  ?  168 ILE A C      1 
ATOM   267  O O      . ILE A 1 36 ? 0.232   6.369   9.217   1.00 27.67  ?  168 ILE A O      1 
ATOM   268  C CB     . ILE A 1 36 ? -0.728  8.158   6.527   1.00 30.29  ?  168 ILE A CB     1 
ATOM   269  C CG1    . ILE A 1 36 ? -1.462  9.492   6.365   1.00 26.62  ?  168 ILE A CG1    1 
ATOM   270  C CG2    . ILE A 1 36 ? -1.735  7.021   6.677   1.00 20.88  ?  168 ILE A CG2    1 
ATOM   271  C CD1    . ILE A 1 36 ? -2.288  9.608   5.100   1.00 37.64  ?  168 ILE A CD1    1 
ATOM   272  N N      . ARG A 1 37 ? 1.577   6.232   7.429   1.00 27.18  ?  169 ARG A N      1 
ATOM   273  C CA     . ARG A 1 37 ? 1.988   4.883   7.804   1.00 30.09  ?  169 ARG A CA     1 
ATOM   274  C C      . ARG A 1 37 ? 2.791   4.861   9.100   1.00 37.03  ?  169 ARG A C      1 
ATOM   275  O O      . ARG A 1 37 ? 2.624   3.960   9.926   1.00 26.83  ?  169 ARG A O      1 
ATOM   276  C CB     . ARG A 1 37 ? 2.794   4.224   6.693   1.00 28.01  ?  169 ARG A CB     1 
ATOM   277  C CG     . ARG A 1 37 ? 3.042   2.735   6.927   1.00 19.34  ?  169 ARG A CG     1 
ATOM   278  C CD     . ARG A 1 37 ? 3.354   2.051   5.613   1.00 41.58  ?  169 ARG A CD     1 
ATOM   279  N NE     . ARG A 1 37 ? 4.327   2.824   4.853   1.00 23.15  ?  169 ARG A NE     1 
ATOM   280  C CZ     . ARG A 1 37 ? 4.188   3.149   3.575   1.00 28.12  ?  169 ARG A CZ     1 
ATOM   281  N NH1    . ARG A 1 37 ? 3.123   2.746   2.888   1.00 26.44  1  169 ARG A NH1    1 
ATOM   282  N NH2    . ARG A 1 37 ? 5.131   3.863   2.977   1.00 36.69  ?  169 ARG A NH2    1 
ATOM   283  N N      . ALA A 1 38 ? 3.633   5.869   9.298   1.00 34.77  ?  170 ALA A N      1 
ATOM   284  C CA     . ALA A 1 38 ? 4.453   5.910   10.500  1.00 25.96  ?  170 ALA A CA     1 
ATOM   285  C C      . ALA A 1 38 ? 3.620   6.186   11.747  1.00 21.65  ?  170 ALA A C      1 
ATOM   286  O O      . ALA A 1 38 ? 4.010   5.801   12.846  1.00 23.55  ?  170 ALA A O      1 
ATOM   287  C CB     . ALA A 1 38 ? 5.551   6.958   10.354  1.00 17.42  ?  170 ALA A CB     1 
ATOM   288  N N      . GLN A 1 39 ? 2.448   6.789   11.566  1.00 25.68  ?  171 GLN A N      1 
ATOM   289  C CA     . GLN A 1 39 ? 1.618   7.217   12.695  1.00 14.71  ?  171 GLN A CA     1 
ATOM   290  C C      . GLN A 1 39 ? 0.464   6.270   12.986  1.00 26.54  ?  171 GLN A C      1 
ATOM   291  O O      . GLN A 1 39 ? 0.019   6.173   14.126  1.00 31.31  ?  171 GLN A O      1 
ATOM   292  C CB     . GLN A 1 39 ? 1.025   8.613   12.444  1.00 25.44  ?  171 GLN A CB     1 
ATOM   293  C CG     . GLN A 1 39 ? 1.927   9.802   12.745  1.00 33.80  ?  171 GLN A CG     1 
ATOM   294  C CD     . GLN A 1 39 ? 2.308   9.912   14.215  1.00 38.22  ?  171 GLN A CD     1 
ATOM   295  O OE1    . GLN A 1 39 ? 1.485   10.260  15.068  1.00 46.45  ?  171 GLN A OE1    1 
ATOM   296  N NE2    . GLN A 1 39 ? 3.567   9.626   14.516  1.00 28.14  ?  171 GLN A NE2    1 
ATOM   297  N N      . TYR A 1 40 ? -0.016  5.559   11.970  1.00 24.53  ?  172 TYR A N      1 
ATOM   298  C CA     . TYR A 1 40 ? -1.229  4.763   12.127  1.00 24.66  ?  172 TYR A CA     1 
ATOM   299  C C      . TYR A 1 40 ? -1.034  3.315   11.670  1.00 22.01  ?  172 TYR A C      1 
ATOM   300  O O      . TYR A 1 40 ? -1.778  2.426   12.064  1.00 33.82  ?  172 TYR A O      1 
ATOM   301  C CB     . TYR A 1 40 ? -2.393  5.388   11.346  1.00 26.30  ?  172 TYR A CB     1 
ATOM   302  C CG     . TYR A 1 40 ? -2.795  6.780   11.790  1.00 27.21  ?  172 TYR A CG     1 
ATOM   303  C CD1    . TYR A 1 40 ? -3.757  6.968   12.775  1.00 36.72  ?  172 TYR A CD1    1 
ATOM   304  C CD2    . TYR A 1 40 ? -2.229  7.908   11.206  1.00 31.74  ?  172 TYR A CD2    1 
ATOM   305  C CE1    . TYR A 1 40 ? -4.129  8.237   13.178  1.00 36.83  ?  172 TYR A CE1    1 
ATOM   306  C CE2    . TYR A 1 40 ? -2.599  9.181   11.605  1.00 28.37  ?  172 TYR A CE2    1 
ATOM   307  C CZ     . TYR A 1 40 ? -3.547  9.338   12.587  1.00 30.10  ?  172 TYR A CZ     1 
ATOM   308  O OH     . TYR A 1 40 ? -3.913  10.605  12.983  1.00 46.61  ?  172 TYR A OH     1 
ATOM   309  N N      . GLY A 1 41 ? -0.025  3.073   10.848  1.00 28.11  ?  173 GLY A N      1 
ATOM   310  C CA     . GLY A 1 41 ? 0.207   1.734   10.345  1.00 22.98  ?  173 GLY A CA     1 
ATOM   311  C C      . GLY A 1 41 ? -0.651  1.457   9.126   1.00 30.86  ?  173 GLY A C      1 
ATOM   312  O O      . GLY A 1 41 ? -0.810  0.303   8.720   1.00 21.41  ?  173 GLY A O      1 
ATOM   313  N N      . ILE A 1 42 ? -1.199  2.521   8.541   1.00 22.51  ?  174 ILE A N      1 
ATOM   314  C CA     . ILE A 1 42 ? -2.077  2.402   7.383   1.00 21.95  ?  174 ILE A CA     1 
ATOM   315  C C      . ILE A 1 42 ? -1.271  2.520   6.102   1.00 24.84  ?  174 ILE A C      1 
ATOM   316  O O      . ILE A 1 42 ? -0.347  3.330   6.020   1.00 26.40  ?  174 ILE A O      1 
ATOM   317  C CB     . ILE A 1 42 ? -3.175  3.489   7.400   1.00 36.69  ?  174 ILE A CB     1 
ATOM   318  C CG1    . ILE A 1 42 ? -4.000  3.396   8.683   1.00 36.51  ?  174 ILE A CG1    1 
ATOM   319  C CG2    . ILE A 1 42 ? -4.089  3.380   6.188   1.00 23.00  ?  174 ILE A CG2    1 
ATOM   320  C CD1    . ILE A 1 42 ? -5.100  4.426   8.762   1.00 27.03  ?  174 ILE A CD1    1 
ATOM   321  N N      . ASN A 1 43 ? -1.615  1.708   5.107   1.00 24.33  ?  175 ASN A N      1 
ATOM   322  C CA     . ASN A 1 43 ? -0.977  1.795   3.806   1.00 20.19  ?  175 ASN A CA     1 
ATOM   323  C C      . ASN A 1 43 ? -1.925  2.388   2.770   1.00 28.12  ?  175 ASN A C      1 
ATOM   324  O O      . ASN A 1 43 ? -3.064  1.933   2.623   1.00 28.51  ?  175 ASN A O      1 
ATOM   325  C CB     . ASN A 1 43 ? -0.504  0.418   3.359   1.00 18.52  ?  175 ASN A CB     1 
ATOM   326  C CG     . ASN A 1 43 ? 0.210   0.447   2.019   1.00 24.06  ?  175 ASN A CG     1 
ATOM   327  O OD1    . ASN A 1 43 ? 0.896   1.413   1.688   1.00 23.71  ?  175 ASN A OD1    1 
ATOM   328  N ND2    . ASN A 1 43 ? 0.064   -0.626  1.246   1.00 39.51  ?  175 ASN A ND2    1 
ATOM   329  N N      . ILE A 1 44 ? -1.472  3.436   2.092   1.00 21.92  ?  176 ILE A N      1 
ATOM   330  C CA     . ILE A 1 44 ? -2.240  4.019   1.001   1.00 26.10  ?  176 ILE A CA     1 
ATOM   331  C C      . ILE A 1 44 ? -1.733  3.426   -0.310  1.00 29.62  ?  176 ILE A C      1 
ATOM   332  O O      . ILE A 1 44 ? -0.600  3.691   -0.730  1.00 19.07  ?  176 ILE A O      1 
ATOM   333  C CB     . ILE A 1 44 ? -2.123  5.547   0.996   1.00 31.98  ?  176 ILE A CB     1 
ATOM   334  C CG1    . ILE A 1 44 ? -2.648  6.102   2.323   1.00 26.20  ?  176 ILE A CG1    1 
ATOM   335  C CG2    . ILE A 1 44 ? -2.835  6.146   -0.209  1.00 20.62  ?  176 ILE A CG2    1 
ATOM   336  C CD1    . ILE A 1 44 ? -2.846  7.580   2.329   1.00 40.68  ?  176 ILE A CD1    1 
ATOM   337  N N      . ILE A 1 45 ? -2.580  2.613   -0.939  1.00 39.16  ?  177 ILE A N      1 
ATOM   338  C CA     . ILE A 1 45 ? -2.233  1.863   -2.150  1.00 39.06  ?  177 ILE A CA     1 
ATOM   339  C C      . ILE A 1 45 ? -2.268  2.786   -3.365  1.00 27.27  ?  177 ILE A C      1 
ATOM   340  O O      . ILE A 1 45 ? -1.439  2.680   -4.271  1.00 23.17  ?  177 ILE A O      1 
ATOM   341  C CB     . ILE A 1 45 ? -3.194  0.667   -2.364  1.00 34.41  ?  177 ILE A CB     1 
ATOM   342  C CG1    . ILE A 1 45 ? -3.198  -0.220  -1.123  1.00 51.35  ?  177 ILE A CG1    1 
ATOM   343  C CG2    . ILE A 1 45 ? -2.795  -0.142  -3.576  1.00 28.80  ?  177 ILE A CG2    1 
ATOM   344  C CD1    . ILE A 1 45 ? -4.193  -1.360  -1.181  1.00 78.57  ?  177 ILE A CD1    1 
ATOM   345  N N      . ALA A 1 46 ? -3.259  3.672   -3.381  1.00 24.21  ?  178 ALA A N      1 
ATOM   346  C CA     . ALA A 1 46 ? -3.483  4.576   -4.500  1.00 23.39  ?  178 ALA A CA     1 
ATOM   347  C C      . ALA A 1 46 ? -4.367  5.751   -4.097  1.00 30.92  ?  178 ALA A C      1 
ATOM   348  O O      . ALA A 1 46 ? -4.977  5.752   -3.022  1.00 23.52  ?  178 ALA A O      1 
ATOM   349  C CB     . ALA A 1 46 ? -4.108  3.832   -5.673  1.00 24.02  ?  178 ALA A CB     1 
ATOM   350  N N      . ILE A 1 47 ? -4.424  6.749   -4.975  1.00 28.77  ?  179 ILE A N      1 
ATOM   351  C CA     . ILE A 1 47 ? -5.300  7.906   -4.818  1.00 29.81  ?  179 ILE A CA     1 
ATOM   352  C C      . ILE A 1 47 ? -6.190  7.993   -6.047  1.00 32.33  ?  179 ILE A C      1 
ATOM   353  O O      . ILE A 1 47 ? -5.695  7.891   -7.173  1.00 42.48  ?  179 ILE A O      1 
ATOM   354  C CB     . ILE A 1 47 ? -4.503  9.234   -4.664  1.00 49.72  ?  179 ILE A CB     1 
ATOM   355  C CG1    . ILE A 1 47 ? -3.674  9.230   -3.378  1.00 41.72  ?  179 ILE A CG1    1 
ATOM   356  C CG2    . ILE A 1 47 ? -5.435  10.435  -4.656  1.00 29.84  ?  179 ILE A CG2    1 
ATOM   357  C CD1    . ILE A 1 47 ? -2.891  10.518  -3.144  1.00 33.88  ?  179 ILE A CD1    1 
ATOM   358  N N      . LYS A 1 48 ? -7.494  8.165   -5.854  1.00 41.36  ?  180 LYS A N      1 
ATOM   359  C CA     . LYS A 1 48 ? -8.378  8.386   -7.000  1.00 42.95  ?  180 LYS A CA     1 
ATOM   360  C C      . LYS A 1 48 ? -8.510  9.862   -7.327  1.00 37.45  ?  180 LYS A C      1 
ATOM   361  O O      . LYS A 1 48 ? -9.107  10.633  -6.575  1.00 39.31  ?  180 LYS A O      1 
ATOM   362  C CB     . LYS A 1 48 ? -9.774  7.818   -6.769  1.00 54.47  ?  180 LYS A CB     1 
ATOM   363  C CG     . LYS A 1 48 ? -9.886  6.335   -6.931  1.00 39.25  ?  180 LYS A CG     1 
ATOM   364  C CD     . LYS A 1 48 ? -11.294 5.955   -7.365  1.00 50.80  ?  180 LYS A CD     1 
ATOM   365  C CE     . LYS A 1 48 ? -11.608 6.509   -8.761  1.00 49.95  ?  180 LYS A CE     1 
ATOM   366  N NZ     . LYS A 1 48 ? -12.824 5.891   -9.383  1.00 48.18  1  180 LYS A NZ     1 
ATOM   367  N N      . ARG A 1 49 ? -7.941  10.249  -8.461  1.00 46.27  ?  181 ARG A N      1 
ATOM   368  C CA     . ARG A 1 49 ? -8.053  11.614  -8.935  1.00 48.84  ?  181 ARG A CA     1 
ATOM   369  C C      . ARG A 1 49 ? -9.020  11.623  -10.117 1.00 54.16  ?  181 ARG A C      1 
ATOM   370  O O      . ARG A 1 49 ? -8.730  11.087  -11.187 1.00 47.58  ?  181 ARG A O      1 
ATOM   371  C CB     . ARG A 1 49 ? -6.693  12.178  -9.329  1.00 51.18  ?  181 ARG A CB     1 
ATOM   372  C CG     . ARG A 1 49 ? -6.736  13.653  -9.694  1.00 48.79  ?  181 ARG A CG     1 
ATOM   373  C CD     . ARG A 1 49 ? -6.067  14.491  -8.624  1.00 52.50  ?  181 ARG A CD     1 
ATOM   374  N NE     . ARG A 1 49 ? -4.624  14.262  -8.596  1.00 78.33  ?  181 ARG A NE     1 
ATOM   375  C CZ     . ARG A 1 49 ? -3.823  14.637  -7.603  1.00 69.93  ?  181 ARG A CZ     1 
ATOM   376  N NH1    . ARG A 1 49 ? -2.522  14.388  -7.669  1.00 58.16  1  181 ARG A NH1    1 
ATOM   377  N NH2    . ARG A 1 49 ? -4.326  15.258  -6.544  1.00 71.34  ?  181 ARG A NH2    1 
ATOM   378  N N      . GLY A 1 50 ? -10.172 12.244  -9.909  1.00 62.60  ?  182 GLY A N      1 
ATOM   379  C CA     . GLY A 1 50 ? -11.266 12.162  -10.848 1.00 48.80  ?  182 GLY A CA     1 
ATOM   380  C C      . GLY A 1 50 ? -11.696 10.714  -10.920 1.00 55.68  ?  182 GLY A C      1 
ATOM   381  O O      . GLY A 1 50 ? -12.183 10.166  -9.929  1.00 62.35  ?  182 GLY A O      1 
ATOM   382  N N      . LYS A 1 51 ? -11.478 10.074  -12.063 1.00 49.16  ?  183 LYS A N      1 
ATOM   383  C CA     . LYS A 1 51 ? -11.820 8.666   -12.207 1.00 58.56  ?  183 LYS A CA     1 
ATOM   384  C C      . LYS A 1 51 ? -10.573 7.909   -12.634 1.00 48.91  ?  183 LYS A C      1 
ATOM   385  O O      . LYS A 1 51 ? -10.635 6.877   -13.297 1.00 60.87  ?  183 LYS A O      1 
ATOM   386  C CB     . LYS A 1 51 ? -12.962 8.482   -13.213 1.00 66.17  ?  183 LYS A CB     1 
ATOM   387  C CG     . LYS A 1 51 ? -14.242 9.243   -12.845 1.00 78.94  ?  183 LYS A CG     1 
ATOM   388  C CD     . LYS A 1 51 ? -14.771 8.888   -11.447 1.00 73.94  ?  183 LYS A CD     1 
ATOM   389  C CE     . LYS A 1 51 ? -15.365 7.486   -11.397 1.00 68.66  ?  183 LYS A CE     1 
ATOM   390  N NZ     . LYS A 1 51 ? -16.080 7.222   -10.114 1.00 70.38  1  183 LYS A NZ     1 
ATOM   391  N N      . GLU A 1 52 ? -9.436  8.454   -12.227 1.00 51.96  ?  184 GLU A N      1 
ATOM   392  C CA     . GLU A 1 52 ? -8.121  7.925   -12.545 1.00 50.28  ?  184 GLU A CA     1 
ATOM   393  C C      . GLU A 1 52 ? -7.343  7.571   -11.263 1.00 46.66  ?  184 GLU A C      1 
ATOM   394  O O      . GLU A 1 52 ? -7.488  8.238   -10.238 1.00 48.22  ?  184 GLU A O      1 
ATOM   395  C CB     . GLU A 1 52 ? -7.376  8.949   -13.397 1.00 59.89  ?  184 GLU A CB     1 
ATOM   396  C CG     . GLU A 1 52 ? -5.931  8.636   -13.681 1.00 86.91  ?  184 GLU A CG     1 
ATOM   397  C CD     . GLU A 1 52 ? -5.212  9.824   -14.294 1.00 89.88  ?  184 GLU A CD     1 
ATOM   398  O OE1    . GLU A 1 52 ? -5.827  10.915  -14.370 1.00 87.64  ?  184 GLU A OE1    1 
ATOM   399  O OE2    . GLU A 1 52 ? -4.037  9.674   -14.684 1.00 88.67  -1 184 GLU A OE2    1 
ATOM   400  N N      . PHE A 1 53 ? -6.511  6.536   -11.325 1.00 54.71  ?  185 PHE A N      1 
ATOM   401  C CA     . PHE A 1 53 ? -5.806  6.033   -10.143 1.00 41.52  ?  185 PHE A CA     1 
ATOM   402  C C      . PHE A 1 53 ? -4.319  6.389   -10.087 1.00 44.96  ?  185 PHE A C      1 
ATOM   403  O O      . PHE A 1 53 ? -3.533  5.956   -10.937 1.00 40.57  ?  185 PHE A O      1 
ATOM   404  C CB     . PHE A 1 53 ? -5.913  4.506   -10.052 1.00 35.87  ?  185 PHE A CB     1 
ATOM   405  C CG     . PHE A 1 53 ? -7.295  3.996   -9.787  1.00 44.20  ?  185 PHE A CG     1 
ATOM   406  C CD1    . PHE A 1 53 ? -7.807  3.978   -8.499  1.00 39.55  ?  185 PHE A CD1    1 
ATOM   407  C CD2    . PHE A 1 53 ? -8.074  3.498   -10.824 1.00 33.48  ?  185 PHE A CD2    1 
ATOM   408  C CE1    . PHE A 1 53 ? -9.079  3.486   -8.252  1.00 36.53  ?  185 PHE A CE1    1 
ATOM   409  C CE2    . PHE A 1 53 ? -9.345  3.014   -10.584 1.00 36.50  ?  185 PHE A CE2    1 
ATOM   410  C CZ     . PHE A 1 53 ? -9.852  3.014   -9.295  1.00 42.96  ?  185 PHE A CZ     1 
ATOM   411  N N      . ILE A 1 54 ? -3.936  7.178   -9.086  1.00 33.79  ?  186 ILE A N      1 
ATOM   412  C CA     . ILE A 1 54 ? -2.522  7.447   -8.831  1.00 37.45  ?  186 ILE A CA     1 
ATOM   413  C C      . ILE A 1 54 ? -1.944  6.373   -7.903  1.00 30.49  ?  186 ILE A C      1 
ATOM   414  O O      . ILE A 1 54 ? -2.196  6.375   -6.701  1.00 26.22  ?  186 ILE A O      1 
ATOM   415  C CB     . ILE A 1 54 ? -2.301  8.829   -8.192  1.00 34.17  ?  186 ILE A CB     1 
ATOM   416  C CG1    . ILE A 1 54 ? -2.865  9.928   -9.092  1.00 46.84  ?  186 ILE A CG1    1 
ATOM   417  C CG2    . ILE A 1 54 ? -0.832  9.067   -7.966  1.00 18.78  ?  186 ILE A CG2    1 
ATOM   418  C CD1    . ILE A 1 54 ? -2.828  11.297  -8.459  1.00 34.02  ?  186 ILE A CD1    1 
ATOM   419  N N      . ILE A 1 55 ? -1.182  5.446   -8.477  1.00 25.11  ?  187 ILE A N      1 
ATOM   420  C CA     . ILE A 1 55 ? -0.599  4.348   -7.715  1.00 25.82  ?  187 ILE A CA     1 
ATOM   421  C C      . ILE A 1 55 ? 0.688   4.772   -7.029  1.00 28.22  ?  187 ILE A C      1 
ATOM   422  O O      . ILE A 1 55 ? 1.385   5.670   -7.502  1.00 38.02  ?  187 ILE A O      1 
ATOM   423  C CB     . ILE A 1 55 ? -0.308  3.116   -8.608  1.00 22.93  ?  187 ILE A CB     1 
ATOM   424  C CG1    . ILE A 1 55 ? 1.021   3.273   -9.338  1.00 22.80  ?  187 ILE A CG1    1 
ATOM   425  C CG2    . ILE A 1 55 ? -1.416  2.909   -9.610  1.00 31.58  ?  187 ILE A CG2    1 
ATOM   426  C CD1    . ILE A 1 55 ? 1.311   2.167   -10.308 1.00 31.22  ?  187 ILE A CD1    1 
ATOM   427  N N      . SER A 1 56 ? 0.979   4.116   -5.906  1.00 43.16  ?  188 SER A N      1 
ATOM   428  C CA     . SER A 1 56 ? 2.137   4.415   -5.065  1.00 32.64  ?  188 SER A CA     1 
ATOM   429  C C      . SER A 1 56 ? 2.395   5.917   -5.030  1.00 33.86  ?  188 SER A C      1 
ATOM   430  O O      . SER A 1 56 ? 3.435   6.383   -5.496  1.00 34.26  ?  188 SER A O      1 
ATOM   431  C CB     . SER A 1 56 ? 3.371   3.666   -5.566  1.00 27.08  ?  188 SER A CB     1 
ATOM   432  O OG     . SER A 1 56 ? 4.424   3.734   -4.620  1.00 32.43  ?  188 SER A OG     1 
ATOM   433  N N      . PRO A 1 57 ? 1.434   6.675   -4.482  1.00 34.05  ?  189 PRO A N      1 
ATOM   434  C CA     . PRO A 1 57 ? 1.414   8.136   -4.557  1.00 26.31  ?  189 PRO A CA     1 
ATOM   435  C C      . PRO A 1 57 ? 2.701   8.745   -4.017  1.00 18.65  ?  189 PRO A C      1 
ATOM   436  O O      . PRO A 1 57 ? 3.281   8.224   -3.070  1.00 37.84  ?  189 PRO A O      1 
ATOM   437  C CB     . PRO A 1 57 ? 0.231   8.519   -3.663  1.00 32.60  ?  189 PRO A CB     1 
ATOM   438  C CG     . PRO A 1 57 ? -0.594  7.304   -3.568  1.00 30.78  ?  189 PRO A CG     1 
ATOM   439  C CD     . PRO A 1 57 ? 0.383   6.177   -3.577  1.00 27.99  ?  189 PRO A CD     1 
ATOM   440  N N      . ASN A 1 58 ? 3.164   9.808   -4.654  1.00 27.78  ?  190 ASN A N      1 
ATOM   441  C CA     . ASN A 1 58 ? 4.292   10.558  -4.142  1.00 18.11  ?  190 ASN A CA     1 
ATOM   442  C C      . ASN A 1 58 ? 3.847   11.222  -2.855  1.00 28.28  ?  190 ASN A C      1 
ATOM   443  O O      . ASN A 1 58 ? 2.901   12.010  -2.864  1.00 34.50  ?  190 ASN A O      1 
ATOM   444  C CB     . ASN A 1 58 ? 4.766   11.599  -5.158  1.00 20.20  ?  190 ASN A CB     1 
ATOM   445  C CG     . ASN A 1 58 ? 6.057   12.274  -4.749  1.00 27.60  ?  190 ASN A CG     1 
ATOM   446  O OD1    . ASN A 1 58 ? 6.216   12.715  -3.604  1.00 30.98  ?  190 ASN A OD1    1 
ATOM   447  N ND2    . ASN A 1 58 ? 6.986   12.374  -5.689  1.00 22.89  ?  190 ASN A ND2    1 
ATOM   448  N N      . PRO A 1 59 ? 4.526   10.909  -1.739  1.00 29.76  ?  191 PRO A N      1 
ATOM   449  C CA     . PRO A 1 59 ? 4.109   11.391  -0.419  1.00 21.46  ?  191 PRO A CA     1 
ATOM   450  C C      . PRO A 1 59 ? 4.277   12.900  -0.235  1.00 30.38  ?  191 PRO A C      1 
ATOM   451  O O      . PRO A 1 59 ? 3.794   13.429  0.761   1.00 27.30  ?  191 PRO A O      1 
ATOM   452  C CB     . PRO A 1 59 ? 5.030   10.629  0.536   1.00 25.52  ?  191 PRO A CB     1 
ATOM   453  C CG     . PRO A 1 59 ? 6.237   10.345  -0.270  1.00 26.67  ?  191 PRO A CG     1 
ATOM   454  C CD     . PRO A 1 59 ? 5.747   10.091  -1.663  1.00 22.77  ?  191 PRO A CD     1 
ATOM   455  N N      . ASN A 1 60 ? 4.920   13.579  -1.183  1.00 35.26  ?  192 ASN A N      1 
ATOM   456  C CA     . ASN A 1 60 ? 5.213   15.000  -1.023  1.00 39.32  ?  192 ASN A CA     1 
ATOM   457  C C      . ASN A 1 60 ? 4.254   15.918  -1.768  1.00 48.27  ?  192 ASN A C      1 
ATOM   458  O O      . ASN A 1 60 ? 4.344   17.138  -1.624  1.00 42.84  ?  192 ASN A O      1 
ATOM   459  C CB     . ASN A 1 60 ? 6.639   15.318  -1.493  1.00 26.50  ?  192 ASN A CB     1 
ATOM   460  C CG     . ASN A 1 60 ? 7.692   14.461  -0.815  1.00 46.03  ?  192 ASN A CG     1 
ATOM   461  O OD1    . ASN A 1 60 ? 8.244   14.841  0.221   1.00 49.73  ?  192 ASN A OD1    1 
ATOM   462  N ND2    . ASN A 1 60 ? 7.978   13.298  -1.397  1.00 41.37  ?  192 ASN A ND2    1 
ATOM   463  N N      . ILE A 1 61 ? 3.339   15.352  -2.556  1.00 37.68  ?  193 ILE A N      1 
ATOM   464  C CA     . ILE A 1 61 ? 2.361   16.187  -3.245  1.00 41.33  ?  193 ILE A CA     1 
ATOM   465  C C      . ILE A 1 61 ? 1.216   16.520  -2.306  1.00 35.79  ?  193 ILE A C      1 
ATOM   466  O O      . ILE A 1 61 ? 0.836   15.708  -1.467  1.00 47.77  ?  193 ILE A O      1 
ATOM   467  C CB     . ILE A 1 61 ? 1.797   15.520  -4.531  1.00 69.12  ?  193 ILE A CB     1 
ATOM   468  C CG1    . ILE A 1 61 ? 0.871   14.341  -4.190  1.00 61.00  ?  193 ILE A CG1    1 
ATOM   469  C CG2    . ILE A 1 61 ? 2.931   15.095  -5.463  1.00 57.62  ?  193 ILE A CG2    1 
ATOM   470  C CD1    . ILE A 1 61 ? 0.161   13.734  -5.395  1.00 38.43  ?  193 ILE A CD1    1 
ATOM   471  N N      . ASN A 1 62 ? 0.678   17.726  -2.443  1.00 47.00  ?  194 ASN A N      1 
ATOM   472  C CA     . ASN A 1 62 ? -0.459  18.158  -1.639  1.00 48.99  ?  194 ASN A CA     1 
ATOM   473  C C      . ASN A 1 62 ? -1.741  17.476  -2.088  1.00 45.06  ?  194 ASN A C      1 
ATOM   474  O O      . ASN A 1 62 ? -2.033  17.409  -3.280  1.00 51.21  ?  194 ASN A O      1 
ATOM   475  C CB     . ASN A 1 62 ? -0.598  19.677  -1.690  1.00 42.21  ?  194 ASN A CB     1 
ATOM   476  C CG     . ASN A 1 62 ? 0.433   20.377  -0.825  1.00 36.00  ?  194 ASN A CG     1 
ATOM   477  O OD1    . ASN A 1 62 ? 1.258   19.726  -0.186  1.00 44.99  ?  194 ASN A OD1    1 
ATOM   478  N ND2    . ASN A 1 62 ? 0.418   21.703  -0.831  1.00 40.65  ?  194 ASN A ND2    1 
ATOM   479  N N      . LEU A 1 63 ? -2.507  16.973  -1.129  1.00 53.25  ?  195 LEU A N      1 
ATOM   480  C CA     . LEU A 1 63 ? -3.779  16.345  -1.450  1.00 51.64  ?  195 LEU A CA     1 
ATOM   481  C C      . LEU A 1 63 ? -4.763  17.418  -1.877  1.00 53.12  ?  195 LEU A C      1 
ATOM   482  O O      . LEU A 1 63 ? -4.920  18.434  -1.203  1.00 59.46  ?  195 LEU A O      1 
ATOM   483  C CB     . LEU A 1 63 ? -4.333  15.569  -0.250  1.00 35.11  ?  195 LEU A CB     1 
ATOM   484  C CG     . LEU A 1 63 ? -3.505  14.425  0.339   1.00 48.60  ?  195 LEU A CG     1 
ATOM   485  C CD1    . LEU A 1 63 ? -4.176  13.911  1.596   1.00 44.79  ?  195 LEU A CD1    1 
ATOM   486  C CD2    . LEU A 1 63 ? -3.305  13.288  -0.662  1.00 34.74  ?  195 LEU A CD2    1 
ATOM   487  N N      . GLU A 1 64 ? -5.432  17.179  -2.998  1.00 62.22  ?  196 GLU A N      1 
ATOM   488  C CA     . GLU A 1 64 ? -6.409  18.124  -3.515  1.00 65.33  ?  196 GLU A CA     1 
ATOM   489  C C      . GLU A 1 64 ? -7.805  17.700  -3.102  1.00 65.73  ?  196 GLU A C      1 
ATOM   490  O O      . GLU A 1 64 ? -8.023  16.558  -2.689  1.00 62.22  ?  196 GLU A O      1 
ATOM   491  C CB     . GLU A 1 64 ? -6.296  18.225  -5.038  1.00 48.91  ?  196 GLU A CB     1 
ATOM   492  C CG     . GLU A 1 64 ? -4.881  18.548  -5.506  1.00 60.97  ?  196 GLU A CG     1 
ATOM   493  C CD     . GLU A 1 64 ? -4.762  18.658  -7.010  1.00 79.88  ?  196 GLU A CD     1 
ATOM   494  O OE1    . GLU A 1 64 ? -5.618  18.088  -7.719  1.00 88.33  ?  196 GLU A OE1    1 
ATOM   495  O OE2    . GLU A 1 64 ? -3.812  19.320  -7.483  1.00 98.75  -1 196 GLU A OE2    1 
ATOM   496  N N      . ILE A 1 65 ? -8.747  18.626  -3.213  1.00 61.11  ?  197 ILE A N      1 
ATOM   497  C CA     . ILE A 1 65 ? -10.126 18.357  -2.847  1.00 69.92  ?  197 ILE A CA     1 
ATOM   498  C C      . ILE A 1 65 ? -10.718 17.287  -3.768  1.00 67.90  ?  197 ILE A C      1 
ATOM   499  O O      . ILE A 1 65 ? -10.544 17.321  -4.988  1.00 54.36  ?  197 ILE A O      1 
ATOM   500  C CB     . ILE A 1 65 ? -10.980 19.643  -2.911  1.00 71.95  ?  197 ILE A CB     1 
ATOM   501  C CG1    . ILE A 1 65 ? -10.195 20.846  -2.371  1.00 77.02  ?  197 ILE A CG1    1 
ATOM   502  C CG2    . ILE A 1 65 ? -12.269 19.469  -2.142  1.00 75.93  ?  197 ILE A CG2    1 
ATOM   503  C CD1    . ILE A 1 65 ? -9.538  21.710  -3.447  1.00 69.78  ?  197 ILE A CD1    1 
ATOM   504  N N      . GLY A 1 66 ? -11.399 16.317  -3.171  1.00 63.13  ?  198 GLY A N      1 
ATOM   505  C CA     . GLY A 1 66 ? -12.034 15.261  -3.932  1.00 59.69  ?  198 GLY A CA     1 
ATOM   506  C C      . GLY A 1 66 ? -11.163 14.040  -4.143  1.00 58.36  ?  198 GLY A C      1 
ATOM   507  O O      . GLY A 1 66 ? -11.635 13.026  -4.665  1.00 55.48  ?  198 GLY A O      1 
ATOM   508  N N      . ASP A 1 67 ? -9.896  14.134  -3.743  1.00 56.86  ?  199 ASP A N      1 
ATOM   509  C CA     . ASP A 1 67 ? -8.992  12.988  -3.793  1.00 43.53  ?  199 ASP A CA     1 
ATOM   510  C C      . ASP A 1 67 ? -9.482  11.880  -2.883  1.00 45.31  ?  199 ASP A C      1 
ATOM   511  O O      . ASP A 1 67 ? -9.763  12.104  -1.707  1.00 48.26  ?  199 ASP A O      1 
ATOM   512  C CB     . ASP A 1 67 ? -7.571  13.387  -3.395  1.00 50.32  ?  199 ASP A CB     1 
ATOM   513  C CG     . ASP A 1 67 ? -6.813  14.051  -4.519  1.00 58.53  ?  199 ASP A CG     1 
ATOM   514  O OD1    . ASP A 1 67 ? -7.182  13.843  -5.694  1.00 61.03  ?  199 ASP A OD1    1 
ATOM   515  O OD2    . ASP A 1 67 ? -5.852  14.787  -4.222  1.00 62.43  -1 199 ASP A OD2    1 
ATOM   516  N N      . ILE A 1 68 ? -9.605  10.688  -3.445  1.00 32.92  ?  200 ILE A N      1 
ATOM   517  C CA     . ILE A 1 68 ? -10.035 9.532   -2.684  1.00 42.47  ?  200 ILE A CA     1 
ATOM   518  C C      . ILE A 1 68 ? -8.840  8.652   -2.325  1.00 39.89  ?  200 ILE A C      1 
ATOM   519  O O      . ILE A 1 68 ? -8.237  8.026   -3.199  1.00 48.44  ?  200 ILE A O      1 
ATOM   520  C CB     . ILE A 1 68 ? -11.089 8.717   -3.460  1.00 48.68  ?  200 ILE A CB     1 
ATOM   521  C CG1    . ILE A 1 68 ? -12.319 9.591   -3.740  1.00 39.25  ?  200 ILE A CG1    1 
ATOM   522  C CG2    . ILE A 1 68 ? -11.500 7.486   -2.666  1.00 34.37  ?  200 ILE A CG2    1 
ATOM   523  C CD1    . ILE A 1 68 ? -13.336 8.949   -4.643  1.00 43.49  ?  200 ILE A CD1    1 
ATOM   524  N N      . LEU A 1 69 ? -8.479  8.626   -1.045  1.00 29.54  ?  201 LEU A N      1 
ATOM   525  C CA     . LEU A 1 69 ? -7.382  7.773   -0.609  1.00 37.67  ?  201 LEU A CA     1 
ATOM   526  C C      . LEU A 1 69 ? -7.890  6.347   -0.467  1.00 27.00  ?  201 LEU A C      1 
ATOM   527  O O      . LEU A 1 69 ? -8.887  6.099   0.210   1.00 23.12  ?  201 LEU A O      1 
ATOM   528  C CB     . LEU A 1 69 ? -6.773  8.253   0.717   1.00 28.83  ?  201 LEU A CB     1 
ATOM   529  C CG     . LEU A 1 69 ? -6.390  9.730   0.836   1.00 34.88  ?  201 LEU A CG     1 
ATOM   530  C CD1    . LEU A 1 69 ? -5.604  9.972   2.105   1.00 23.43  ?  201 LEU A CD1    1 
ATOM   531  C CD2    . LEU A 1 69 ? -5.598  10.202  -0.371  1.00 52.33  ?  201 LEU A CD2    1 
ATOM   532  N N      . ILE A 1 70 ? -7.209  5.410   -1.114  1.00 26.53  ?  202 ILE A N      1 
ATOM   533  C CA     . ILE A 1 70 ? -7.571  4.011   -0.975  1.00 32.28  ?  202 ILE A CA     1 
ATOM   534  C C      . ILE A 1 70 ? -6.636  3.374   0.056   1.00 28.57  ?  202 ILE A C      1 
ATOM   535  O O      . ILE A 1 70 ? -5.439  3.184   -0.191  1.00 27.13  ?  202 ILE A O      1 
ATOM   536  C CB     . ILE A 1 70 ? -7.496  3.277   -2.322  1.00 19.28  ?  202 ILE A CB     1 
ATOM   537  C CG1    . ILE A 1 70 ? -8.263  4.063   -3.385  1.00 26.64  ?  202 ILE A CG1    1 
ATOM   538  C CG2    . ILE A 1 70 ? -8.045  1.874   -2.192  1.00 15.83  ?  202 ILE A CG2    1 
ATOM   539  C CD1    . ILE A 1 70 ? -8.273  3.412   -4.748  1.00 23.74  ?  202 ILE A CD1    1 
ATOM   540  N N      . MET A 1 71 ? -7.191  3.037   1.214   1.00 30.40  ?  203 MET A N      1 
ATOM   541  C CA     . MET A 1 71 ? -6.361  2.647   2.341   1.00 28.92  ?  203 MET A CA     1 
ATOM   542  C C      . MET A 1 71 ? -6.575  1.198   2.721   1.00 27.79  ?  203 MET A C      1 
ATOM   543  O O      . MET A 1 71 ? -7.678  0.660   2.598   1.00 28.39  ?  203 MET A O      1 
ATOM   544  C CB     . MET A 1 71 ? -6.656  3.529   3.547   1.00 25.92  ?  203 MET A CB     1 
ATOM   545  C CG     . MET A 1 71 ? -6.609  5.005   3.267   1.00 25.19  ?  203 MET A CG     1 
ATOM   546  S SD     . MET A 1 71 ? -7.094  5.940   4.725   1.00 35.58  ?  203 MET A SD     1 
ATOM   547  C CE     . MET A 1 71 ? -8.643  5.129   5.103   1.00 42.98  ?  203 MET A CE     1 
ATOM   548  N N      . ILE A 1 72 ? -5.516  0.582   3.222   1.00 28.71  ?  204 ILE A N      1 
ATOM   549  C CA     . ILE A 1 72 ? -5.589  -0.787  3.687   1.00 31.62  ?  204 ILE A CA     1 
ATOM   550  C C      . ILE A 1 72 ? -4.834  -0.898  5.009   1.00 32.11  ?  204 ILE A C      1 
ATOM   551  O O      . ILE A 1 72 ? -3.733  -0.364  5.153   1.00 33.76  ?  204 ILE A O      1 
ATOM   552  C CB     . ILE A 1 72 ? -5.042  -1.744  2.605   1.00 42.48  ?  204 ILE A CB     1 
ATOM   553  C CG1    . ILE A 1 72 ? -5.274  -3.200  2.982   1.00 60.79  ?  204 ILE A CG1    1 
ATOM   554  C CG2    . ILE A 1 72 ? -3.567  -1.485  2.329   1.00 71.64  ?  204 ILE A CG2    1 
ATOM   555  C CD1    . ILE A 1 72 ? -4.931  -4.135  1.849   1.00 67.38  ?  204 ILE A CD1    1 
ATOM   556  N N      . GLY A 1 73 ? -5.447  -1.566  5.981   1.00 41.04  ?  205 GLY A N      1 
ATOM   557  C CA     . GLY A 1 73 ? -4.875  -1.694  7.311   1.00 29.89  ?  205 GLY A CA     1 
ATOM   558  C C      . GLY A 1 73 ? -5.851  -2.294  8.311   1.00 36.06  ?  205 GLY A C      1 
ATOM   559  O O      . GLY A 1 73 ? -6.955  -2.715  7.953   1.00 36.54  ?  205 GLY A O      1 
ATOM   560  N N      . HIS A 1 74 ? -5.432  -2.350  9.569   1.00 31.50  ?  206 HIS A N      1 
ATOM   561  C CA     . HIS A 1 74 ? -6.270  -2.869  10.642  1.00 43.79  ?  206 HIS A CA     1 
ATOM   562  C C      . HIS A 1 74 ? -7.432  -1.918  10.904  1.00 32.92  ?  206 HIS A C      1 
ATOM   563  O O      . HIS A 1 74 ? -7.265  -0.701  10.817  1.00 30.90  ?  206 HIS A O      1 
ATOM   564  C CB     . HIS A 1 74 ? -5.430  -3.070  11.908  1.00 40.61  ?  206 HIS A CB     1 
ATOM   565  C CG     . HIS A 1 74 ? -6.099  -3.895  12.960  1.00 34.77  ?  206 HIS A CG     1 
ATOM   566  N ND1    . HIS A 1 74 ? -7.037  -3.375  13.831  1.00 35.83  ?  206 HIS A ND1    1 
ATOM   567  C CD2    . HIS A 1 74 ? -5.960  -5.198  13.296  1.00 34.54  ?  206 HIS A CD2    1 
ATOM   568  C CE1    . HIS A 1 74 ? -7.447  -4.324  14.649  1.00 37.95  ?  206 HIS A CE1    1 
ATOM   569  N NE2    . HIS A 1 74 ? -6.811  -5.443  14.347  1.00 38.64  ?  206 HIS A NE2    1 
ATOM   570  N N      . ASP A 1 75 ? -8.594  -2.468  11.255  1.00 33.48  ?  207 ASP A N      1 
ATOM   571  C CA     . ASP A 1 75 ? -9.801  -1.653  11.428  1.00 31.80  ?  207 ASP A CA     1 
ATOM   572  C C      . ASP A 1 75 ? -9.659  -0.594  12.512  1.00 36.42  ?  207 ASP A C      1 
ATOM   573  O O      . ASP A 1 75 ? -10.174 0.512   12.375  1.00 44.22  ?  207 ASP A O      1 
ATOM   574  C CB     . ASP A 1 75 ? -11.002 -2.530  11.781  1.00 36.33  ?  207 ASP A CB     1 
ATOM   575  C CG     . ASP A 1 75 ? -11.534 -3.295  10.600  1.00 46.76  ?  207 ASP A CG     1 
ATOM   576  O OD1    . ASP A 1 75 ? -11.133 -2.987  9.458   1.00 51.48  ?  207 ASP A OD1    1 
ATOM   577  O OD2    . ASP A 1 75 ? -12.364 -4.204  10.820  1.00 64.65  -1 207 ASP A OD2    1 
ATOM   578  N N      . ASN A 1 76 ? -8.937  -0.924  13.577  1.00 42.83  ?  208 ASN A N      1 
ATOM   579  C CA     . ASN A 1 76 ? -8.716  0.028   14.654  1.00 30.77  ?  208 ASN A CA     1 
ATOM   580  C C      . ASN A 1 76 ? -7.805  1.158   14.206  1.00 33.79  ?  208 ASN A C      1 
ATOM   581  O O      . ASN A 1 76 ? -7.963  2.296   14.645  1.00 34.93  ?  208 ASN A O      1 
ATOM   582  C CB     . ASN A 1 76 ? -8.121  -0.664  15.882  1.00 37.20  ?  208 ASN A CB     1 
ATOM   583  C CG     . ASN A 1 76 ? -9.090  -1.624  16.546  1.00 40.08  ?  208 ASN A CG     1 
ATOM   584  O OD1    . ASN A 1 76 ? -10.308 -1.453  16.467  1.00 36.64  ?  208 ASN A OD1    1 
ATOM   585  N ND2    . ASN A 1 76 ? -8.549  -2.637  17.219  1.00 35.92  ?  208 ASN A ND2    1 
ATOM   586  N N      . ASP A 1 77 ? -6.885  0.860   13.290  1.00 33.60  ?  209 ASP A N      1 
ATOM   587  C CA     . ASP A 1 77 ? -5.964  1.887   12.818  1.00 27.07  ?  209 ASP A CA     1 
ATOM   588  C C      . ASP A 1 77 ? -6.669  2.779   11.827  1.00 31.48  ?  209 ASP A C      1 
ATOM   589  O O      . ASP A 1 77 ? -6.535  3.999   11.891  1.00 31.34  ?  209 ASP A O      1 
ATOM   590  C CB     . ASP A 1 77 ? -4.720  1.288   12.145  1.00 30.54  ?  209 ASP A CB     1 
ATOM   591  C CG     . ASP A 1 77 ? -3.871  0.449   13.081  1.00 41.15  ?  209 ASP A CG     1 
ATOM   592  O OD1    . ASP A 1 77 ? -3.737  0.822   14.266  1.00 58.03  ?  209 ASP A OD1    1 
ATOM   593  O OD2    . ASP A 1 77 ? -3.317  -0.574  12.620  1.00 33.36  -1 209 ASP A OD2    1 
ATOM   594  N N      . LEU A 1 78 ? -7.445  2.168   10.935  1.00 29.28  ?  210 LEU A N      1 
ATOM   595  C CA     . LEU A 1 78 ? -8.231  2.925   9.978   1.00 24.41  ?  210 LEU A CA     1 
ATOM   596  C C      . LEU A 1 78 ? -9.231  3.823   10.683  1.00 28.88  ?  210 LEU A C      1 
ATOM   597  O O      . LEU A 1 78 ? -9.344  5.005   10.360  1.00 31.88  ?  210 LEU A O      1 
ATOM   598  C CB     . LEU A 1 78 ? -8.950  1.977   9.028   1.00 26.40  ?  210 LEU A CB     1 
ATOM   599  C CG     . LEU A 1 78 ? -8.041  1.161   8.115   1.00 30.32  ?  210 LEU A CG     1 
ATOM   600  C CD1    . LEU A 1 78 ? -8.791  -0.028  7.535   1.00 21.62  ?  210 LEU A CD1    1 
ATOM   601  C CD2    . LEU A 1 78 ? -7.550  2.072   7.005   1.00 18.63  ?  210 LEU A CD2    1 
ATOM   602  N N      . ASN A 1 79 ? -9.908  3.270   11.687  1.00 35.22  ?  211 ASN A N      1 
ATOM   603  C CA     . ASN A 1 79 ? -10.920 4.005   12.442  1.00 38.83  ?  211 ASN A CA     1 
ATOM   604  C C      . ASN A 1 79 ? -10.332 5.185   13.219  1.00 33.08  ?  211 ASN A C      1 
ATOM   605  O O      . ASN A 1 79 ? -10.962 6.229   13.362  1.00 41.30  ?  211 ASN A O      1 
ATOM   606  C CB     . ASN A 1 79 ? -11.649 3.055   13.382  1.00 43.76  ?  211 ASN A CB     1 
ATOM   607  C CG     . ASN A 1 79 ? -12.717 3.746   14.195  1.00 77.66  ?  211 ASN A CG     1 
ATOM   608  O OD1    . ASN A 1 79 ? -13.883 3.772   13.805  1.00 96.97  ?  211 ASN A OD1    1 
ATOM   609  N ND2    . ASN A 1 79 ? -12.336 4.277   15.355  1.00 78.10  ?  211 ASN A ND2    1 
ATOM   610  N N      . ARG A 1 80 ? -9.114  5.022   13.710  1.00 36.81  ?  212 ARG A N      1 
ATOM   611  C CA     . ARG A 1 80 ? -8.447  6.082   14.449  1.00 32.24  ?  212 ARG A CA     1 
ATOM   612  C C      . ARG A 1 80 ? -8.039  7.236   13.544  1.00 44.11  ?  212 ARG A C      1 
ATOM   613  O O      . ARG A 1 80 ? -8.180  8.402   13.912  1.00 41.00  ?  212 ARG A O      1 
ATOM   614  C CB     . ARG A 1 80 ? -7.238  5.516   15.181  1.00 27.05  ?  212 ARG A CB     1 
ATOM   615  C CG     . ARG A 1 80 ? -6.720  6.360   16.328  1.00 31.86  ?  212 ARG A CG     1 
ATOM   616  C CD     . ARG A 1 80 ? -5.229  6.202   16.345  1.00 30.90  ?  212 ARG A CD     1 
ATOM   617  N NE     . ARG A 1 80 ? -4.919  4.777   16.243  1.00 57.54  ?  212 ARG A NE     1 
ATOM   618  C CZ     . ARG A 1 80 ? -3.730  4.271   15.927  1.00 75.56  ?  212 ARG A CZ     1 
ATOM   619  N NH1    . ARG A 1 80 ? -2.707  5.076   15.644  1.00 56.97  1  212 ARG A NH1    1 
ATOM   620  N NH2    . ARG A 1 80 ? -3.576  2.954   15.861  1.00 61.43  ?  212 ARG A NH2    1 
ATOM   621  N N      . PHE A 1 81 ? -7.542  6.915   12.355  1.00 41.04  ?  213 PHE A N      1 
ATOM   622  C CA     . PHE A 1 81 ? -7.158  7.946   11.402  1.00 33.10  ?  213 PHE A CA     1 
ATOM   623  C C      . PHE A 1 81 ? -8.370  8.737   10.930  1.00 41.70  ?  213 PHE A C      1 
ATOM   624  O O      . PHE A 1 81 ? -8.308  9.959   10.799  1.00 39.41  ?  213 PHE A O      1 
ATOM   625  C CB     . PHE A 1 81 ? -6.443  7.326   10.206  1.00 30.64  ?  213 PHE A CB     1 
ATOM   626  C CG     . PHE A 1 81 ? -6.117  8.306   9.116   1.00 32.20  ?  213 PHE A CG     1 
ATOM   627  C CD1    . PHE A 1 81 ? -5.204  9.329   9.331   1.00 34.88  ?  213 PHE A CD1    1 
ATOM   628  C CD2    . PHE A 1 81 ? -6.709  8.194   7.869   1.00 35.17  ?  213 PHE A CD2    1 
ATOM   629  C CE1    . PHE A 1 81 ? -4.895  10.234  8.326   1.00 27.95  ?  213 PHE A CE1    1 
ATOM   630  C CE2    . PHE A 1 81 ? -6.402  9.089   6.857   1.00 44.21  ?  213 PHE A CE2    1 
ATOM   631  C CZ     . PHE A 1 81 ? -5.487  10.111  7.088   1.00 40.75  ?  213 PHE A CZ     1 
ATOM   632  N N      . GLU A 1 82 ? -9.478  8.035   10.709  1.00 40.51  ?  214 GLU A N      1 
ATOM   633  C CA     . GLU A 1 82 ? -10.705 8.661   10.233  1.00 46.32  ?  214 GLU A CA     1 
ATOM   634  C C      . GLU A 1 82 ? -11.300 9.621   11.249  1.00 44.93  ?  214 GLU A C      1 
ATOM   635  O O      . GLU A 1 82 ? -11.858 10.651  10.881  1.00 59.06  ?  214 GLU A O      1 
ATOM   636  C CB     . GLU A 1 82 ? -11.746 7.601   9.878   1.00 29.52  ?  214 GLU A CB     1 
ATOM   637  C CG     . GLU A 1 82 ? -11.424 6.806   8.641   1.00 43.70  ?  214 GLU A CG     1 
ATOM   638  C CD     . GLU A 1 82 ? -12.464 5.746   8.356   1.00 63.33  ?  214 GLU A CD     1 
ATOM   639  O OE1    . GLU A 1 82 ? -13.518 5.763   9.024   1.00 65.89  ?  214 GLU A OE1    1 
ATOM   640  O OE2    . GLU A 1 82 ? -12.228 4.894   7.471   1.00 70.46  -1 214 GLU A OE2    1 
ATOM   641  N N      . LYS A 1 83 ? -11.141 9.307   12.527  1.00 47.48  ?  215 LYS A N      1 
ATOM   642  C CA     . LYS A 1 83 ? -11.760 10.100  13.575  1.00 43.57  ?  215 LYS A CA     1 
ATOM   643  C C      . LYS A 1 83 ? -10.954 11.355  13.855  1.00 42.96  ?  215 LYS A C      1 
ATOM   644  O O      . LYS A 1 83 ? -11.486 12.340  14.364  1.00 63.68  ?  215 LYS A O      1 
ATOM   645  C CB     . LYS A 1 83 ? -11.933 9.255   14.841  1.00 38.63  ?  215 LYS A CB     1 
ATOM   646  C CG     . LYS A 1 83 ? -13.345 8.698   14.987  1.00 70.13  ?  215 LYS A CG     1 
ATOM   647  C CD     . LYS A 1 83 ? -13.699 7.784   13.814  1.00 76.31  ?  215 LYS A CD     1 
ATOM   648  C CE     . LYS A 1 83 ? -15.064 7.137   13.985  1.00 85.88  ?  215 LYS A CE     1 
ATOM   649  N NZ     . LYS A 1 83 ? -15.337 6.174   12.878  1.00 89.68  1  215 LYS A NZ     1 
ATOM   650  N N      . ASN A 1 84 ? -9.677  11.332  13.492  1.00 41.44  ?  216 ASN A N      1 
ATOM   651  C CA     . ASN A 1 84 ? -8.829  12.506  13.657  1.00 43.43  ?  216 ASN A CA     1 
ATOM   652  C C      . ASN A 1 84 ? -8.983  13.470  12.487  1.00 43.27  ?  216 ASN A C      1 
ATOM   653  O O      . ASN A 1 84 ? -8.204  14.406  12.337  1.00 46.83  ?  216 ASN A O      1 
ATOM   654  C CB     . ASN A 1 84 ? -7.368  12.097  13.814  1.00 51.58  ?  216 ASN A CB     1 
ATOM   655  C CG     . ASN A 1 84 ? -7.056  11.580  15.208  1.00 65.84  ?  216 ASN A CG     1 
ATOM   656  O OD1    . ASN A 1 84 ? -6.467  12.282  16.027  1.00 90.06  ?  216 ASN A OD1    1 
ATOM   657  N ND2    . ASN A 1 84 ? -7.457  10.346  15.484  1.00 65.16  ?  216 ASN A ND2    1 
ATOM   658  N N      . ILE A 1 85 ? -9.976  13.214  11.640  1.00 59.75  ?  217 ILE A N      1 
ATOM   659  C CA     . ILE A 1 85 ? -10.268 14.074  10.497  1.00 54.22  ?  217 ILE A CA     1 
ATOM   660  C C      . ILE A 1 85 ? -11.773 14.331  10.353  1.00 54.39  ?  217 ILE A C      1 
ATOM   661  O O      . ILE A 1 85 ? -12.433 14.816  11.279  1.00 51.66  ?  217 ILE A O      1 
ATOM   662  C CB     . ILE A 1 85 ? -9.729  13.469  9.190   1.00 72.24  ?  217 ILE A CB     1 
ATOM   663  C CG1    . ILE A 1 85 ? -8.216  13.257  9.291   1.00 50.99  ?  217 ILE A CG1    1 
ATOM   664  C CG2    . ILE A 1 85 ? -10.065 14.372  8.015   1.00 63.75  ?  217 ILE A CG2    1 
ATOM   665  C CD1    . ILE A 1 85 ? -7.614  12.594  8.098   1.00 37.08  ?  217 ILE A CD1    1 
ATOM   666  N N      . ALA B 1 1  ? -17.403 0.186   0.994   1.00 50.19  ?  133 ALA B N      1 
ATOM   667  C CA     . ALA B 1 1  ? -16.907 -1.174  1.197   1.00 57.85  ?  133 ALA B CA     1 
ATOM   668  C C      . ALA B 1 1  ? -17.217 -2.065  0.000   1.00 48.61  ?  133 ALA B C      1 
ATOM   669  O O      . ALA B 1 1  ? -16.637 -3.135  -0.153  1.00 72.01  ?  133 ALA B O      1 
ATOM   670  C CB     . ALA B 1 1  ? -17.495 -1.771  2.461   1.00 45.38  ?  133 ALA B CB     1 
ATOM   671  N N      . SER B 1 2  ? -18.134 -1.618  -0.846  1.00 57.30  ?  134 SER B N      1 
ATOM   672  C CA     . SER B 1 2  ? -18.397 -2.299  -2.104  1.00 44.01  ?  134 SER B CA     1 
ATOM   673  C C      . SER B 1 2  ? -17.888 -1.488  -3.288  1.00 54.35  ?  134 SER B C      1 
ATOM   674  O O      . SER B 1 2  ? -17.566 -2.043  -4.342  1.00 49.44  ?  134 SER B O      1 
ATOM   675  C CB     . SER B 1 2  ? -19.897 -2.564  -2.251  1.00 44.64  ?  134 SER B CB     1 
ATOM   676  O OG     . SER B 1 2  ? -20.232 -2.858  -3.590  1.00 45.13  ?  134 SER B OG     1 
ATOM   677  N N      . ALA B 1 3  ? -17.779 -0.177  -3.101  1.00 43.79  ?  135 ALA B N      1 
ATOM   678  C CA     . ALA B 1 3  ? -17.170 0.670   -4.107  1.00 32.42  ?  135 ALA B CA     1 
ATOM   679  C C      . ALA B 1 3  ? -15.660 0.626   -3.924  1.00 34.18  ?  135 ALA B C      1 
ATOM   680  O O      . ALA B 1 3  ? -14.881 0.792   -4.863  1.00 36.48  ?  135 ALA B O      1 
ATOM   681  C CB     . ALA B 1 3  ? -17.683 2.087   -3.988  1.00 21.31  ?  135 ALA B CB     1 
ATOM   682  N N      . SER B 1 4  ? -15.263 0.372   -2.686  1.00 41.14  ?  136 SER B N      1 
ATOM   683  C CA     . SER B 1 4  ? -13.866 0.245   -2.320  1.00 46.82  ?  136 SER B CA     1 
ATOM   684  C C      . SER B 1 4  ? -13.215 -0.975  -2.966  1.00 30.50  ?  136 SER B C      1 
ATOM   685  O O      . SER B 1 4  ? -12.059 -0.939  -3.374  1.00 31.11  ?  136 SER B O      1 
ATOM   686  C CB     . SER B 1 4  ? -13.756 0.163   -0.794  1.00 35.38  ?  136 SER B CB     1 
ATOM   687  O OG     . SER B 1 4  ? -12.481 0.552   -0.336  1.00 47.82  ?  136 SER B OG     1 
ATOM   688  N N      . VAL B 1 5  ? -14.001 -2.033  -3.116  1.00 39.98  ?  137 VAL B N      1 
ATOM   689  C CA     . VAL B 1 5  ? -13.540 -3.282  -3.714  1.00 30.31  ?  137 VAL B CA     1 
ATOM   690  C C      . VAL B 1 5  ? -13.453 -3.137  -5.220  1.00 30.58  ?  137 VAL B C      1 
ATOM   691  O O      . VAL B 1 5  ? -12.510 -3.605  -5.856  1.00 38.21  ?  137 VAL B O      1 
ATOM   692  C CB     . VAL B 1 5  ? -14.491 -4.463  -3.368  1.00 42.08  ?  137 VAL B CB     1 
ATOM   693  C CG1    . VAL B 1 5  ? -14.182 -5.692  -4.212  1.00 19.33  ?  137 VAL B CG1    1 
ATOM   694  C CG2    . VAL B 1 5  ? -14.425 -4.783  -1.892  1.00 33.89  ?  137 VAL B CG2    1 
ATOM   695  N N      . LEU B 1 6  ? -14.444 -2.465  -5.790  1.00 34.13  ?  138 LEU B N      1 
ATOM   696  C CA     . LEU B 1 6  ? -14.513 -2.313  -7.232  1.00 35.26  ?  138 LEU B CA     1 
ATOM   697  C C      . LEU B 1 6  ? -13.405 -1.387  -7.750  1.00 27.90  ?  138 LEU B C      1 
ATOM   698  O O      . LEU B 1 6  ? -12.889 -1.581  -8.854  1.00 37.28  ?  138 LEU B O      1 
ATOM   699  C CB     . LEU B 1 6  ? -15.899 -1.789  -7.608  1.00 33.10  ?  138 LEU B CB     1 
ATOM   700  C CG     . LEU B 1 6  ? -16.241 -1.536  -9.062  1.00 33.06  ?  138 LEU B CG     1 
ATOM   701  C CD1    . LEU B 1 6  ? -15.934 -2.769  -9.876  1.00 42.63  ?  138 LEU B CD1    1 
ATOM   702  C CD2    . LEU B 1 6  ? -17.709 -1.209  -9.132  1.00 42.94  ?  138 LEU B CD2    1 
ATOM   703  N N      . ASP B 1 7  ? -13.011 -0.410  -6.940  1.00 28.36  ?  139 ASP B N      1 
ATOM   704  C CA     . ASP B 1 7  ? -11.916 0.479   -7.306  1.00 24.90  ?  139 ASP B CA     1 
ATOM   705  C C      . ASP B 1 7  ? -10.602 -0.281  -7.259  1.00 35.87  ?  139 ASP B C      1 
ATOM   706  O O      . ASP B 1 7  ? -9.703  -0.031  -8.060  1.00 43.25  ?  139 ASP B O      1 
ATOM   707  C CB     . ASP B 1 7  ? -11.863 1.705   -6.396  1.00 34.72  ?  139 ASP B CB     1 
ATOM   708  C CG     . ASP B 1 7  ? -12.891 2.761   -6.776  1.00 33.05  ?  139 ASP B CG     1 
ATOM   709  O OD1    . ASP B 1 7  ? -13.441 2.694   -7.894  1.00 34.26  ?  139 ASP B OD1    1 
ATOM   710  O OD2    . ASP B 1 7  ? -13.141 3.668   -5.956  1.00 41.56  -1 139 ASP B OD2    1 
ATOM   711  N N      . TYR B 1 8  ? -10.482 -1.204  -6.311  1.00 31.91  ?  140 TYR B N      1 
ATOM   712  C CA     . TYR B 1 8  ? -9.302  -2.055  -6.253  1.00 30.02  ?  140 TYR B CA     1 
ATOM   713  C C      . TYR B 1 8  ? -9.215  -2.931  -7.506  1.00 40.53  ?  140 TYR B C      1 
ATOM   714  O O      . TYR B 1 8  ? -8.147  -3.037  -8.114  1.00 34.55  ?  140 TYR B O      1 
ATOM   715  C CB     . TYR B 1 8  ? -9.323  -2.943  -5.011  1.00 28.78  ?  140 TYR B CB     1 
ATOM   716  C CG     . TYR B 1 8  ? -8.182  -3.947  -4.965  1.00 34.86  ?  140 TYR B CG     1 
ATOM   717  C CD1    . TYR B 1 8  ? -6.931  -3.588  -4.475  1.00 25.80  ?  140 TYR B CD1    1 
ATOM   718  C CD2    . TYR B 1 8  ? -8.348  -5.240  -5.442  1.00 37.21  ?  140 TYR B CD2    1 
ATOM   719  C CE1    . TYR B 1 8  ? -5.890  -4.499  -4.435  1.00 36.79  ?  140 TYR B CE1    1 
ATOM   720  C CE2    . TYR B 1 8  ? -7.310  -6.155  -5.413  1.00 37.46  ?  140 TYR B CE2    1 
ATOM   721  C CZ     . TYR B 1 8  ? -6.084  -5.782  -4.908  1.00 41.14  ?  140 TYR B CZ     1 
ATOM   722  O OH     . TYR B 1 8  ? -5.051  -6.699  -4.882  1.00 35.86  ?  140 TYR B OH     1 
ATOM   723  N N      . LEU B 1 9  ? -10.335 -3.559  -7.883  1.00 34.22  ?  141 LEU B N      1 
ATOM   724  C CA     . LEU B 1 9  ? -10.353 -4.434  -9.056  1.00 29.56  ?  141 LEU B CA     1 
ATOM   725  C C      . LEU B 1 9  ? -10.037 -3.643  -10.312 1.00 33.33  ?  141 LEU B C      1 
ATOM   726  O O      . LEU B 1 9  ? -9.326  -4.125  -11.192 1.00 34.74  ?  141 LEU B O      1 
ATOM   727  C CB     . LEU B 1 9  ? -11.696 -5.140  -9.221  1.00 20.15  ?  141 LEU B CB     1 
ATOM   728  C CG     . LEU B 1 9  ? -12.109 -6.210  -8.205  1.00 32.05  ?  141 LEU B CG     1 
ATOM   729  C CD1    . LEU B 1 9  ? -13.584 -6.524  -8.345  1.00 15.73  ?  141 LEU B CD1    1 
ATOM   730  C CD2    . LEU B 1 9  ? -11.291 -7.478  -8.386  1.00 37.25  ?  141 LEU B CD2    1 
ATOM   731  N N      . GLU B 1 10 ? -10.541 -2.417  -10.380 1.00 29.19  ?  142 GLU B N      1 
ATOM   732  C CA     . GLU B 1 10 ? -10.285 -1.561  -11.524 1.00 34.18  ?  142 GLU B CA     1 
ATOM   733  C C      . GLU B 1 10 ? -8.821  -1.158  -11.526 1.00 41.50  ?  142 GLU B C      1 
ATOM   734  O O      . GLU B 1 10 ? -8.184  -1.070  -12.576 1.00 46.02  ?  142 GLU B O      1 
ATOM   735  C CB     . GLU B 1 10 ? -11.179 -0.324  -11.490 1.00 49.21  ?  142 GLU B CB     1 
ATOM   736  C CG     . GLU B 1 10 ? -11.026 0.596   -12.700 1.00 44.88  ?  142 GLU B CG     1 
ATOM   737  C CD     . GLU B 1 10 ? -11.927 1.807   -12.601 1.00 59.37  ?  142 GLU B CD     1 
ATOM   738  O OE1    . GLU B 1 10 ? -12.692 1.889   -11.613 1.00 59.14  ?  142 GLU B OE1    1 
ATOM   739  O OE2    . GLU B 1 10 ? -11.871 2.673   -13.503 1.00 68.54  -1 142 GLU B OE2    1 
ATOM   740  N N      . LEU B 1 11 ? -8.267  -1.003  -10.331 1.00 39.89  ?  143 LEU B N      1 
ATOM   741  C CA     . LEU B 1 11 ? -6.895  -0.545  -10.186 1.00 41.19  ?  143 LEU B CA     1 
ATOM   742  C C      . LEU B 1 11 ? -5.908  -1.680  -10.428 1.00 42.79  ?  143 LEU B C      1 
ATOM   743  O O      . LEU B 1 11 ? -4.805  -1.463  -10.938 1.00 33.06  ?  143 LEU B O      1 
ATOM   744  C CB     . LEU B 1 11 ? -6.701  0.026   -8.781  1.00 40.07  ?  143 LEU B CB     1 
ATOM   745  C CG     . LEU B 1 11 ? -5.309  0.112   -8.159  1.00 44.58  ?  143 LEU B CG     1 
ATOM   746  C CD1    . LEU B 1 11 ? -4.539  1.276   -8.758  1.00 49.50  ?  143 LEU B CD1    1 
ATOM   747  C CD2    . LEU B 1 11 ? -5.423  0.259   -6.643  1.00 39.72  ?  143 LEU B CD2    1 
ATOM   748  N N      . ALA B 1 12 ? -6.344  -2.901  -10.141 1.00 44.83  ?  144 ALA B N      1 
ATOM   749  C CA     . ALA B 1 12 ? -5.503  -4.074  -10.342 1.00 35.78  ?  144 ALA B CA     1 
ATOM   750  C C      . ALA B 1 12 ? -5.453  -4.431  -11.813 1.00 36.82  ?  144 ALA B C      1 
ATOM   751  O O      . ALA B 1 12 ? -4.584  -5.183  -12.250 1.00 33.46  ?  144 ALA B O      1 
ATOM   752  C CB     . ALA B 1 12 ? -6.020  -5.241  -9.534  1.00 40.09  ?  144 ALA B CB     1 
ATOM   753  N N      . ASP B 1 13 ? -6.377  -3.850  -12.571 1.00 41.47  ?  145 ASP B N      1 
ATOM   754  C CA     . ASP B 1 13 ? -6.568  -4.197  -13.968 1.00 40.61  ?  145 ASP B CA     1 
ATOM   755  C C      . ASP B 1 13 ? -6.012  -3.118  -14.894 1.00 39.85  ?  145 ASP B C      1 
ATOM   756  O O      . ASP B 1 13 ? -6.068  -3.250  -16.116 1.00 51.22  ?  145 ASP B O      1 
ATOM   757  C CB     . ASP B 1 13 ? -8.064  -4.392  -14.239 1.00 58.52  ?  145 ASP B CB     1 
ATOM   758  C CG     . ASP B 1 13 ? -8.343  -5.053  -15.569 1.00 72.30  ?  145 ASP B CG     1 
ATOM   759  O OD1    . ASP B 1 13 ? -7.491  -5.831  -16.051 1.00 90.20  ?  145 ASP B OD1    1 
ATOM   760  O OD2    . ASP B 1 13 ? -9.421  -4.777  -16.139 1.00 76.87  -1 145 ASP B OD2    1 
ATOM   761  N N      . GLU B 1 14 ? -5.431  -2.076  -14.310 1.00 39.23  ?  146 GLU B N      1 
ATOM   762  C CA     . GLU B 1 14 ? -4.843  -1.007  -15.097 1.00 25.47  ?  146 GLU B CA     1 
ATOM   763  C C      . GLU B 1 14 ? -3.381  -0.810  -14.717 1.00 29.15  ?  146 GLU B C      1 
ATOM   764  O O      . GLU B 1 14 ? -2.616  -0.181  -15.448 1.00 36.85  ?  146 GLU B O      1 
ATOM   765  C CB     . GLU B 1 14 ? -5.615  0.299   -14.879 1.00 41.19  ?  146 GLU B CB     1 
ATOM   766  C CG     . GLU B 1 14 ? -6.981  0.372   -15.549 1.00 46.81  ?  146 GLU B CG     1 
ATOM   767  C CD     . GLU B 1 14 ? -7.636  1.737   -15.384 1.00 72.71  ?  146 GLU B CD     1 
ATOM   768  O OE1    . GLU B 1 14 ? -7.047  2.741   -15.844 1.00 85.79  ?  146 GLU B OE1    1 
ATOM   769  O OE2    . GLU B 1 14 ? -8.736  1.809   -14.793 1.00 65.51  -1 146 GLU B OE2    1 
ATOM   770  N N      . HIS B 1 15 ? -3.001  -1.334  -13.558 1.00 29.11  ?  147 HIS B N      1 
ATOM   771  C CA     . HIS B 1 15 ? -1.615  -1.297  -13.112 1.00 27.09  ?  147 HIS B CA     1 
ATOM   772  C C      . HIS B 1 15 ? -1.279  -2.681  -12.608 1.00 24.63  ?  147 HIS B C      1 
ATOM   773  O O      . HIS B 1 15 ? -2.140  -3.344  -12.033 1.00 44.52  ?  147 HIS B O      1 
ATOM   774  C CB     . HIS B 1 15 ? -1.426  -0.214  -12.044 1.00 26.65  ?  147 HIS B CB     1 
ATOM   775  C CG     . HIS B 1 15 ? -1.922  1.133   -12.474 1.00 29.59  ?  147 HIS B CG     1 
ATOM   776  N ND1    . HIS B 1 15 ? -3.189  1.595   -12.179 1.00 25.14  ?  147 HIS B ND1    1 
ATOM   777  C CD2    . HIS B 1 15 ? -1.336  2.098   -13.221 1.00 26.67  ?  147 HIS B CD2    1 
ATOM   778  C CE1    . HIS B 1 15 ? -3.351  2.793   -12.707 1.00 28.85  ?  147 HIS B CE1    1 
ATOM   779  N NE2    . HIS B 1 15 ? -2.244  3.123   -13.343 1.00 26.94  ?  147 HIS B NE2    1 
ATOM   780  N N      . SER B 1 16 ? -0.051  -3.139  -12.784 1.00 28.13  ?  148 SER B N      1 
ATOM   781  C CA     . SER B 1 16 ? 0.176   -4.542  -12.479 1.00 49.13  ?  148 SER B CA     1 
ATOM   782  C C      . SER B 1 16 ? 0.608   -4.749  -11.021 1.00 31.61  ?  148 SER B C      1 
ATOM   783  O O      . SER B 1 16 ? 1.443   -4.022  -10.481 1.00 23.53  ?  148 SER B O      1 
ATOM   784  C CB     . SER B 1 16 ? 1.185   -5.142  -13.481 1.00 31.29  ?  148 SER B CB     1 
ATOM   785  O OG     . SER B 1 16 ? 2.392   -4.409  -13.551 1.00 44.50  ?  148 SER B OG     1 
ATOM   786  N N      . ILE B 1 17 ? -0.016  -5.745  -10.395 1.00 42.37  ?  149 ILE B N      1 
ATOM   787  C CA     . ILE B 1 17 ? 0.324   -6.205  -9.054  1.00 28.51  ?  149 ILE B CA     1 
ATOM   788  C C      . ILE B 1 17 ? 1.063   -7.543  -9.159  1.00 31.76  ?  149 ILE B C      1 
ATOM   789  O O      . ILE B 1 17 ? 0.557   -8.499  -9.740  1.00 32.40  ?  149 ILE B O      1 
ATOM   790  C CB     . ILE B 1 17 ? -0.928  -6.343  -8.184  1.00 26.81  ?  149 ILE B CB     1 
ATOM   791  C CG1    . ILE B 1 17 ? -1.647  -4.993  -8.079  1.00 29.67  ?  149 ILE B CG1    1 
ATOM   792  C CG2    . ILE B 1 17 ? -0.575  -6.924  -6.829  1.00 24.06  ?  149 ILE B CG2    1 
ATOM   793  C CD1    . ILE B 1 17 ? -2.806  -4.977  -7.119  1.00 29.80  ?  149 ILE B CD1    1 
ATOM   794  N N      . VAL B 1 18 ? 2.234   -7.612  -8.541  1.00 39.65  ?  150 VAL B N      1 
ATOM   795  C CA     . VAL B 1 18 ? 3.186   -8.693  -8.765  1.00 29.65  ?  150 VAL B CA     1 
ATOM   796  C C      . VAL B 1 18 ? 3.661   -9.373  -7.476  1.00 41.12  ?  150 VAL B C      1 
ATOM   797  O O      . VAL B 1 18 ? 3.782   -8.725  -6.430  1.00 37.39  ?  150 VAL B O      1 
ATOM   798  C CB     . VAL B 1 18 ? 4.407   -8.140  -9.546  1.00 29.12  ?  150 VAL B CB     1 
ATOM   799  C CG1    . VAL B 1 18 ? 5.533   -9.153  -9.633  1.00 52.92  ?  150 VAL B CG1    1 
ATOM   800  C CG2    . VAL B 1 18 ? 3.978   -7.687  -10.931 1.00 32.52  ?  150 VAL B CG2    1 
ATOM   801  N N      . GLU B 1 19 ? 3.873   -10.687 -7.536  1.00 35.44  ?  151 GLU B N      1 
ATOM   802  C CA     . GLU B 1 19 ? 4.518   -11.397 -6.438  1.00 30.09  ?  151 GLU B CA     1 
ATOM   803  C C      . GLU B 1 19 ? 6.015   -11.441 -6.685  1.00 35.23  ?  151 GLU B C      1 
ATOM   804  O O      . GLU B 1 19 ? 6.459   -11.666 -7.813  1.00 44.09  ?  151 GLU B O      1 
ATOM   805  C CB     . GLU B 1 19 ? 3.967   -12.811 -6.303  1.00 31.93  ?  151 GLU B CB     1 
ATOM   806  C CG     . GLU B 1 19 ? 2.668   -12.895 -5.535  1.00 65.31  ?  151 GLU B CG     1 
ATOM   807  C CD     . GLU B 1 19 ? 2.117   -14.298 -5.513  1.00 67.34  ?  151 GLU B CD     1 
ATOM   808  O OE1    . GLU B 1 19 ? 2.924   -15.238 -5.657  1.00 78.36  ?  151 GLU B OE1    1 
ATOM   809  O OE2    . GLU B 1 19 ? 0.886   -14.460 -5.354  1.00 58.27  -1 151 GLU B OE2    1 
ATOM   810  N N      . LEU B 1 20 ? 6.796   -11.232 -5.632  1.00 34.40  ?  152 LEU B N      1 
ATOM   811  C CA     . LEU B 1 20 ? 8.248   -11.224 -5.767  1.00 31.72  ?  152 LEU B CA     1 
ATOM   812  C C      . LEU B 1 20 ? 8.936   -11.838 -4.551  1.00 37.04  ?  152 LEU B C      1 
ATOM   813  O O      . LEU B 1 20 ? 8.715   -11.401 -3.423  1.00 41.60  ?  152 LEU B O      1 
ATOM   814  C CB     . LEU B 1 20 ? 8.737   -9.800  -5.999  1.00 41.42  ?  152 LEU B CB     1 
ATOM   815  C CG     . LEU B 1 20 ? 10.240  -9.618  -6.183  1.00 60.15  ?  152 LEU B CG     1 
ATOM   816  C CD1    . LEU B 1 20 ? 10.496  -8.733  -7.397  1.00 50.00  ?  152 LEU B CD1    1 
ATOM   817  C CD2    . LEU B 1 20 ? 10.867  -9.025  -4.925  1.00 37.67  ?  152 LEU B CD2    1 
ATOM   818  N N      . LYS B 1 21 ? 9.761   -12.857 -4.771  1.00 43.35  ?  153 LYS B N      1 
ATOM   819  C CA     . LYS B 1 21 ? 10.391  -13.567 -3.654  1.00 49.27  ?  153 LYS B CA     1 
ATOM   820  C C      . LYS B 1 21 ? 11.663  -12.876 -3.132  1.00 50.75  ?  153 LYS B C      1 
ATOM   821  O O      . LYS B 1 21 ? 12.480  -12.364 -3.907  1.00 48.14  ?  153 LYS B O      1 
ATOM   822  C CB     . LYS B 1 21 ? 10.684  -15.014 -4.063  1.00 31.64  ?  153 LYS B CB     1 
ATOM   823  C CG     . LYS B 1 21 ? 11.310  -15.871 -2.978  1.00 49.59  ?  153 LYS B CG     1 
ATOM   824  C CD     . LYS B 1 21 ? 10.834  -17.319 -3.080  1.00 62.38  ?  153 LYS B CD     1 
ATOM   825  C CE     . LYS B 1 21 ? 10.660  -17.763 -4.529  1.00 65.23  ?  153 LYS B CE     1 
ATOM   826  N NZ     . LYS B 1 21 ? 9.992   -19.095 -4.616  1.00 84.84  1  153 LYS B NZ     1 
ATOM   827  N N      . ALA B 1 22 ? 11.801  -12.849 -1.807  1.00 27.93  ?  154 ALA B N      1 
ATOM   828  C CA     . ALA B 1 22 ? 12.904  -12.159 -1.140  1.00 36.04  ?  154 ALA B CA     1 
ATOM   829  C C      . ALA B 1 22 ? 14.219  -12.921 -1.271  1.00 41.36  ?  154 ALA B C      1 
ATOM   830  O O      . ALA B 1 22 ? 14.293  -14.110 -0.967  1.00 53.35  ?  154 ALA B O      1 
ATOM   831  C CB     . ALA B 1 22 ? 12.571  -11.932 0.330   1.00 40.20  ?  154 ALA B CB     1 
ATOM   832  N N      . THR B 1 23 ? 15.266  -12.219 -1.691  1.00 41.33  ?  155 THR B N      1 
ATOM   833  C CA     . THR B 1 23 ? 16.571  -12.837 -1.869  1.00 49.56  ?  155 THR B CA     1 
ATOM   834  C C      . THR B 1 23 ? 17.425  -12.694 -0.612  1.00 52.15  ?  155 THR B C      1 
ATOM   835  O O      . THR B 1 23 ? 17.093  -11.911 0.276   1.00 59.68  ?  155 THR B O      1 
ATOM   836  C CB     . THR B 1 23 ? 17.316  -12.221 -3.067  1.00 57.49  ?  155 THR B CB     1 
ATOM   837  O OG1    . THR B 1 23 ? 18.609  -12.828 -3.200  1.00 104.11 ?  155 THR B OG1    1 
ATOM   838  C CG2    . THR B 1 23 ? 17.484  -10.736 -2.870  1.00 42.00  ?  155 THR B CG2    1 
ATOM   839  N N      . GLU B 1 24 ? 18.525  -13.445 -0.551  1.00 50.25  ?  156 GLU B N      1 
ATOM   840  C CA     . GLU B 1 24 ? 19.447  -13.410 0.587   1.00 53.03  ?  156 GLU B CA     1 
ATOM   841  C C      . GLU B 1 24 ? 20.000  -12.021 0.866   1.00 40.87  ?  156 GLU B C      1 
ATOM   842  O O      . GLU B 1 24 ? 20.161  -11.617 2.015   1.00 48.29  ?  156 GLU B O      1 
ATOM   843  C CB     . GLU B 1 24 ? 20.615  -14.368 0.352   1.00 75.92  ?  156 GLU B CB     1 
ATOM   844  C CG     . GLU B 1 24 ? 20.229  -15.830 0.302   1.00 86.07  ?  156 GLU B CG     1 
ATOM   845  C CD     . GLU B 1 24 ? 19.755  -16.348 1.644   1.00 97.34  ?  156 GLU B CD     1 
ATOM   846  O OE1    . GLU B 1 24 ? 20.099  -15.731 2.676   1.00 103.95 ?  156 GLU B OE1    1 
ATOM   847  O OE2    . GLU B 1 24 ? 19.042  -17.373 1.667   1.00 118.46 -1 156 GLU B OE2    1 
ATOM   848  N N      . LYS B 1 25 ? 20.286  -11.301 -0.208  1.00 42.44  ?  157 LYS B N      1 
ATOM   849  C CA     . LYS B 1 25 ? 20.726  -9.915  -0.142  1.00 71.89  ?  157 LYS B CA     1 
ATOM   850  C C      . LYS B 1 25 ? 19.771  -9.059  0.697   1.00 69.74  ?  157 LYS B C      1 
ATOM   851  O O      . LYS B 1 25 ? 20.191  -8.170  1.436   1.00 78.80  ?  157 LYS B O      1 
ATOM   852  C CB     . LYS B 1 25 ? 20.854  -9.355  -1.567  1.00 62.04  ?  157 LYS B CB     1 
ATOM   853  C CG     . LYS B 1 25 ? 21.156  -7.873  -1.669  1.00 62.54  ?  157 LYS B CG     1 
ATOM   854  C CD     . LYS B 1 25 ? 21.057  -7.403  -3.119  1.00 66.31  ?  157 LYS B CD     1 
ATOM   855  C CE     . LYS B 1 25 ? 21.934  -8.241  -4.042  1.00 59.95  ?  157 LYS B CE     1 
ATOM   856  N NZ     . LYS B 1 25 ? 21.920  -7.746  -5.447  1.00 59.69  1  157 LYS B NZ     1 
ATOM   857  N N      . MET B 1 26 ? 18.484  -9.361  0.583   1.00 65.99  ?  158 MET B N      1 
ATOM   858  C CA     . MET B 1 26 ? 17.418  -8.562  1.175   1.00 51.11  ?  158 MET B CA     1 
ATOM   859  C C      . MET B 1 26 ? 16.937  -9.079  2.546   1.00 56.35  ?  158 MET B C      1 
ATOM   860  O O      . MET B 1 26 ? 16.355  -8.326  3.336   1.00 45.13  ?  158 MET B O      1 
ATOM   861  C CB     . MET B 1 26 ? 16.275  -8.476  0.156   1.00 44.26  ?  158 MET B CB     1 
ATOM   862  C CG     . MET B 1 26 ? 14.862  -8.490  0.674   1.00 58.93  ?  158 MET B CG     1 
ATOM   863  S SD     . MET B 1 26 ? 13.762  -8.058  -0.691  1.00 73.80  ?  158 MET B SD     1 
ATOM   864  C CE     . MET B 1 26 ? 14.548  -8.922  -2.032  1.00 30.78  ?  158 MET B CE     1 
ATOM   865  N N      . ALA B 1 27 ? 17.206  -10.346 2.849   1.00 40.27  ?  159 ALA B N      1 
ATOM   866  C CA     . ALA B 1 27 ? 16.842  -10.894 4.155   1.00 36.99  ?  159 ALA B CA     1 
ATOM   867  C C      . ALA B 1 27 ? 17.700  -10.306 5.276   1.00 44.86  ?  159 ALA B C      1 
ATOM   868  O O      . ALA B 1 27 ? 18.901  -10.083 5.115   1.00 42.55  ?  159 ALA B O      1 
ATOM   869  C CB     . ALA B 1 27 ? 16.965  -12.389 4.147   1.00 36.54  ?  159 ALA B CB     1 
ATOM   870  N N      . GLY B 1 28 ? 17.071  -10.037 6.414   1.00 40.27  ?  160 GLY B N      1 
ATOM   871  C CA     . GLY B 1 28 ? 17.765  -9.409  7.522   1.00 25.57  ?  160 GLY B CA     1 
ATOM   872  C C      . GLY B 1 28 ? 17.559  -7.907  7.505   1.00 32.42  ?  160 GLY B C      1 
ATOM   873  O O      . GLY B 1 28 ? 17.813  -7.219  8.491   1.00 35.31  ?  160 GLY B O      1 
ATOM   874  N N      . GLN B 1 29 ? 17.087  -7.404  6.368   1.00 45.09  ?  161 GLN B N      1 
ATOM   875  C CA     . GLN B 1 29 ? 16.800  -5.988  6.191   1.00 36.89  ?  161 GLN B CA     1 
ATOM   876  C C      . GLN B 1 29 ? 15.297  -5.742  6.187   1.00 34.47  ?  161 GLN B C      1 
ATOM   877  O O      . GLN B 1 29 ? 14.521  -6.656  5.926   1.00 33.42  ?  161 GLN B O      1 
ATOM   878  C CB     . GLN B 1 29 ? 17.430  -5.469  4.896   1.00 37.66  ?  161 GLN B CB     1 
ATOM   879  C CG     . GLN B 1 29 ? 18.958  -5.548  4.858   1.00 30.66  ?  161 GLN B CG     1 
ATOM   880  C CD     . GLN B 1 29 ? 19.538  -4.907  3.609   1.00 64.13  ?  161 GLN B CD     1 
ATOM   881  O OE1    . GLN B 1 29 ? 19.718  -3.687  3.548   1.00 71.64  ?  161 GLN B OE1    1 
ATOM   882  N NE2    . GLN B 1 29 ? 19.821  -5.725  2.598   1.00 35.44  ?  161 GLN B NE2    1 
ATOM   883  N N      . SER B 1 30 ? 14.896  -4.511  6.500   1.00 34.41  ?  162 SER B N      1 
ATOM   884  C CA     . SER B 1 30 ? 13.490  -4.108  6.475   1.00 21.52  ?  162 SER B CA     1 
ATOM   885  C C      . SER B 1 30 ? 13.186  -3.291  5.223   1.00 27.16  ?  162 SER B C      1 
ATOM   886  O O      . SER B 1 30 ? 14.101  -2.827  4.546   1.00 22.57  ?  162 SER B O      1 
ATOM   887  C CB     . SER B 1 30 ? 13.142  -3.292  7.715   1.00 28.76  ?  162 SER B CB     1 
ATOM   888  O OG     . SER B 1 30 ? 13.870  -2.077  7.736   1.00 29.86  ?  162 SER B OG     1 
ATOM   889  N N      . ILE B 1 31 ? 11.907  -3.068  4.932   1.00 23.99  ?  163 ILE B N      1 
ATOM   890  C CA     . ILE B 1 31 ? 11.573  -2.341  3.718   1.00 28.23  ?  163 ILE B CA     1 
ATOM   891  C C      . ILE B 1 31 ? 11.849  -0.845  3.885   1.00 31.16  ?  163 ILE B C      1 
ATOM   892  O O      . ILE B 1 31 ? 11.844  -0.102  2.905   1.00 51.26  ?  163 ILE B O      1 
ATOM   893  C CB     . ILE B 1 31 ? 10.088  -2.531  3.305   1.00 39.41  ?  163 ILE B CB     1 
ATOM   894  C CG1    . ILE B 1 31 ? 9.183   -1.571  4.076   1.00 43.60  ?  163 ILE B CG1    1 
ATOM   895  C CG2    . ILE B 1 31 ? 9.645   -3.985  3.460   1.00 19.53  ?  163 ILE B CG2    1 
ATOM   896  C CD1    . ILE B 1 31 ? 7.702   -1.846  3.885   1.00 64.90  ?  163 ILE B CD1    1 
ATOM   897  N N      . ILE B 1 32 ? 12.165  -0.415  5.103   1.00 24.25  ?  164 ILE B N      1 
ATOM   898  C CA     . ILE B 1 32 ? 12.592  0.962   5.321   1.00 25.51  ?  164 ILE B CA     1 
ATOM   899  C C      . ILE B 1 32 ? 14.122  1.044   5.201   1.00 38.39  ?  164 ILE B C      1 
ATOM   900  O O      . ILE B 1 32 ? 14.677  2.112   4.922   1.00 29.36  ?  164 ILE B O      1 
ATOM   901  C CB     . ILE B 1 32 ? 12.141  1.510   6.698   1.00 36.53  ?  164 ILE B CB     1 
ATOM   902  C CG1    . ILE B 1 32 ? 12.158  3.039   6.698   1.00 43.33  ?  164 ILE B CG1    1 
ATOM   903  C CG2    . ILE B 1 32 ? 13.027  0.986   7.819   1.00 27.62  ?  164 ILE B CG2    1 
ATOM   904  C CD1    . ILE B 1 32 ? 11.812  3.657   8.031   1.00 55.90  ?  164 ILE B CD1    1 
ATOM   905  N N      . ASP B 1 33 ? 14.791  -0.092  5.408   1.00 25.60  ?  165 ASP B N      1 
ATOM   906  C CA     . ASP B 1 33 ? 16.222  -0.210  5.144   1.00 33.92  ?  165 ASP B CA     1 
ATOM   907  C C      . ASP B 1 33 ? 16.502  -0.134  3.645   1.00 37.43  ?  165 ASP B C      1 
ATOM   908  O O      . ASP B 1 33 ? 17.405  0.582   3.200   1.00 40.17  ?  165 ASP B O      1 
ATOM   909  C CB     . ASP B 1 33 ? 16.781  -1.526  5.692   1.00 36.10  ?  165 ASP B CB     1 
ATOM   910  C CG     . ASP B 1 33 ? 16.915  -1.531  7.200   1.00 42.06  ?  165 ASP B CG     1 
ATOM   911  O OD1    . ASP B 1 33 ? 16.986  -0.443  7.814   1.00 47.96  ?  165 ASP B OD1    1 
ATOM   912  O OD2    . ASP B 1 33 ? 16.957  -2.639  7.770   1.00 38.49  -1 165 ASP B OD2    1 
ATOM   913  N N      . LEU B 1 34 ? 15.719  -0.874  2.867   1.00 25.36  ?  166 LEU B N      1 
ATOM   914  C CA     . LEU B 1 34 ? 15.866  -0.858  1.418   1.00 41.19  ?  166 LEU B CA     1 
ATOM   915  C C      . LEU B 1 34 ? 15.305  0.447   0.836   1.00 39.68  ?  166 LEU B C      1 
ATOM   916  O O      . LEU B 1 34 ? 15.627  0.808   -0.300  1.00 31.99  ?  166 LEU B O      1 
ATOM   917  C CB     . LEU B 1 34 ? 15.196  -2.087  0.783   1.00 27.73  ?  166 LEU B CB     1 
ATOM   918  C CG     . LEU B 1 34 ? 15.854  -3.457  1.045   1.00 32.94  ?  166 LEU B CG     1 
ATOM   919  C CD1    . LEU B 1 34 ? 15.037  -4.308  1.987   1.00 47.61  ?  166 LEU B CD1    1 
ATOM   920  C CD2    . LEU B 1 34 ? 16.097  -4.227  -0.242  1.00 36.40  ?  166 LEU B CD2    1 
ATOM   921  N N      . ASP B 1 35 ? 14.481  1.138   1.628   1.00 25.38  ?  167 ASP B N      1 
ATOM   922  C CA     . ASP B 1 35 ? 13.873  2.417   1.245   1.00 34.45  ?  167 ASP B CA     1 
ATOM   923  C C      . ASP B 1 35 ? 13.174  2.351   -0.116  1.00 38.46  ?  167 ASP B C      1 
ATOM   924  O O      . ASP B 1 35 ? 13.415  3.180   -0.991  1.00 32.06  ?  167 ASP B O      1 
ATOM   925  C CB     . ASP B 1 35 ? 14.939  3.512   1.223   1.00 24.93  ?  167 ASP B CB     1 
ATOM   926  C CG     . ASP B 1 35 ? 14.358  4.903   1.462   1.00 50.50  ?  167 ASP B CG     1 
ATOM   927  O OD1    . ASP B 1 35 ? 13.269  5.007   2.080   1.00 31.07  ?  167 ASP B OD1    1 
ATOM   928  O OD2    . ASP B 1 35 ? 14.989  5.894   1.019   1.00 36.76  -1 167 ASP B OD2    1 
ATOM   929  N N      . ILE B 1 36 ? 12.263  1.398   -0.262  1.00 35.90  ?  168 ILE B N      1 
ATOM   930  C CA     . ILE B 1 36 ? 11.797  0.988   -1.581  1.00 38.72  ?  168 ILE B CA     1 
ATOM   931  C C      . ILE B 1 36 ? 11.063  2.058   -2.402  1.00 33.13  ?  168 ILE B C      1 
ATOM   932  O O      . ILE B 1 36 ? 11.443  2.313   -3.542  1.00 30.67  ?  168 ILE B O      1 
ATOM   933  C CB     . ILE B 1 36 ? 10.906  -0.257  -1.447  1.00 26.35  ?  168 ILE B CB     1 
ATOM   934  C CG1    . ILE B 1 36 ? 11.774  -1.427  -0.993  1.00 26.87  ?  168 ILE B CG1    1 
ATOM   935  C CG2    . ILE B 1 36 ? 10.221  -0.577  -2.763  1.00 27.35  ?  168 ILE B CG2    1 
ATOM   936  C CD1    . ILE B 1 36 ? 11.021  -2.648  -0.655  1.00 24.12  ?  168 ILE B CD1    1 
ATOM   937  N N      . ARG B 1 37 ? 10.047  2.708   -1.844  1.00 30.77  ?  169 ARG B N      1 
ATOM   938  C CA     . ARG B 1 37 ? 9.290   3.660   -2.653  1.00 34.01  ?  169 ARG B CA     1 
ATOM   939  C C      . ARG B 1 37 ? 10.141  4.874   -3.034  1.00 27.95  ?  169 ARG B C      1 
ATOM   940  O O      . ARG B 1 37 ? 9.988   5.423   -4.123  1.00 23.78  ?  169 ARG B O      1 
ATOM   941  C CB     . ARG B 1 37 ? 8.019   4.132   -1.946  1.00 30.30  ?  169 ARG B CB     1 
ATOM   942  C CG     . ARG B 1 37 ? 7.078   4.882   -2.904  1.00 36.89  ?  169 ARG B CG     1 
ATOM   943  C CD     . ARG B 1 37 ? 6.595   6.225   -2.370  1.00 15.34  ?  169 ARG B CD     1 
ATOM   944  N NE     . ARG B 1 37 ? 7.671   7.059   -1.862  1.00 20.62  ?  169 ARG B NE     1 
ATOM   945  C CZ     . ARG B 1 37 ? 8.274   8.021   -2.556  1.00 31.61  ?  169 ARG B CZ     1 
ATOM   946  N NH1    . ARG B 1 37 ? 9.243   8.734   -1.990  1.00 27.21  1  169 ARG B NH1    1 
ATOM   947  N NH2    . ARG B 1 37 ? 7.912   8.275   -3.809  1.00 22.42  ?  169 ARG B NH2    1 
ATOM   948  N N      . ALA B 1 38 ? 11.021  5.296   -2.134  1.00 23.41  ?  170 ALA B N      1 
ATOM   949  C CA     . ALA B 1 38 ? 11.877  6.442   -2.413  1.00 26.66  ?  170 ALA B CA     1 
ATOM   950  C C      . ALA B 1 38 ? 12.924  6.100   -3.459  1.00 26.19  ?  170 ALA B C      1 
ATOM   951  O O      . ALA B 1 38 ? 13.451  6.983   -4.127  1.00 30.64  ?  170 ALA B O      1 
ATOM   952  C CB     . ALA B 1 38 ? 12.544  6.934   -1.140  1.00 29.79  ?  170 ALA B CB     1 
ATOM   953  N N      . GLN B 1 39 ? 13.199  4.808   -3.613  1.00 30.17  ?  171 GLN B N      1 
ATOM   954  C CA     . GLN B 1 39 ? 14.258  4.334   -4.495  1.00 24.11  ?  171 GLN B CA     1 
ATOM   955  C C      . GLN B 1 39 ? 13.735  3.786   -5.823  1.00 28.52  ?  171 GLN B C      1 
ATOM   956  O O      . GLN B 1 39 ? 14.443  3.802   -6.835  1.00 32.25  ?  171 GLN B O      1 
ATOM   957  C CB     . GLN B 1 39 ? 15.076  3.252   -3.786  1.00 33.42  ?  171 GLN B CB     1 
ATOM   958  C CG     . GLN B 1 39 ? 16.576  3.522   -3.733  1.00 40.88  ?  171 GLN B CG     1 
ATOM   959  C CD     . GLN B 1 39 ? 16.928  4.701   -2.848  1.00 48.14  ?  171 GLN B CD     1 
ATOM   960  O OE1    . GLN B 1 39 ? 16.522  4.765   -1.686  1.00 48.85  ?  171 GLN B OE1    1 
ATOM   961  N NE2    . GLN B 1 39 ? 17.687  5.647   -3.396  1.00 61.15  ?  171 GLN B NE2    1 
ATOM   962  N N      . TYR B 1 40 ? 12.497  3.300   -5.819  1.00 28.20  ?  172 TYR B N      1 
ATOM   963  C CA     . TYR B 1 40 ? 11.942  2.622   -6.989  1.00 31.11  ?  172 TYR B CA     1 
ATOM   964  C C      . TYR B 1 40 ? 10.564  3.123   -7.415  1.00 33.07  ?  172 TYR B C      1 
ATOM   965  O O      . TYR B 1 40 ? 10.170  2.935   -8.567  1.00 33.96  ?  172 TYR B O      1 
ATOM   966  C CB     . TYR B 1 40 ? 11.885  1.113   -6.738  1.00 21.84  ?  172 TYR B CB     1 
ATOM   967  C CG     . TYR B 1 40 ? 13.250  0.507   -6.549  1.00 25.15  ?  172 TYR B CG     1 
ATOM   968  C CD1    . TYR B 1 40 ? 13.968  0.040   -7.635  1.00 28.60  ?  172 TYR B CD1    1 
ATOM   969  C CD2    . TYR B 1 40 ? 13.831  0.420   -5.289  1.00 30.56  ?  172 TYR B CD2    1 
ATOM   970  C CE1    . TYR B 1 40 ? 15.226  -0.504  -7.481  1.00 30.16  ?  172 TYR B CE1    1 
ATOM   971  C CE2    . TYR B 1 40 ? 15.089  -0.122  -5.121  1.00 27.54  ?  172 TYR B CE2    1 
ATOM   972  C CZ     . TYR B 1 40 ? 15.782  -0.582  -6.226  1.00 32.18  ?  172 TYR B CZ     1 
ATOM   973  O OH     . TYR B 1 40 ? 17.033  -1.131  -6.080  1.00 54.88  ?  172 TYR B OH     1 
ATOM   974  N N      . GLY B 1 41 ? 9.840   3.761   -6.498  1.00 32.32  ?  173 GLY B N      1 
ATOM   975  C CA     . GLY B 1 41 ? 8.503   4.258   -6.791  1.00 30.57  ?  173 GLY B CA     1 
ATOM   976  C C      . GLY B 1 41 ? 7.459   3.166   -6.642  1.00 31.66  ?  173 GLY B C      1 
ATOM   977  O O      . GLY B 1 41 ? 6.318   3.315   -7.077  1.00 41.40  ?  173 GLY B O      1 
ATOM   978  N N      . ILE B 1 42 ? 7.865   2.069   -6.014  1.00 38.66  ?  174 ILE B N      1 
ATOM   979  C CA     . ILE B 1 42 ? 7.025   0.894   -5.792  1.00 41.99  ?  174 ILE B CA     1 
ATOM   980  C C      . ILE B 1 42 ? 6.328   0.916   -4.435  1.00 34.08  ?  174 ILE B C      1 
ATOM   981  O O      . ILE B 1 42 ? 6.911   1.362   -3.447  1.00 29.98  ?  174 ILE B O      1 
ATOM   982  C CB     . ILE B 1 42 ? 7.857   -0.403  -5.876  1.00 41.09  ?  174 ILE B CB     1 
ATOM   983  C CG1    . ILE B 1 42 ? 8.532   -0.522  -7.232  1.00 48.56  ?  174 ILE B CG1    1 
ATOM   984  C CG2    . ILE B 1 42 ? 6.998   -1.628  -5.645  1.00 51.85  ?  174 ILE B CG2    1 
ATOM   985  C CD1    . ILE B 1 42 ? 9.319   -1.806  -7.363  1.00 52.11  ?  174 ILE B CD1    1 
ATOM   986  N N      . ASN B 1 43 ? 5.087   0.439   -4.389  1.00 21.22  ?  175 ASN B N      1 
ATOM   987  C CA     . ASN B 1 43 ? 4.377   0.275   -3.127  1.00 25.32  ?  175 ASN B CA     1 
ATOM   988  C C      . ASN B 1 43 ? 4.236   -1.194  -2.741  1.00 28.56  ?  175 ASN B C      1 
ATOM   989  O O      . ASN B 1 43 ? 3.795   -2.016  -3.547  1.00 26.41  ?  175 ASN B O      1 
ATOM   990  C CB     . ASN B 1 43 ? 3.005   0.931   -3.197  1.00 31.29  ?  175 ASN B CB     1 
ATOM   991  C CG     . ASN B 1 43 ? 2.219   0.779   -1.913  1.00 21.80  ?  175 ASN B CG     1 
ATOM   992  O OD1    . ASN B 1 43 ? 2.782   0.728   -0.826  1.00 43.12  ?  175 ASN B OD1    1 
ATOM   993  N ND2    . ASN B 1 43 ? 0.903   0.746   -2.033  1.00 50.85  ?  175 ASN B ND2    1 
ATOM   994  N N      . ILE B 1 44 ? 4.638   -1.529  -1.518  1.00 22.28  ?  176 ILE B N      1 
ATOM   995  C CA     . ILE B 1 44 ? 4.485   -2.891  -1.034  1.00 18.63  ?  176 ILE B CA     1 
ATOM   996  C C      . ILE B 1 44 ? 3.193   -3.040  -0.268  1.00 19.32  ?  176 ILE B C      1 
ATOM   997  O O      . ILE B 1 44 ? 3.009   -2.443  0.791   1.00 22.80  ?  176 ILE B O      1 
ATOM   998  C CB     . ILE B 1 44 ? 5.670   -3.334  -0.164  1.00 16.72  ?  176 ILE B CB     1 
ATOM   999  C CG1    . ILE B 1 44 ? 6.918   -3.443  -1.035  1.00 24.08  ?  176 ILE B CG1    1 
ATOM   1000 C CG2    . ILE B 1 44 ? 5.394   -4.695  0.459   1.00 12.87  ?  176 ILE B CG2    1 
ATOM   1001 C CD1    . ILE B 1 44 ? 8.034   -4.182  -0.374  1.00 27.69  ?  176 ILE B CD1    1 
ATOM   1002 N N      . ILE B 1 45 ? 2.293   -3.823  -0.852  1.00 26.53  ?  177 ILE B N      1 
ATOM   1003 C CA     . ILE B 1 45 ? 0.945   -4.030  -0.344  1.00 22.34  ?  177 ILE B CA     1 
ATOM   1004 C C      . ILE B 1 45 ? 0.890   -5.032  0.798   1.00 25.36  ?  177 ILE B C      1 
ATOM   1005 O O      . ILE B 1 45 ? 0.197   -4.804  1.790   1.00 35.61  ?  177 ILE B O      1 
ATOM   1006 C CB     . ILE B 1 45 ? 0.011   -4.515  -1.479  1.00 26.06  ?  177 ILE B CB     1 
ATOM   1007 C CG1    . ILE B 1 45 ? 0.024   -3.516  -2.640  1.00 22.04  ?  177 ILE B CG1    1 
ATOM   1008 C CG2    . ILE B 1 45 ? -1.416  -4.715  -0.972  1.00 26.74  ?  177 ILE B CG2    1 
ATOM   1009 C CD1    . ILE B 1 45 ? -0.768  -3.990  -3.845  1.00 23.29  ?  177 ILE B CD1    1 
ATOM   1010 N N      . ALA B 1 46 ? 1.611   -6.141  0.654   1.00 24.48  ?  178 ALA B N      1 
ATOM   1011 C CA     . ALA B 1 46 ? 1.550   -7.210  1.641   1.00 21.57  ?  178 ALA B CA     1 
ATOM   1012 C C      . ALA B 1 46 ? 2.719   -8.179  1.536   1.00 38.71  ?  178 ALA B C      1 
ATOM   1013 O O      . ALA B 1 46 ? 3.435   -8.202  0.534   1.00 44.72  ?  178 ALA B O      1 
ATOM   1014 C CB     . ALA B 1 46 ? 0.247   -7.971  1.498   1.00 27.21  ?  178 ALA B CB     1 
ATOM   1015 N N      . ILE B 1 47 ? 2.906   -8.983  2.577   1.00 28.44  ?  179 ILE B N      1 
ATOM   1016 C CA     . ILE B 1 47 ? 3.916   -10.030 2.562   1.00 32.23  ?  179 ILE B CA     1 
ATOM   1017 C C      . ILE B 1 47 ? 3.353   -11.397 2.936   1.00 42.06  ?  179 ILE B C      1 
ATOM   1018 O O      . ILE B 1 47 ? 2.685   -11.549 3.961   1.00 29.04  ?  179 ILE B O      1 
ATOM   1019 C CB     . ILE B 1 47 ? 5.074   -9.702  3.519   1.00 46.42  ?  179 ILE B CB     1 
ATOM   1020 C CG1    . ILE B 1 47 ? 5.784   -8.432  3.057   1.00 26.90  ?  179 ILE B CG1    1 
ATOM   1021 C CG2    . ILE B 1 47 ? 6.060   -10.870 3.611   1.00 24.30  ?  179 ILE B CG2    1 
ATOM   1022 C CD1    . ILE B 1 47 ? 6.960   -8.059  3.919   1.00 31.28  ?  179 ILE B CD1    1 
ATOM   1023 N N      . LYS B 1 48 ? 3.634   -12.388 2.097   1.00 45.51  ?  180 LYS B N      1 
ATOM   1024 C CA     . LYS B 1 48 ? 3.304   -13.772 2.398   1.00 33.56  ?  180 LYS B CA     1 
ATOM   1025 C C      . LYS B 1 48 ? 4.513   -14.427 3.051   1.00 44.22  ?  180 LYS B C      1 
ATOM   1026 O O      . LYS B 1 48 ? 5.550   -14.613 2.411   1.00 36.38  ?  180 LYS B O      1 
ATOM   1027 C CB     . LYS B 1 48 ? 2.897   -14.525 1.130   1.00 41.40  ?  180 LYS B CB     1 
ATOM   1028 C CG     . LYS B 1 48 ? 1.487   -14.205 0.643   1.00 53.40  ?  180 LYS B CG     1 
ATOM   1029 C CD     . LYS B 1 48 ? 0.890   -15.328 -0.201  1.00 50.00  ?  180 LYS B CD     1 
ATOM   1030 C CE     . LYS B 1 48 ? 1.225   -15.151 -1.680  1.00 56.83  ?  180 LYS B CE     1 
ATOM   1031 N NZ     . LYS B 1 48 ? 0.548   -16.175 -2.530  1.00 65.57  1  180 LYS B NZ     1 
ATOM   1032 N N      . ARG B 1 49 ? 4.407   -14.718 4.341   1.00 47.90  ?  181 ARG B N      1 
ATOM   1033 C CA     . ARG B 1 49 ? 5.470   -15.420 5.044   1.00 41.87  ?  181 ARG B CA     1 
ATOM   1034 C C      . ARG B 1 49 ? 5.019   -16.832 5.405   1.00 60.34  ?  181 ARG B C      1 
ATOM   1035 O O      . ARG B 1 49 ? 4.160   -17.012 6.272   1.00 58.57  ?  181 ARG B O      1 
ATOM   1036 C CB     . ARG B 1 49 ? 5.888   -14.652 6.295   1.00 36.22  ?  181 ARG B CB     1 
ATOM   1037 C CG     . ARG B 1 49 ? 7.065   -15.266 7.033   1.00 44.10  ?  181 ARG B CG     1 
ATOM   1038 C CD     . ARG B 1 49 ? 7.464   -14.418 8.224   1.00 39.83  ?  181 ARG B CD     1 
ATOM   1039 N NE     . ARG B 1 49 ? 8.282   -13.276 7.837   1.00 40.94  ?  181 ARG B NE     1 
ATOM   1040 C CZ     . ARG B 1 49 ? 8.517   -12.230 8.624   1.00 49.46  ?  181 ARG B CZ     1 
ATOM   1041 N NH1    . ARG B 1 49 ? 7.983   -12.177 9.838   1.00 50.47  1  181 ARG B NH1    1 
ATOM   1042 N NH2    . ARG B 1 49 ? 9.278   -11.231 8.193   1.00 54.07  ?  181 ARG B NH2    1 
ATOM   1043 N N      . GLY B 1 50 ? 5.599   -17.830 4.745   1.00 63.74  ?  182 GLY B N      1 
ATOM   1044 C CA     . GLY B 1 50 ? 5.137   -19.196 4.900   1.00 48.39  ?  182 GLY B CA     1 
ATOM   1045 C C      . GLY B 1 50 ? 3.695   -19.343 4.453   1.00 55.54  ?  182 GLY B C      1 
ATOM   1046 O O      . GLY B 1 50 ? 3.392   -19.277 3.262   1.00 62.26  ?  182 GLY B O      1 
ATOM   1047 N N      . LYS B 1 51 ? 2.804   -19.535 5.419   1.00 61.82  ?  183 LYS B N      1 
ATOM   1048 C CA     . LYS B 1 51 ? 1.377   -19.643 5.146   1.00 72.61  ?  183 LYS B CA     1 
ATOM   1049 C C      . LYS B 1 51 ? 0.622   -18.562 5.908   1.00 57.11  ?  183 LYS B C      1 
ATOM   1050 O O      . LYS B 1 51 ? -0.548  -18.717 6.256   1.00 62.09  ?  183 LYS B O      1 
ATOM   1051 C CB     . LYS B 1 51 ? 0.857   -21.039 5.513   1.00 74.96  ?  183 LYS B CB     1 
ATOM   1052 C CG     . LYS B 1 51 ? 1.510   -22.170 4.726   1.00 82.88  ?  183 LYS B CG     1 
ATOM   1053 C CD     . LYS B 1 51 ? 1.311   -21.959 3.227   1.00 83.51  ?  183 LYS B CD     1 
ATOM   1054 C CE     . LYS B 1 51 ? 2.140   -22.919 2.388   1.00 86.61  ?  183 LYS B CE     1 
ATOM   1055 N NZ     . LYS B 1 51 ? 1.986   -22.623 0.933   1.00 76.87  1  183 LYS B NZ     1 
ATOM   1056 N N      . GLU B 1 52 ? 1.308   -17.449 6.134   1.00 56.98  ?  184 GLU B N      1 
ATOM   1057 C CA     . GLU B 1 52 ? 0.736   -16.329 6.860   1.00 64.84  ?  184 GLU B CA     1 
ATOM   1058 C C      . GLU B 1 52 ? 0.684   -15.105 5.954   1.00 44.17  ?  184 GLU B C      1 
ATOM   1059 O O      . GLU B 1 52 ? 1.624   -14.841 5.207   1.00 52.56  ?  184 GLU B O      1 
ATOM   1060 C CB     . GLU B 1 52 ? 1.577   -16.041 8.106   1.00 32.58  ?  184 GLU B CB     1 
ATOM   1061 C CG     . GLU B 1 52 ? 1.196   -14.803 8.888   1.00 30.31  ?  184 GLU B CG     1 
ATOM   1062 C CD     . GLU B 1 52 ? 2.241   -14.455 9.935   1.00 39.82  ?  184 GLU B CD     1 
ATOM   1063 O OE1    . GLU B 1 52 ? 3.314   -15.097 9.931   1.00 41.30  ?  184 GLU B OE1    1 
ATOM   1064 O OE2    . GLU B 1 52 ? 1.993   -13.550 10.762  1.00 44.59  -1 184 GLU B OE2    1 
ATOM   1065 N N      . PHE B 1 53 ? -0.397  -14.339 6.043   1.00 44.02  ?  185 PHE B N      1 
ATOM   1066 C CA     . PHE B 1 53 ? -0.555  -13.190 5.167   1.00 33.48  ?  185 PHE B CA     1 
ATOM   1067 C C      . PHE B 1 53 ? -0.392  -11.912 5.970   1.00 37.63  ?  185 PHE B C      1 
ATOM   1068 O O      . PHE B 1 53 ? -1.289  -11.515 6.720   1.00 35.37  ?  185 PHE B O      1 
ATOM   1069 C CB     . PHE B 1 53 ? -1.920  -13.220 4.482   1.00 28.96  ?  185 PHE B CB     1 
ATOM   1070 C CG     . PHE B 1 53 ? -1.966  -12.434 3.207   1.00 41.58  ?  185 PHE B CG     1 
ATOM   1071 C CD1    . PHE B 1 53 ? -1.626  -13.032 2.006   1.00 25.26  ?  185 PHE B CD1    1 
ATOM   1072 C CD2    . PHE B 1 53 ? -2.334  -11.097 3.209   1.00 34.53  ?  185 PHE B CD2    1 
ATOM   1073 C CE1    . PHE B 1 53 ? -1.656  -12.316 0.830   1.00 39.31  ?  185 PHE B CE1    1 
ATOM   1074 C CE2    . PHE B 1 53 ? -2.366  -10.377 2.038   1.00 32.34  ?  185 PHE B CE2    1 
ATOM   1075 C CZ     . PHE B 1 53 ? -2.025  -10.987 0.844   1.00 39.27  ?  185 PHE B CZ     1 
ATOM   1076 N N      . ILE B 1 54 ? 0.728   -11.232 5.780   1.00 26.29  ?  186 ILE B N      1 
ATOM   1077 C CA     . ILE B 1 54 ? 0.927   -9.969  6.465   1.00 35.76  ?  186 ILE B CA     1 
ATOM   1078 C C      . ILE B 1 54 ? 0.445   -8.807  5.604   1.00 30.79  ?  186 ILE B C      1 
ATOM   1079 O O      . ILE B 1 54 ? 1.101   -8.446  4.627   1.00 34.64  ?  186 ILE B O      1 
ATOM   1080 C CB     . ILE B 1 54 ? 2.400   -9.752  6.845   1.00 30.58  ?  186 ILE B CB     1 
ATOM   1081 C CG1    . ILE B 1 54 ? 2.957   -10.982 7.569   1.00 41.75  ?  186 ILE B CG1    1 
ATOM   1082 C CG2    . ILE B 1 54 ? 2.545   -8.481  7.673   1.00 26.77  ?  186 ILE B CG2    1 
ATOM   1083 C CD1    . ILE B 1 54 ? 4.455   -10.922 7.821   1.00 26.61  ?  186 ILE B CD1    1 
ATOM   1084 N N      . ILE B 1 55 ? -0.720  -8.261  5.937   1.00 33.52  ?  187 ILE B N      1 
ATOM   1085 C CA     . ILE B 1 55 ? -1.261  -7.123  5.207   1.00 20.98  ?  187 ILE B CA     1 
ATOM   1086 C C      . ILE B 1 55 ? -0.650  -5.847  5.770   1.00 24.16  ?  187 ILE B C      1 
ATOM   1087 O O      . ILE B 1 55 ? -0.325  -5.787  6.958   1.00 42.30  ?  187 ILE B O      1 
ATOM   1088 C CB     . ILE B 1 55 ? -2.800  -7.070  5.288   1.00 35.96  ?  187 ILE B CB     1 
ATOM   1089 C CG1    . ILE B 1 55 ? -3.365  -6.323  4.087   1.00 46.84  ?  187 ILE B CG1    1 
ATOM   1090 C CG2    . ILE B 1 55 ? -3.272  -6.438  6.586   1.00 42.74  ?  187 ILE B CG2    1 
ATOM   1091 C CD1    . ILE B 1 55 ? -3.047  -6.990  2.771   1.00 41.06  ?  187 ILE B CD1    1 
ATOM   1092 N N      . SER B 1 56 ? -0.506  -4.833  4.920   1.00 22.77  ?  188 SER B N      1 
ATOM   1093 C CA     . SER B 1 56 ? 0.138   -3.561  5.286   1.00 26.34  ?  188 SER B CA     1 
ATOM   1094 C C      . SER B 1 56 ? 1.349   -3.723  6.214   1.00 29.52  ?  188 SER B C      1 
ATOM   1095 O O      . SER B 1 56 ? 1.306   -3.297  7.369   1.00 22.95  ?  188 SER B O      1 
ATOM   1096 C CB     . SER B 1 56 ? -0.880  -2.625  5.942   1.00 23.63  ?  188 SER B CB     1 
ATOM   1097 O OG     . SER B 1 56 ? -1.746  -2.061  4.973   1.00 35.15  ?  188 SER B OG     1 
ATOM   1098 N N      . PRO B 1 57 ? 2.414   -4.366  5.717   1.00 23.80  ?  189 PRO B N      1 
ATOM   1099 C CA     . PRO B 1 57 ? 3.555   -4.755  6.547   1.00 25.46  ?  189 PRO B CA     1 
ATOM   1100 C C      . PRO B 1 57 ? 4.187   -3.580  7.268   1.00 21.40  ?  189 PRO B C      1 
ATOM   1101 O O      . PRO B 1 57 ? 4.354   -2.517  6.687   1.00 28.52  ?  189 PRO B O      1 
ATOM   1102 C CB     . PRO B 1 57 ? 4.537   -5.355  5.533   1.00 27.56  ?  189 PRO B CB     1 
ATOM   1103 C CG     . PRO B 1 57 ? 3.696   -5.748  4.378   1.00 28.06  ?  189 PRO B CG     1 
ATOM   1104 C CD     . PRO B 1 57 ? 2.638   -4.698  4.302   1.00 32.63  ?  189 PRO B CD     1 
ATOM   1105 N N      . ASN B 1 58 ? 4.558   -3.784  8.525   1.00 38.19  ?  190 ASN B N      1 
ATOM   1106 C CA     . ASN B 1 58 ? 5.265   -2.764  9.275   1.00 32.48  ?  190 ASN B CA     1 
ATOM   1107 C C      . ASN B 1 58 ? 6.620   -2.594  8.626   1.00 26.71  ?  190 ASN B C      1 
ATOM   1108 O O      . ASN B 1 58 ? 7.384   -3.549  8.520   1.00 31.02  ?  190 ASN B O      1 
ATOM   1109 C CB     . ASN B 1 58 ? 5.386   -3.149  10.756  1.00 22.95  ?  190 ASN B CB     1 
ATOM   1110 C CG     . ASN B 1 58 ? 5.932   -2.026  11.611  1.00 23.25  ?  190 ASN B CG     1 
ATOM   1111 O OD1    . ASN B 1 58 ? 6.951   -1.407  11.286  1.00 25.13  ?  190 ASN B OD1    1 
ATOM   1112 N ND2    . ASN B 1 58 ? 5.240   -1.737  12.705  1.00 32.68  ?  190 ASN B ND2    1 
ATOM   1113 N N      . PRO B 1 59 ? 6.927   -1.372  8.182   1.00 34.12  ?  191 PRO B N      1 
ATOM   1114 C CA     . PRO B 1 59 ? 8.148   -1.140  7.404   1.00 28.27  ?  191 PRO B CA     1 
ATOM   1115 C C      . PRO B 1 59 ? 9.437   -1.352  8.199   1.00 29.48  ?  191 PRO B C      1 
ATOM   1116 O O      . PRO B 1 59 ? 10.524  -1.327  7.610   1.00 29.26  ?  191 PRO B O      1 
ATOM   1117 C CB     . PRO B 1 59 ? 8.007   0.322   6.966   1.00 31.78  ?  191 PRO B CB     1 
ATOM   1118 C CG     . PRO B 1 59 ? 7.127   0.941   7.998   1.00 32.97  ?  191 PRO B CG     1 
ATOM   1119 C CD     . PRO B 1 59 ? 6.157   -0.135  8.394   1.00 27.20  ?  191 PRO B CD     1 
ATOM   1120 N N      . ASN B 1 60 ? 9.325   -1.564  9.507   1.00 22.91  ?  192 ASN B N      1 
ATOM   1121 C CA     . ASN B 1 60 ? 10.512  -1.694  10.346  1.00 29.46  ?  192 ASN B CA     1 
ATOM   1122 C C      . ASN B 1 60 ? 10.848  -3.127  10.762  1.00 33.12  ?  192 ASN B C      1 
ATOM   1123 O O      . ASN B 1 60 ? 11.855  -3.353  11.438  1.00 26.59  ?  192 ASN B O      1 
ATOM   1124 C CB     . ASN B 1 60 ? 10.362  -0.823  11.584  1.00 16.69  ?  192 ASN B CB     1 
ATOM   1125 C CG     . ASN B 1 60 ? 10.002  0.600   11.237  1.00 19.00  ?  192 ASN B CG     1 
ATOM   1126 O OD1    . ASN B 1 60 ? 10.875  1.438   11.020  1.00 26.18  ?  192 ASN B OD1    1 
ATOM   1127 N ND2    . ASN B 1 60 ? 8.709   0.887   11.190  1.00 27.13  ?  192 ASN B ND2    1 
ATOM   1128 N N      . ILE B 1 61 ? 10.006  -4.085  10.372  1.00 33.44  ?  193 ILE B N      1 
ATOM   1129 C CA     . ILE B 1 61 ? 10.257  -5.492  10.684  1.00 35.69  ?  193 ILE B CA     1 
ATOM   1130 C C      . ILE B 1 61 ? 11.247  -6.112  9.694   1.00 29.90  ?  193 ILE B C      1 
ATOM   1131 O O      . ILE B 1 61 ? 11.328  -5.707  8.539   1.00 38.14  ?  193 ILE B O      1 
ATOM   1132 C CB     . ILE B 1 61 ? 8.950   -6.335  10.707  1.00 34.04  ?  193 ILE B CB     1 
ATOM   1133 C CG1    . ILE B 1 61 ? 8.408   -6.588  9.297   1.00 25.87  ?  193 ILE B CG1    1 
ATOM   1134 C CG2    . ILE B 1 61 ? 7.922   -5.684  11.612  1.00 25.48  ?  193 ILE B CG2    1 
ATOM   1135 C CD1    . ILE B 1 61 ? 7.237   -7.524  9.269   1.00 31.54  ?  193 ILE B CD1    1 
ATOM   1136 N N      . ASN B 1 62 ? 12.012  -7.083  10.175  1.00 36.92  ?  194 ASN B N      1 
ATOM   1137 C CA     . ASN B 1 62 ? 12.988  -7.789  9.358   1.00 43.79  ?  194 ASN B CA     1 
ATOM   1138 C C      . ASN B 1 62 ? 12.359  -8.704  8.316   1.00 39.87  ?  194 ASN B C      1 
ATOM   1139 O O      . ASN B 1 62 ? 11.444  -9.467  8.624   1.00 38.62  ?  194 ASN B O      1 
ATOM   1140 C CB     . ASN B 1 62 ? 13.897  -8.626  10.264  1.00 40.18  ?  194 ASN B CB     1 
ATOM   1141 C CG     . ASN B 1 62 ? 14.925  -7.793  10.992  1.00 56.04  ?  194 ASN B CG     1 
ATOM   1142 O OD1    . ASN B 1 62 ? 14.985  -6.571  10.830  1.00 52.47  ?  194 ASN B OD1    1 
ATOM   1143 N ND2    . ASN B 1 62 ? 15.725  -8.449  11.832  1.00 54.63  ?  194 ASN B ND2    1 
ATOM   1144 N N      . LEU B 1 63 ? 12.823  -8.586  7.074   1.00 34.60  ?  195 LEU B N      1 
ATOM   1145 C CA     . LEU B 1 63 ? 12.427  -9.497  6.003   1.00 34.61  ?  195 LEU B CA     1 
ATOM   1146 C C      . LEU B 1 63 ? 13.198  -10.820 6.095   1.00 38.18  ?  195 LEU B C      1 
ATOM   1147 O O      . LEU B 1 63 ? 14.423  -10.825 6.256   1.00 37.74  ?  195 LEU B O      1 
ATOM   1148 C CB     . LEU B 1 63 ? 12.648  -8.849  4.636   1.00 22.22  ?  195 LEU B CB     1 
ATOM   1149 C CG     . LEU B 1 63 ? 11.893  -7.541  4.385   1.00 38.35  ?  195 LEU B CG     1 
ATOM   1150 C CD1    . LEU B 1 63 ? 12.303  -6.925  3.054   1.00 42.08  ?  195 LEU B CD1    1 
ATOM   1151 C CD2    . LEU B 1 63 ? 10.393  -7.775  4.426   1.00 29.55  ?  195 LEU B CD2    1 
ATOM   1152 N N      . GLU B 1 64 ? 12.491  -11.941 6.005   1.00 39.86  ?  196 GLU B N      1 
ATOM   1153 C CA     . GLU B 1 64 ? 13.158  -13.239 6.016   1.00 46.78  ?  196 GLU B CA     1 
ATOM   1154 C C      . GLU B 1 64 ? 13.288  -13.801 4.599   1.00 47.52  ?  196 GLU B C      1 
ATOM   1155 O O      . GLU B 1 64 ? 12.607  -13.352 3.677   1.00 49.44  ?  196 GLU B O      1 
ATOM   1156 C CB     . GLU B 1 64 ? 12.410  -14.226 6.913   1.00 32.01  ?  196 GLU B CB     1 
ATOM   1157 C CG     . GLU B 1 64 ? 12.172  -13.710 8.325   1.00 52.95  ?  196 GLU B CG     1 
ATOM   1158 C CD     . GLU B 1 64 ? 11.454  -14.716 9.199   1.00 68.25  ?  196 GLU B CD     1 
ATOM   1159 O OE1    . GLU B 1 64 ? 10.786  -15.624 8.647   1.00 60.61  ?  196 GLU B OE1    1 
ATOM   1160 O OE2    . GLU B 1 64 ? 11.551  -14.588 10.438  1.00 78.76  -1 196 GLU B OE2    1 
ATOM   1161 N N      . ILE B 1 65 ? 14.161  -14.787 4.434   1.00 40.97  ?  197 ILE B N      1 
ATOM   1162 C CA     . ILE B 1 65 ? 14.360  -15.421 3.139   1.00 50.54  ?  197 ILE B CA     1 
ATOM   1163 C C      . ILE B 1 65 ? 13.087  -16.164 2.739   1.00 37.47  ?  197 ILE B C      1 
ATOM   1164 O O      . ILE B 1 65 ? 12.473  -16.848 3.555   1.00 46.88  ?  197 ILE B O      1 
ATOM   1165 C CB     . ILE B 1 65 ? 15.553  -16.408 3.161   1.00 48.44  ?  197 ILE B CB     1 
ATOM   1166 C CG1    . ILE B 1 65 ? 16.676  -15.861 4.045   1.00 53.27  ?  197 ILE B CG1    1 
ATOM   1167 C CG2    . ILE B 1 65 ? 16.036  -16.693 1.740   1.00 36.70  ?  197 ILE B CG2    1 
ATOM   1168 C CD1    . ILE B 1 65 ? 17.681  -16.892 4.495   1.00 75.26  ?  197 ILE B CD1    1 
ATOM   1169 N N      . GLY B 1 66 ? 12.672  -16.011 1.491   1.00 46.72  ?  198 GLY B N      1 
ATOM   1170 C CA     . GLY B 1 66 ? 11.496  -16.716 1.015   1.00 54.04  ?  198 GLY B CA     1 
ATOM   1171 C C      . GLY B 1 66 ? 10.206  -15.939 1.186   1.00 43.83  ?  198 GLY B C      1 
ATOM   1172 O O      . GLY B 1 66 ? 9.148   -16.375 0.734   1.00 57.18  ?  198 GLY B O      1 
ATOM   1173 N N      . ASP B 1 67 ? 10.286  -14.793 1.852   1.00 35.17  ?  199 ASP B N      1 
ATOM   1174 C CA     . ASP B 1 67 ? 9.136   -13.914 1.948   1.00 35.09  ?  199 ASP B CA     1 
ATOM   1175 C C      . ASP B 1 67 ? 8.730   -13.465 0.544   1.00 46.23  ?  199 ASP B C      1 
ATOM   1176 O O      . ASP B 1 67 ? 9.572   -13.069 -0.264  1.00 41.59  ?  199 ASP B O      1 
ATOM   1177 C CB     . ASP B 1 67 ? 9.427   -12.702 2.838   1.00 45.78  ?  199 ASP B CB     1 
ATOM   1178 C CG     . ASP B 1 67 ? 9.330   -13.025 4.321   1.00 56.30  ?  199 ASP B CG     1 
ATOM   1179 O OD1    . ASP B 1 67 ? 8.667   -14.028 4.661   1.00 58.78  ?  199 ASP B OD1    1 
ATOM   1180 O OD2    . ASP B 1 67 ? 9.898   -12.273 5.149   1.00 48.19  -1 199 ASP B OD2    1 
ATOM   1181 N N      . ILE B 1 68 ? 7.446   -13.595 0.241   1.00 45.44  ?  200 ILE B N      1 
ATOM   1182 C CA     . ILE B 1 68 ? 6.916   -13.176 -1.045  1.00 40.82  ?  200 ILE B CA     1 
ATOM   1183 C C      . ILE B 1 68 ? 6.252   -11.808 -0.929  1.00 38.04  ?  200 ILE B C      1 
ATOM   1184 O O      . ILE B 1 68 ? 5.179   -11.681 -0.336  1.00 46.24  ?  200 ILE B O      1 
ATOM   1185 C CB     . ILE B 1 68 ? 5.891   -14.179 -1.588  1.00 49.11  ?  200 ILE B CB     1 
ATOM   1186 C CG1    . ILE B 1 68 ? 6.511   -15.575 -1.704  1.00 42.49  ?  200 ILE B CG1    1 
ATOM   1187 C CG2    . ILE B 1 68 ? 5.350   -13.701 -2.928  1.00 43.35  ?  200 ILE B CG2    1 
ATOM   1188 C CD1    . ILE B 1 68 ? 5.505   -16.650 -2.074  1.00 30.23  ?  200 ILE B CD1    1 
ATOM   1189 N N      . LEU B 1 69 ? 6.901   -10.790 -1.488  1.00 42.18  ?  201 LEU B N      1 
ATOM   1190 C CA     . LEU B 1 69 ? 6.386   -9.423  -1.479  1.00 27.21  ?  201 LEU B CA     1 
ATOM   1191 C C      . LEU B 1 69 ? 5.357   -9.188  -2.580  1.00 26.64  ?  201 LEU B C      1 
ATOM   1192 O O      . LEU B 1 69 ? 5.599   -9.517  -3.744  1.00 35.85  ?  201 LEU B O      1 
ATOM   1193 C CB     . LEU B 1 69 ? 7.524   -8.424  -1.637  1.00 33.07  ?  201 LEU B CB     1 
ATOM   1194 C CG     . LEU B 1 69 ? 8.762   -8.608  -0.766  1.00 24.81  ?  201 LEU B CG     1 
ATOM   1195 C CD1    . LEU B 1 69 ? 9.675   -7.396  -0.919  1.00 35.40  ?  201 LEU B CD1    1 
ATOM   1196 C CD2    . LEU B 1 69 ? 8.393   -8.838  0.681   1.00 45.26  ?  201 LEU B CD2    1 
ATOM   1197 N N      . ILE B 1 70 ? 4.208   -8.632  -2.215  1.00 26.50  ?  202 ILE B N      1 
ATOM   1198 C CA     . ILE B 1 70 ? 3.191   -8.276  -3.202  1.00 35.08  ?  202 ILE B CA     1 
ATOM   1199 C C      . ILE B 1 70 ? 3.275   -6.769  -3.521  1.00 32.54  ?  202 ILE B C      1 
ATOM   1200 O O      . ILE B 1 70 ? 3.117   -5.920  -2.644  1.00 25.83  ?  202 ILE B O      1 
ATOM   1201 C CB     . ILE B 1 70 ? 1.791   -8.667  -2.726  1.00 31.45  ?  202 ILE B CB     1 
ATOM   1202 C CG1    . ILE B 1 70 ? 1.796   -10.125 -2.261  1.00 29.26  ?  202 ILE B CG1    1 
ATOM   1203 C CG2    . ILE B 1 70 ? 0.782   -8.459  -3.839  1.00 19.06  ?  202 ILE B CG2    1 
ATOM   1204 C CD1    . ILE B 1 70 ? 0.456   -10.630 -1.784  1.00 45.18  ?  202 ILE B CD1    1 
ATOM   1205 N N      . MET B 1 71 ? 3.612   -6.455  -4.769  1.00 38.24  ?  203 MET B N      1 
ATOM   1206 C CA     . MET B 1 71 ? 3.979   -5.098  -5.180  1.00 27.38  ?  203 MET B CA     1 
ATOM   1207 C C      . MET B 1 71 ? 3.065   -4.456  -6.217  1.00 28.68  ?  203 MET B C      1 
ATOM   1208 O O      . MET B 1 71 ? 2.428   -5.145  -7.004  1.00 30.78  ?  203 MET B O      1 
ATOM   1209 C CB     . MET B 1 71 ? 5.398   -5.101  -5.733  1.00 18.09  ?  203 MET B CB     1 
ATOM   1210 C CG     . MET B 1 71 ? 6.404   -5.745  -4.817  1.00 32.19  ?  203 MET B CG     1 
ATOM   1211 S SD     . MET B 1 71 ? 8.010   -5.835  -5.602  1.00 52.94  ?  203 MET B SD     1 
ATOM   1212 C CE     . MET B 1 71 ? 7.561   -6.645  -7.135  1.00 59.04  ?  203 MET B CE     1 
ATOM   1213 N N      . ILE B 1 72 ? 3.009   -3.128  -6.221  1.00 29.46  ?  204 ILE B N      1 
ATOM   1214 C CA     . ILE B 1 72 ? 2.286   -2.410  -7.259  1.00 18.70  ?  204 ILE B CA     1 
ATOM   1215 C C      . ILE B 1 72 ? 3.123   -1.239  -7.749  1.00 31.53  ?  204 ILE B C      1 
ATOM   1216 O O      . ILE B 1 72 ? 3.750   -0.519  -6.967  1.00 38.42  ?  204 ILE B O      1 
ATOM   1217 C CB     . ILE B 1 72 ? 0.898   -1.898  -6.785  1.00 30.23  ?  204 ILE B CB     1 
ATOM   1218 C CG1    . ILE B 1 72 ? 0.072   -1.401  -7.975  1.00 16.33  ?  204 ILE B CG1    1 
ATOM   1219 C CG2    . ILE B 1 72 ? 1.027   -0.841  -5.690  1.00 19.24  ?  204 ILE B CG2    1 
ATOM   1220 C CD1    . ILE B 1 72 ? -1.349  -1.073  -7.625  1.00 22.75  ?  204 ILE B CD1    1 
ATOM   1221 N N      . GLY B 1 73 ? 3.171   -1.089  -9.065  1.00 32.56  ?  205 GLY B N      1 
ATOM   1222 C CA     . GLY B 1 73 ? 3.925   -0.018  -9.675  1.00 25.63  ?  205 GLY B CA     1 
ATOM   1223 C C      . GLY B 1 73 ? 4.014   -0.253  -11.162 1.00 32.02  ?  205 GLY B C      1 
ATOM   1224 O O      . GLY B 1 73 ? 3.483   -1.238  -11.681 1.00 36.41  ?  205 GLY B O      1 
ATOM   1225 N N      . HIS B 1 74 ? 4.698   0.652   -11.846 1.00 30.58  ?  206 HIS B N      1 
ATOM   1226 C CA     . HIS B 1 74 ? 4.920   0.530   -13.276 1.00 23.17  ?  206 HIS B CA     1 
ATOM   1227 C C      . HIS B 1 74 ? 5.877   -0.612  -13.554 1.00 29.68  ?  206 HIS B C      1 
ATOM   1228 O O      . HIS B 1 74 ? 6.760   -0.897  -12.740 1.00 27.30  ?  206 HIS B O      1 
ATOM   1229 C CB     . HIS B 1 74 ? 5.449   1.841   -13.833 1.00 34.83  ?  206 HIS B CB     1 
ATOM   1230 C CG     . HIS B 1 74 ? 4.509   2.990   -13.644 1.00 24.92  ?  206 HIS B CG     1 
ATOM   1231 N ND1    . HIS B 1 74 ? 4.928   4.236   -13.234 1.00 19.13  ?  206 HIS B ND1    1 
ATOM   1232 C CD2    . HIS B 1 74 ? 3.167   3.078   -13.806 1.00 21.89  ?  206 HIS B CD2    1 
ATOM   1233 C CE1    . HIS B 1 74 ? 3.885   5.044   -13.155 1.00 34.21  ?  206 HIS B CE1    1 
ATOM   1234 N NE2    . HIS B 1 74 ? 2.805   4.366   -13.498 1.00 22.94  ?  206 HIS B NE2    1 
ATOM   1235 N N      . ASP B 1 75 ? 5.691   -1.285  -14.685 1.00 26.97  ?  207 ASP B N      1 
ATOM   1236 C CA     . ASP B 1 75 ? 6.514   -2.444  -15.017 1.00 32.60  ?  207 ASP B CA     1 
ATOM   1237 C C      . ASP B 1 75 ? 7.985   -2.056  -15.127 1.00 32.98  ?  207 ASP B C      1 
ATOM   1238 O O      . ASP B 1 75 ? 8.872   -2.855  -14.839 1.00 32.14  ?  207 ASP B O      1 
ATOM   1239 C CB     . ASP B 1 75 ? 6.031   -3.105  -16.308 1.00 36.49  ?  207 ASP B CB     1 
ATOM   1240 C CG     . ASP B 1 75 ? 4.772   -3.937  -16.104 1.00 44.50  ?  207 ASP B CG     1 
ATOM   1241 O OD1    . ASP B 1 75 ? 3.655   -3.377  -16.168 1.00 61.11  ?  207 ASP B OD1    1 
ATOM   1242 O OD2    . ASP B 1 75 ? 4.903   -5.159  -15.885 1.00 48.39  -1 207 ASP B OD2    1 
ATOM   1243 N N      . ASN B 1 76 ? 8.239   -0.815  -15.525 1.00 37.65  ?  208 ASN B N      1 
ATOM   1244 C CA     . ASN B 1 76 ? 9.602   -0.327  -15.647 1.00 40.27  ?  208 ASN B CA     1 
ATOM   1245 C C      . ASN B 1 76 ? 10.292  -0.239  -14.284 1.00 33.49  ?  208 ASN B C      1 
ATOM   1246 O O      . ASN B 1 76 ? 11.500  -0.466  -14.171 1.00 35.99  ?  208 ASN B O      1 
ATOM   1247 C CB     . ASN B 1 76 ? 9.583   1.038   -16.348 1.00 33.26  ?  208 ASN B CB     1 
ATOM   1248 C CG     . ASN B 1 76 ? 10.917  1.745   -16.314 1.00 28.62  ?  208 ASN B CG     1 
ATOM   1249 O OD1    . ASN B 1 76 ? 11.009  2.888   -15.863 1.00 44.76  ?  208 ASN B OD1    1 
ATOM   1250 N ND2    . ASN B 1 76 ? 11.960  1.079   -16.802 1.00 33.12  ?  208 ASN B ND2    1 
ATOM   1251 N N      . ASP B 1 77 ? 9.504   0.054   -13.253 1.00 38.79  ?  209 ASP B N      1 
ATOM   1252 C CA     . ASP B 1 77 ? 9.991   0.161   -11.878 1.00 33.52  ?  209 ASP B CA     1 
ATOM   1253 C C      . ASP B 1 77 ? 10.092  -1.194  -11.159 1.00 29.61  ?  209 ASP B C      1 
ATOM   1254 O O      . ASP B 1 77 ? 11.046  -1.439  -10.420 1.00 23.11  ?  209 ASP B O      1 
ATOM   1255 C CB     . ASP B 1 77 ? 9.089   1.104   -11.100 1.00 21.33  ?  209 ASP B CB     1 
ATOM   1256 C CG     . ASP B 1 77 ? 9.057   2.490   -11.700 1.00 33.30  ?  209 ASP B CG     1 
ATOM   1257 O OD1    . ASP B 1 77 ? 10.122  2.962   -12.163 1.00 44.93  ?  209 ASP B OD1    1 
ATOM   1258 O OD2    . ASP B 1 77 ? 7.957   3.093   -11.740 1.00 34.36  -1 209 ASP B OD2    1 
ATOM   1259 N N      . LEU B 1 78 ? 9.099   -2.057  -11.371 1.00 28.88  ?  210 LEU B N      1 
ATOM   1260 C CA     . LEU B 1 78 ? 9.102   -3.422  -10.833 1.00 28.39  ?  210 LEU B CA     1 
ATOM   1261 C C      . LEU B 1 78 ? 10.266  -4.239  -11.355 1.00 33.76  ?  210 LEU B C      1 
ATOM   1262 O O      . LEU B 1 78 ? 10.885  -5.011  -10.615 1.00 43.56  ?  210 LEU B O      1 
ATOM   1263 C CB     . LEU B 1 78 ? 7.803   -4.147  -11.181 1.00 19.55  ?  210 LEU B CB     1 
ATOM   1264 C CG     . LEU B 1 78 ? 6.536   -3.578  -10.566 1.00 22.15  ?  210 LEU B CG     1 
ATOM   1265 C CD1    . LEU B 1 78 ? 5.313   -4.139  -11.260 1.00 19.34  ?  210 LEU B CD1    1 
ATOM   1266 C CD2    . LEU B 1 78 ? 6.525   -3.917  -9.092  1.00 27.50  ?  210 LEU B CD2    1 
ATOM   1267 N N      . ASN B 1 79 ? 10.526  -4.095  -12.650 1.00 31.37  ?  211 ASN B N      1 
ATOM   1268 C CA     . ASN B 1 79 ? 11.612  -4.811  -13.291 1.00 30.46  ?  211 ASN B CA     1 
ATOM   1269 C C      . ASN B 1 79 ? 12.965  -4.370  -12.765 1.00 35.24  ?  211 ASN B C      1 
ATOM   1270 O O      . ASN B 1 79 ? 13.881  -5.177  -12.668 1.00 48.95  ?  211 ASN B O      1 
ATOM   1271 C CB     . ASN B 1 79 ? 11.553  -4.635  -14.809 1.00 30.52  ?  211 ASN B CB     1 
ATOM   1272 C CG     . ASN B 1 79 ? 12.698  -5.335  -15.523 1.00 41.15  ?  211 ASN B CG     1 
ATOM   1273 O OD1    . ASN B 1 79 ? 12.573  -6.477  -15.972 1.00 44.12  ?  211 ASN B OD1    1 
ATOM   1274 N ND2    . ASN B 1 79 ? 13.822  -4.642  -15.636 1.00 32.84  ?  211 ASN B ND2    1 
ATOM   1275 N N      . ARG B 1 80 ? 13.105  -3.092  -12.429 1.00 34.03  ?  212 ARG B N      1 
ATOM   1276 C CA     . ARG B 1 80 ? 14.394  -2.639  -11.947 1.00 36.74  ?  212 ARG B CA     1 
ATOM   1277 C C      . ARG B 1 80 ? 14.621  -3.218  -10.561 1.00 38.91  ?  212 ARG B C      1 
ATOM   1278 O O      . ARG B 1 80 ? 15.715  -3.672  -10.238 1.00 54.19  ?  212 ARG B O      1 
ATOM   1279 C CB     . ARG B 1 80 ? 14.495  -1.118  -11.886 1.00 32.11  ?  212 ARG B CB     1 
ATOM   1280 C CG     . ARG B 1 80 ? 15.937  -0.660  -12.061 1.00 54.98  ?  212 ARG B CG     1 
ATOM   1281 C CD     . ARG B 1 80 ? 16.357  0.439   -11.110 1.00 47.96  ?  212 ARG B CD     1 
ATOM   1282 N NE     . ARG B 1 80 ? 15.366  1.487   -10.959 1.00 26.01  ?  212 ARG B NE     1 
ATOM   1283 C CZ     . ARG B 1 80 ? 15.429  2.420   -10.016 1.00 45.91  ?  212 ARG B CZ     1 
ATOM   1284 N NH1    . ARG B 1 80 ? 16.465  2.453   -9.187  1.00 25.27  1  212 ARG B NH1    1 
ATOM   1285 N NH2    . ARG B 1 80 ? 14.475  3.339   -9.922  1.00 54.89  ?  212 ARG B NH2    1 
ATOM   1286 N N      . PHE B 1 81 ? 13.566  -3.232  -9.753  1.00 38.62  ?  213 PHE B N      1 
ATOM   1287 C CA     . PHE B 1 81 ? 13.648  -3.745  -8.389  1.00 47.56  ?  213 PHE B CA     1 
ATOM   1288 C C      . PHE B 1 81 ? 13.951  -5.237  -8.391  1.00 44.53  ?  213 PHE B C      1 
ATOM   1289 O O      . PHE B 1 81 ? 14.776  -5.705  -7.611  1.00 46.45  ?  213 PHE B O      1 
ATOM   1290 C CB     . PHE B 1 81 ? 12.343  -3.460  -7.646  1.00 44.75  ?  213 PHE B CB     1 
ATOM   1291 C CG     . PHE B 1 81 ? 12.301  -3.989  -6.238  1.00 47.60  ?  213 PHE B CG     1 
ATOM   1292 C CD1    . PHE B 1 81 ? 13.133  -3.467  -5.260  1.00 45.55  ?  213 PHE B CD1    1 
ATOM   1293 C CD2    . PHE B 1 81 ? 11.390  -4.973  -5.877  1.00 51.88  ?  213 PHE B CD2    1 
ATOM   1294 C CE1    . PHE B 1 81 ? 13.084  -3.946  -3.951  1.00 43.40  ?  213 PHE B CE1    1 
ATOM   1295 C CE2    . PHE B 1 81 ? 11.333  -5.451  -4.569  1.00 34.63  ?  213 PHE B CE2    1 
ATOM   1296 C CZ     . PHE B 1 81 ? 12.182  -4.937  -3.611  1.00 33.79  ?  213 PHE B CZ     1 
ATOM   1297 N N      . GLU B 1 82 ? 13.330  -5.965  -9.315  1.00 40.36  ?  214 GLU B N      1 
ATOM   1298 C CA     . GLU B 1 82 ? 13.530  -7.406  -9.424  1.00 35.78  ?  214 GLU B CA     1 
ATOM   1299 C C      . GLU B 1 82 ? 14.973  -7.723  -9.819  1.00 42.98  ?  214 GLU B C      1 
ATOM   1300 O O      . GLU B 1 82 ? 15.532  -8.733  -9.389  1.00 55.07  ?  214 GLU B O      1 
ATOM   1301 C CB     . GLU B 1 82 ? 12.549  -7.997  -10.444 1.00 50.93  ?  214 GLU B CB     1 
ATOM   1302 C CG     . GLU B 1 82 ? 12.625  -9.514  -10.630 1.00 58.44  ?  214 GLU B CG     1 
ATOM   1303 C CD     . GLU B 1 82 ? 11.565  -10.031 -11.599 1.00 67.04  ?  214 GLU B CD     1 
ATOM   1304 O OE1    . GLU B 1 82 ? 11.464  -11.264 -11.783 1.00 59.75  ?  214 GLU B OE1    1 
ATOM   1305 O OE2    . GLU B 1 82 ? 10.831  -9.199  -12.177 1.00 79.85  -1 214 GLU B OE2    1 
ATOM   1306 N N      . LYS B 1 83 ? 15.575  -6.849  -10.623 1.00 40.89  ?  215 LYS B N      1 
ATOM   1307 C CA     . LYS B 1 83 ? 16.938  -7.055  -11.103 1.00 34.06  ?  215 LYS B CA     1 
ATOM   1308 C C      . LYS B 1 83 ? 17.990  -6.604  -10.096 1.00 37.27  ?  215 LYS B C      1 
ATOM   1309 O O      . LYS B 1 83 ? 19.095  -7.136  -10.063 1.00 40.17  ?  215 LYS B O      1 
ATOM   1310 C CB     . LYS B 1 83 ? 17.162  -6.296  -12.414 1.00 34.33  ?  215 LYS B CB     1 
ATOM   1311 C CG     . LYS B 1 83 ? 17.057  -7.124  -13.685 1.00 50.39  ?  215 LYS B CG     1 
ATOM   1312 C CD     . LYS B 1 83 ? 15.676  -7.710  -13.930 1.00 44.24  ?  215 LYS B CD     1 
ATOM   1313 C CE     . LYS B 1 83 ? 15.647  -8.414  -15.291 1.00 59.25  ?  215 LYS B CE     1 
ATOM   1314 N NZ     . LYS B 1 83 ? 14.292  -8.904  -15.673 1.00 69.50  1  215 LYS B NZ     1 
ATOM   1315 N N      . ASN B 1 84 ? 17.619  -5.661  -9.239  1.00 40.86  ?  216 ASN B N      1 
ATOM   1316 C CA     . ASN B 1 84 ? 18.533  -5.131  -8.237  1.00 34.50  ?  216 ASN B CA     1 
ATOM   1317 C C      . ASN B 1 84 ? 18.621  -6.018  -6.999  1.00 50.96  ?  216 ASN B C      1 
ATOM   1318 O O      . ASN B 1 84 ? 19.163  -5.608  -5.972  1.00 60.57  ?  216 ASN B O      1 
ATOM   1319 C CB     . ASN B 1 84 ? 18.112  -3.713  -7.833  1.00 34.40  ?  216 ASN B CB     1 
ATOM   1320 C CG     . ASN B 1 84 ? 18.552  -2.648  -8.842  1.00 46.84  ?  216 ASN B CG     1 
ATOM   1321 O OD1    . ASN B 1 84 ? 19.501  -1.904  -8.600  1.00 52.43  ?  216 ASN B OD1    1 
ATOM   1322 N ND2    . ASN B 1 84 ? 17.868  -2.580  -9.976  1.00 62.38  ?  216 ASN B ND2    1 
ATOM   1323 N N      . ILE B 1 85 ? 18.070  -7.225  -7.085  1.00 44.25  ?  217 ILE B N      1 
ATOM   1324 C CA     . ILE B 1 85 ? 18.093  -8.152  -5.957  1.00 38.12  ?  217 ILE B CA     1 
ATOM   1325 C C      . ILE B 1 85 ? 18.497  -9.576  -6.366  1.00 53.63  ?  217 ILE B C      1 
ATOM   1326 O O      . ILE B 1 85 ? 18.398  -9.968  -7.538  1.00 45.27  ?  217 ILE B O      1 
ATOM   1327 C CB     . ILE B 1 85 ? 16.721  -8.209  -5.257  1.00 33.88  ?  217 ILE B CB     1 
ATOM   1328 C CG1    . ILE B 1 85 ? 15.686  -8.865  -6.169  1.00 30.14  ?  217 ILE B CG1    1 
ATOM   1329 C CG2    . ILE B 1 85 ? 16.268  -6.823  -4.828  1.00 27.22  ?  217 ILE B CG2    1 
ATOM   1330 C CD1    . ILE B 1 85 ? 14.295  -8.812  -5.623  1.00 29.69  ?  217 ILE B CD1    1 
HETATM 1331 P P      . 2BA C 2 .  ? 7.434   5.266   6.709   1.00 28.13  ?  301 2BA A P      1 
HETATM 1332 O O1P    . 2BA C 2 .  ? 6.236   4.406   6.831   1.00 29.80  -1 301 2BA A O1P    1 
HETATM 1333 O O2P    . 2BA C 2 .  ? 8.206   5.134   7.985   1.00 29.19  ?  301 2BA A O2P    1 
HETATM 1334 O "O5'"  . 2BA C 2 .  ? 8.349   4.711   5.514   1.00 24.10  ?  301 2BA A "O5'"  1 
HETATM 1335 C "C5'"  . 2BA C 2 .  ? 9.580   5.388   5.201   1.00 19.19  ?  301 2BA A "C5'"  1 
HETATM 1336 C "C4'"  . 2BA C 2 .  ? 10.122  4.858   3.934   1.00 23.80  ?  301 2BA A "C4'"  1 
HETATM 1337 O "O4'"  . 2BA C 2 .  ? 10.149  3.362   3.912   1.00 25.45  ?  301 2BA A "O4'"  1 
HETATM 1338 C "C3'"  . 2BA C 2 .  ? 9.256   5.257   2.829   1.00 22.95  ?  301 2BA A "C3'"  1 
HETATM 1339 O "O3'"  . 2BA C 2 .  ? 9.713   6.526   2.283   1.00 28.92  ?  301 2BA A "O3'"  1 
HETATM 1340 C "C2'"  . 2BA C 2 .  ? 9.401   4.224   1.825   1.00 32.26  ?  301 2BA A "C2'"  1 
HETATM 1341 O "O2'"  . 2BA C 2 .  ? 10.538  4.505   0.959   1.00 28.45  ?  301 2BA A "O2'"  1 
HETATM 1342 C "C1'"  . 2BA C 2 .  ? 9.629   2.973   2.581   1.00 19.51  ?  301 2BA A "C1'"  1 
HETATM 1343 N N9     . 2BA C 2 .  ? 8.422   2.299   2.760   1.00 33.94  ?  301 2BA A N9     1 
HETATM 1344 C C8     . 2BA C 2 .  ? 7.944   2.302   3.861   1.00 32.24  ?  301 2BA A C8     1 
HETATM 1345 N N7     . 2BA C 2 .  ? 6.776   1.596   3.847   1.00 24.09  ?  301 2BA A N7     1 
HETATM 1346 C C5     . 2BA C 2 .  ? 6.739   1.201   2.397   1.00 20.60  ?  301 2BA A C5     1 
HETATM 1347 C C6     . 2BA C 2 .  ? 5.936   0.489   1.518   1.00 22.10  ?  301 2BA A C6     1 
HETATM 1348 N N6     . 2BA C 2 .  ? 4.762   -0.085  2.013   1.00 18.30  ?  301 2BA A N6     1 
HETATM 1349 N N1     . 2BA C 2 .  ? 6.238   0.330   0.220   1.00 23.42  ?  301 2BA A N1     1 
HETATM 1350 C C2     . 2BA C 2 .  ? 7.332   0.854   -0.272  1.00 18.80  ?  301 2BA A C2     1 
HETATM 1351 N N3     . 2BA C 2 .  ? 8.158   1.553   0.483   1.00 22.07  ?  301 2BA A N3     1 
HETATM 1352 C C4     . 2BA C 2 .  ? 7.923   1.754   1.799   1.00 33.07  ?  301 2BA A C4     1 
HETATM 1353 P P1     . 2BA C 2 .  ? 8.565   7.554   1.815   1.00 32.74  ?  301 2BA A P1     1 
HETATM 1354 O O1P1   . 2BA C 2 .  ? 7.842   6.879   0.703   1.00 26.60  -1 301 2BA A O1P1   1 
HETATM 1355 O O2P1   . 2BA C 2 .  ? 9.232   8.770   1.269   1.00 27.35  ?  301 2BA A O2P1   1 
HETATM 1356 O "O5'1" . 2BA C 2 .  ? 7.454   7.979   2.887   1.00 26.93  ?  301 2BA A "O5'1" 1 
HETATM 1357 C "C5'1" . 2BA C 2 .  ? 7.820   8.570   4.123   1.00 17.93  ?  301 2BA A "C5'1" 1 
HETATM 1358 C "C4'1" . 2BA C 2 .  ? 6.628   8.557   4.998   1.00 21.92  ?  301 2BA A "C4'1" 1 
HETATM 1359 O "O4'1" . 2BA C 2 .  ? 5.448   9.096   4.271   1.00 22.64  ?  301 2BA A "O4'1" 1 
HETATM 1360 C "C3'1" . 2BA C 2 .  ? 6.272   7.174   5.356   1.00 24.73  ?  301 2BA A "C3'1" 1 
HETATM 1361 O "O3'1" . 2BA C 2 .  ? 6.906   6.771   6.595   1.00 30.49  ?  301 2BA A "O3'1" 1 
HETATM 1362 C "C2'1" . 2BA C 2 .  ? 4.828   7.171   5.523   1.00 31.35  ?  301 2BA A "C2'1" 1 
HETATM 1363 O "O2'1" . 2BA C 2 .  ? 4.515   7.564   6.883   1.00 32.48  ?  301 2BA A "O2'1" 1 
HETATM 1364 C "C1'1" . 2BA C 2 .  ? 4.313   8.179   4.580   1.00 21.33  ?  301 2BA A "C1'1" 1 
HETATM 1365 N N91    . 2BA C 2 .  ? 3.852   7.566   3.399   1.00 31.32  ?  301 2BA A N91    1 
HETATM 1366 C C81    . 2BA C 2 .  ? 4.468   7.739   2.358   1.00 21.66  ?  301 2BA A C81    1 
HETATM 1367 N N71    . 2BA C 2 .  ? 3.892   7.074   1.306   1.00 20.72  ?  301 2BA A N71    1 
HETATM 1368 C C51    . 2BA C 2 .  ? 2.743   6.460   2.070   1.00 28.42  ?  301 2BA A C51    1 
HETATM 1369 C C61    . 2BA C 2 .  ? 1.647   5.633   1.801   1.00 26.57  ?  301 2BA A C61    1 
HETATM 1370 N N61    . 2BA C 2 .  ? 1.428   5.155   0.476   1.00 35.30  ?  301 2BA A N61    1 
HETATM 1371 N N11    . 2BA C 2 .  ? 0.796   5.267   2.729   1.00 26.91  ?  301 2BA A N11    1 
HETATM 1372 C C21    . 2BA C 2 .  ? 0.933   5.676   3.983   1.00 22.07  ?  301 2BA A C21    1 
HETATM 1373 N N31    . 2BA C 2 .  ? 1.939   6.471   4.368   1.00 26.08  ?  301 2BA A N31    1 
HETATM 1374 C C41    . 2BA C 2 .  ? 2.861   6.891   3.465   1.00 30.31  ?  301 2BA A C41    1 
HETATM 1375 O O      . HOH D 3 .  ? -2.998  -0.781  10.041  1.00 19.31  ?  401 HOH A O      1 
HETATM 1376 O O      . HOH D 3 .  ? -0.676  5.798   -11.272 1.00 31.06  ?  402 HOH A O      1 
HETATM 1377 O O      . HOH D 3 .  ? 4.769   6.226   -8.918  1.00 45.55  ?  403 HOH A O      1 
HETATM 1378 O O      . HOH D 3 .  ? 6.120   4.463   0.836   1.00 24.30  ?  404 HOH A O      1 
HETATM 1379 O O      . HOH D 3 .  ? -12.938 -6.895  6.138   1.00 32.46  ?  405 HOH A O      1 
HETATM 1380 O O      . HOH D 3 .  ? -9.519  15.268  -6.899  1.00 43.41  ?  406 HOH A O      1 
HETATM 1381 O O      . HOH D 3 .  ? -12.463 10.624  -7.194  1.00 39.54  ?  407 HOH A O      1 
HETATM 1382 O O      . HOH D 3 .  ? -7.703  -8.635  -8.891  1.00 30.03  ?  408 HOH A O      1 
HETATM 1383 O O      . HOH D 3 .  ? -1.206  19.112  -5.487  1.00 38.24  ?  409 HOH A O      1 
HETATM 1384 O O      . HOH D 3 .  ? -15.185 9.890   2.427   1.00 39.49  ?  410 HOH A O      1 
HETATM 1385 O O      . HOH E 3 .  ? 17.579  -3.895  9.954   1.00 28.59  ?  301 HOH B O      1 
HETATM 1386 O O      . HOH E 3 .  ? 10.513  10.794  -3.228  1.00 20.03  ?  302 HOH B O      1 
HETATM 1387 O O      . HOH E 3 .  ? 5.744   2.606   -10.152 1.00 24.04  ?  303 HOH B O      1 
HETATM 1388 O O      . HOH E 3 .  ? 8.004   -13.714 12.574  1.00 50.03  ?  304 HOH B O      1 
HETATM 1389 O O      . HOH E 3 .  ? 6.419   -14.915 11.653  1.00 40.08  ?  305 HOH B O      1 
HETATM 1390 O O      . HOH E 3 .  ? 4.545   3.321   -1.127  1.00 27.03  ?  306 HOH B O      1 
HETATM 1391 O O      . HOH E 3 .  ? -8.704  -7.091  -11.159 1.00 27.36  ?  307 HOH B O      1 
HETATM 1392 O O      . HOH E 3 .  ? -2.071  -10.145 -10.377 1.00 31.51  ?  308 HOH B O      1 
HETATM 1393 O O      . HOH E 3 .  ? 17.485  -0.360  -2.496  1.00 32.82  ?  309 HOH B O      1 
HETATM 1394 O O      . HOH E 3 .  ? -15.028 0.817   2.928   1.00 45.28  ?  310 HOH B O      1 
# 
loop_
_pdbx_poly_seq_scheme.asym_id 
_pdbx_poly_seq_scheme.entity_id 
_pdbx_poly_seq_scheme.seq_id 
_pdbx_poly_seq_scheme.mon_id 
_pdbx_poly_seq_scheme.ndb_seq_num 
_pdbx_poly_seq_scheme.pdb_seq_num 
_pdbx_poly_seq_scheme.auth_seq_num 
_pdbx_poly_seq_scheme.pdb_mon_id 
_pdbx_poly_seq_scheme.auth_mon_id 
_pdbx_poly_seq_scheme.pdb_strand_id 
_pdbx_poly_seq_scheme.pdb_ins_code 
_pdbx_poly_seq_scheme.hetero 
A 1 1  ALA 1  133 133 ALA ALA A . n 
A 1 2  SER 2  134 134 SER SER A . n 
A 1 3  ALA 3  135 135 ALA ALA A . n 
A 1 4  SER 4  136 136 SER SER A . n 
A 1 5  VAL 5  137 137 VAL VAL A . n 
A 1 6  LEU 6  138 138 LEU LEU A . n 
A 1 7  ASP 7  139 139 ASP ASP A . n 
A 1 8  TYR 8  140 140 TYR TYR A . n 
A 1 9  LEU 9  141 141 LEU LEU A . n 
A 1 10 GLU 10 142 142 GLU GLU A . n 
A 1 11 LEU 11 143 143 LEU LEU A . n 
A 1 12 ALA 12 144 144 ALA ALA A . n 
A 1 13 ASP 13 145 145 ASP ASP A . n 
A 1 14 GLU 14 146 146 GLU GLU A . n 
A 1 15 HIS 15 147 147 HIS HIS A . n 
A 1 16 SER 16 148 148 SER SER A . n 
A 1 17 ILE 17 149 149 ILE ILE A . n 
A 1 18 VAL 18 150 150 VAL VAL A . n 
A 1 19 GLU 19 151 151 GLU GLU A . n 
A 1 20 LEU 20 152 152 LEU LEU A . n 
A 1 21 LYS 21 153 153 LYS LYS A . n 
A 1 22 ALA 22 154 154 ALA ALA A . n 
A 1 23 THR 23 155 155 THR THR A . n 
A 1 24 GLU 24 156 156 GLU GLU A . n 
A 1 25 LYS 25 157 157 LYS LYS A . n 
A 1 26 MET 26 158 158 MET MET A . n 
A 1 27 ALA 27 159 159 ALA ALA A . n 
A 1 28 GLY 28 160 160 GLY GLY A . n 
A 1 29 GLN 29 161 161 GLN GLN A . n 
A 1 30 SER 30 162 162 SER SER A . n 
A 1 31 ILE 31 163 163 ILE ILE A . n 
A 1 32 ILE 32 164 164 ILE ILE A . n 
A 1 33 ASP 33 165 165 ASP ASP A . n 
A 1 34 LEU 34 166 166 LEU LEU A . n 
A 1 35 ASP 35 167 167 ASP ASP A . n 
A 1 36 ILE 36 168 168 ILE ILE A . n 
A 1 37 ARG 37 169 169 ARG ARG A . n 
A 1 38 ALA 38 170 170 ALA ALA A . n 
A 1 39 GLN 39 171 171 GLN GLN A . n 
A 1 40 TYR 40 172 172 TYR TYR A . n 
A 1 41 GLY 41 173 173 GLY GLY A . n 
A 1 42 ILE 42 174 174 ILE ILE A . n 
A 1 43 ASN 43 175 175 ASN ASN A . n 
A 1 44 ILE 44 176 176 ILE ILE A . n 
A 1 45 ILE 45 177 177 ILE ILE A . n 
A 1 46 ALA 46 178 178 ALA ALA A . n 
A 1 47 ILE 47 179 179 ILE ILE A . n 
A 1 48 LYS 48 180 180 LYS LYS A . n 
A 1 49 ARG 49 181 181 ARG ARG A . n 
A 1 50 GLY 50 182 182 GLY GLY A . n 
A 1 51 LYS 51 183 183 LYS LYS A . n 
A 1 52 GLU 52 184 184 GLU GLU A . n 
A 1 53 PHE 53 185 185 PHE PHE A . n 
A 1 54 ILE 54 186 186 ILE ILE A . n 
A 1 55 ILE 55 187 187 ILE ILE A . n 
A 1 56 SER 56 188 188 SER SER A . n 
A 1 57 PRO 57 189 189 PRO PRO A . n 
A 1 58 ASN 58 190 190 ASN ASN A . n 
A 1 59 PRO 59 191 191 PRO PRO A . n 
A 1 60 ASN 60 192 192 ASN ASN A . n 
A 1 61 ILE 61 193 193 ILE ILE A . n 
A 1 62 ASN 62 194 194 ASN ASN A . n 
A 1 63 LEU 63 195 195 LEU LEU A . n 
A 1 64 GLU 64 196 196 GLU GLU A . n 
A 1 65 ILE 65 197 197 ILE ILE A . n 
A 1 66 GLY 66 198 198 GLY GLY A . n 
A 1 67 ASP 67 199 199 ASP ASP A . n 
A 1 68 ILE 68 200 200 ILE ILE A . n 
A 1 69 LEU 69 201 201 LEU LEU A . n 
A 1 70 ILE 70 202 202 ILE ILE A . n 
A 1 71 MET 71 203 203 MET MET A . n 
A 1 72 ILE 72 204 204 ILE ILE A . n 
A 1 73 GLY 73 205 205 GLY GLY A . n 
A 1 74 HIS 74 206 206 HIS HIS A . n 
A 1 75 ASP 75 207 207 ASP ASP A . n 
A 1 76 ASN 76 208 208 ASN ASN A . n 
A 1 77 ASP 77 209 209 ASP ASP A . n 
A 1 78 LEU 78 210 210 LEU LEU A . n 
A 1 79 ASN 79 211 211 ASN ASN A . n 
A 1 80 ARG 80 212 212 ARG ARG A . n 
A 1 81 PHE 81 213 213 PHE PHE A . n 
A 1 82 GLU 82 214 214 GLU GLU A . n 
A 1 83 LYS 83 215 215 LYS LYS A . n 
A 1 84 ASN 84 216 216 ASN ASN A . n 
A 1 85 ILE 85 217 217 ILE ILE A . n 
B 1 1  ALA 1  133 133 ALA ALA B . n 
B 1 2  SER 2  134 134 SER SER B . n 
B 1 3  ALA 3  135 135 ALA ALA B . n 
B 1 4  SER 4  136 136 SER SER B . n 
B 1 5  VAL 5  137 137 VAL VAL B . n 
B 1 6  LEU 6  138 138 LEU LEU B . n 
B 1 7  ASP 7  139 139 ASP ASP B . n 
B 1 8  TYR 8  140 140 TYR TYR B . n 
B 1 9  LEU 9  141 141 LEU LEU B . n 
B 1 10 GLU 10 142 142 GLU GLU B . n 
B 1 11 LEU 11 143 143 LEU LEU B . n 
B 1 12 ALA 12 144 144 ALA ALA B . n 
B 1 13 ASP 13 145 145 ASP ASP B . n 
B 1 14 GLU 14 146 146 GLU GLU B . n 
B 1 15 HIS 15 147 147 HIS HIS B . n 
B 1 16 SER 16 148 148 SER SER B . n 
B 1 17 ILE 17 149 149 ILE ILE B . n 
B 1 18 VAL 18 150 150 VAL VAL B . n 
B 1 19 GLU 19 151 151 GLU GLU B . n 
B 1 20 LEU 20 152 152 LEU LEU B . n 
B 1 21 LYS 21 153 153 LYS LYS B . n 
B 1 22 ALA 22 154 154 ALA ALA B . n 
B 1 23 THR 23 155 155 THR THR B . n 
B 1 24 GLU 24 156 156 GLU GLU B . n 
B 1 25 LYS 25 157 157 LYS LYS B . n 
B 1 26 MET 26 158 158 MET MET B . n 
B 1 27 ALA 27 159 159 ALA ALA B . n 
B 1 28 GLY 28 160 160 GLY GLY B . n 
B 1 29 GLN 29 161 161 GLN GLN B . n 
B 1 30 SER 30 162 162 SER SER B . n 
B 1 31 ILE 31 163 163 ILE ILE B . n 
B 1 32 ILE 32 164 164 ILE ILE B . n 
B 1 33 ASP 33 165 165 ASP ASP B . n 
B 1 34 LEU 34 166 166 LEU LEU B . n 
B 1 35 ASP 35 167 167 ASP ASP B . n 
B 1 36 ILE 36 168 168 ILE ILE B . n 
B 1 37 ARG 37 169 169 ARG ARG B . n 
B 1 38 ALA 38 170 170 ALA ALA B . n 
B 1 39 GLN 39 171 171 GLN GLN B . n 
B 1 40 TYR 40 172 172 TYR TYR B . n 
B 1 41 GLY 41 173 173 GLY GLY B . n 
B 1 42 ILE 42 174 174 ILE ILE B . n 
B 1 43 ASN 43 175 175 ASN ASN B . n 
B 1 44 ILE 44 176 176 ILE ILE B . n 
B 1 45 ILE 45 177 177 ILE ILE B . n 
B 1 46 ALA 46 178 178 ALA ALA B . n 
B 1 47 ILE 47 179 179 ILE ILE B . n 
B 1 48 LYS 48 180 180 LYS LYS B . n 
B 1 49 ARG 49 181 181 ARG ARG B . n 
B 1 50 GLY 50 182 182 GLY GLY B . n 
B 1 51 LYS 51 183 183 LYS LYS B . n 
B 1 52 GLU 52 184 184 GLU GLU B . n 
B 1 53 PHE 53 185 185 PHE PHE B . n 
B 1 54 ILE 54 186 186 ILE ILE B . n 
B 1 55 ILE 55 187 187 ILE ILE B . n 
B 1 56 SER 56 188 188 SER SER B . n 
B 1 57 PRO 57 189 189 PRO PRO B . n 
B 1 58 ASN 58 190 190 ASN ASN B . n 
B 1 59 PRO 59 191 191 PRO PRO B . n 
B 1 60 ASN 60 192 192 ASN ASN B . n 
B 1 61 ILE 61 193 193 ILE ILE B . n 
B 1 62 ASN 62 194 194 ASN ASN B . n 
B 1 63 LEU 63 195 195 LEU LEU B . n 
B 1 64 GLU 64 196 196 GLU GLU B . n 
B 1 65 ILE 65 197 197 ILE ILE B . n 
B 1 66 GLY 66 198 198 GLY GLY B . n 
B 1 67 ASP 67 199 199 ASP ASP B . n 
B 1 68 ILE 68 200 200 ILE ILE B . n 
B 1 69 LEU 69 201 201 LEU LEU B . n 
B 1 70 ILE 70 202 202 ILE ILE B . n 
B 1 71 MET 71 203 203 MET MET B . n 
B 1 72 ILE 72 204 204 ILE ILE B . n 
B 1 73 GLY 73 205 205 GLY GLY B . n 
B 1 74 HIS 74 206 206 HIS HIS B . n 
B 1 75 ASP 75 207 207 ASP ASP B . n 
B 1 76 ASN 76 208 208 ASN ASN B . n 
B 1 77 ASP 77 209 209 ASP ASP B . n 
B 1 78 LEU 78 210 210 LEU LEU B . n 
B 1 79 ASN 79 211 211 ASN ASN B . n 
B 1 80 ARG 80 212 212 ARG ARG B . n 
B 1 81 PHE 81 213 213 PHE PHE B . n 
B 1 82 GLU 82 214 214 GLU GLU B . n 
B 1 83 LYS 83 215 215 LYS LYS B . n 
B 1 84 ASN 84 216 216 ASN ASN B . n 
B 1 85 ILE 85 217 217 ILE ILE B . n 
# 
loop_
_pdbx_nonpoly_scheme.asym_id 
_pdbx_nonpoly_scheme.entity_id 
_pdbx_nonpoly_scheme.mon_id 
_pdbx_nonpoly_scheme.ndb_seq_num 
_pdbx_nonpoly_scheme.pdb_seq_num 
_pdbx_nonpoly_scheme.auth_seq_num 
_pdbx_nonpoly_scheme.pdb_mon_id 
_pdbx_nonpoly_scheme.auth_mon_id 
_pdbx_nonpoly_scheme.pdb_strand_id 
_pdbx_nonpoly_scheme.pdb_ins_code 
C 2 2BA 1  301 1  2BA 2BA A . 
D 3 HOH 1  401 1  HOH HOH A . 
D 3 HOH 2  402 14 HOH HOH A . 
D 3 HOH 3  403 41 HOH HOH A . 
D 3 HOH 4  404 3  HOH HOH A . 
D 3 HOH 5  405 8  HOH HOH A . 
D 3 HOH 6  406 9  HOH HOH A . 
D 3 HOH 7  407 12 HOH HOH A . 
D 3 HOH 8  408 16 HOH HOH A . 
D 3 HOH 9  409 22 HOH HOH A . 
D 3 HOH 10 410 34 HOH HOH A . 
E 3 HOH 1  301 29 HOH HOH B . 
E 3 HOH 2  302 4  HOH HOH B . 
E 3 HOH 3  303 18 HOH HOH B . 
E 3 HOH 4  304 42 HOH HOH B . 
E 3 HOH 5  305 32 HOH HOH B . 
E 3 HOH 6  306 10 HOH HOH B . 
E 3 HOH 7  307 11 HOH HOH B . 
E 3 HOH 8  308 17 HOH HOH B . 
E 3 HOH 9  309 21 HOH HOH B . 
E 3 HOH 10 310 30 HOH HOH B . 
# 
_pdbx_struct_assembly.id                   1 
_pdbx_struct_assembly.details              author_and_software_defined_assembly 
_pdbx_struct_assembly.method_details       PISA 
_pdbx_struct_assembly.oligomeric_details   dimeric 
_pdbx_struct_assembly.oligomeric_count     2 
# 
_pdbx_struct_assembly_gen.assembly_id       1 
_pdbx_struct_assembly_gen.oper_expression   1 
_pdbx_struct_assembly_gen.asym_id_list      A,B,C,D,E 
# 
loop_
_pdbx_struct_assembly_prop.biol_id 
_pdbx_struct_assembly_prop.type 
_pdbx_struct_assembly_prop.value 
_pdbx_struct_assembly_prop.details 
1 'ABSA (A^2)' 2710 ? 
1 MORE         -18  ? 
1 'SSA (A^2)'  8380 ? 
# 
_pdbx_struct_oper_list.id                   1 
_pdbx_struct_oper_list.type                 'identity operation' 
_pdbx_struct_oper_list.name                 1_555 
_pdbx_struct_oper_list.symmetry_operation   x,y,z 
_pdbx_struct_oper_list.matrix[1][1]         1.0000000000 
_pdbx_struct_oper_list.matrix[1][2]         0.0000000000 
_pdbx_struct_oper_list.matrix[1][3]         0.0000000000 
_pdbx_struct_oper_list.vector[1]            0.0000000000 
_pdbx_struct_oper_list.matrix[2][1]         0.0000000000 
_pdbx_struct_oper_list.matrix[2][2]         1.0000000000 
_pdbx_struct_oper_list.matrix[2][3]         0.0000000000 
_pdbx_struct_oper_list.vector[2]            0.0000000000 
_pdbx_struct_oper_list.matrix[3][1]         0.0000000000 
_pdbx_struct_oper_list.matrix[3][2]         0.0000000000 
_pdbx_struct_oper_list.matrix[3][3]         1.0000000000 
_pdbx_struct_oper_list.vector[3]            0.0000000000 
# 
loop_
_pdbx_audit_revision_history.ordinal 
_pdbx_audit_revision_history.data_content_type 
_pdbx_audit_revision_history.major_revision 
_pdbx_audit_revision_history.minor_revision 
_pdbx_audit_revision_history.revision_date 
1 'Structure model' 1 0 2015-05-20 
2 'Structure model' 1 1 2015-05-27 
3 'Structure model' 1 2 2015-07-08 
4 'Structure model' 1 3 2015-07-22 
5 'Structure model' 1 4 2023-11-08 
# 
_pdbx_audit_revision_details.ordinal             1 
_pdbx_audit_revision_details.revision_ordinal    1 
_pdbx_audit_revision_details.data_content_type   'Structure model' 
_pdbx_audit_revision_details.provider            repository 
_pdbx_audit_revision_details.type                'Initial release' 
_pdbx_audit_revision_details.description         ? 
_pdbx_audit_revision_details.details             ? 
# 
loop_
_pdbx_audit_revision_group.ordinal 
_pdbx_audit_revision_group.revision_ordinal 
_pdbx_audit_revision_group.data_content_type 
_pdbx_audit_revision_group.group 
1 2 'Structure model' 'Database references'    
2 3 'Structure model' 'Database references'    
3 4 'Structure model' Other                    
4 5 'Structure model' 'Data collection'        
5 5 'Structure model' 'Database references'    
6 5 'Structure model' 'Derived calculations'   
7 5 'Structure model' 'Refinement description' 
8 5 'Structure model' 'Source and taxonomy'    
9 5 'Structure model' 'Structure summary'      
# 
loop_
_pdbx_audit_revision_category.ordinal 
_pdbx_audit_revision_category.revision_ordinal 
_pdbx_audit_revision_category.data_content_type 
_pdbx_audit_revision_category.category 
1  5 'Structure model' chem_comp                     
2  5 'Structure model' chem_comp_atom                
3  5 'Structure model' chem_comp_bond                
4  5 'Structure model' citation                      
5  5 'Structure model' database_2                    
6  5 'Structure model' entity                        
7  5 'Structure model' entity_src_gen                
8  5 'Structure model' pdbx_entity_nonpoly           
9  5 'Structure model' pdbx_initial_refinement_model 
10 5 'Structure model' pdbx_struct_assembly          
11 5 'Structure model' pdbx_struct_assembly_gen      
12 5 'Structure model' pdbx_struct_assembly_prop     
13 5 'Structure model' pdbx_struct_oper_list         
# 
loop_
_pdbx_audit_revision_item.ordinal 
_pdbx_audit_revision_item.revision_ordinal 
_pdbx_audit_revision_item.data_content_type 
_pdbx_audit_revision_item.item 
1  5 'Structure model' '_chem_comp.name'                           
2  5 'Structure model' '_citation.journal_id_CSD'                  
3  5 'Structure model' '_database_2.pdbx_DOI'                      
4  5 'Structure model' '_database_2.pdbx_database_accession'       
5  5 'Structure model' '_entity.pdbx_description'                  
6  5 'Structure model' '_entity_src_gen.pdbx_alt_source_flag'      
7  5 'Structure model' '_pdbx_entity_nonpoly.name'                 
8  5 'Structure model' '_pdbx_struct_assembly.oligomeric_details'  
9  5 'Structure model' '_pdbx_struct_assembly_gen.asym_id_list'    
10 5 'Structure model' '_pdbx_struct_assembly_prop.type'           
11 5 'Structure model' '_pdbx_struct_assembly_prop.value'          
12 5 'Structure model' '_pdbx_struct_oper_list.symmetry_operation' 
# 
loop_
_software.citation_id 
_software.classification 
_software.compiler_name 
_software.compiler_version 
_software.contact_author 
_software.contact_author_email 
_software.date 
_software.description 
_software.dependencies 
_software.hardware 
_software.language 
_software.location 
_software.mods 
_software.name 
_software.os 
_software.os_version 
_software.type 
_software.version 
_software.pdbx_ordinal 
? 'data reduction'  ? ? ? ? ? ? ? ? ? ? ? HKL-2000    ? ? ? .                             1 
? refinement        ? ? ? ? ? ? ? ? ? ? ? PHENIX      ? ? ? '(phenix.refine: 1.8.4_1496)' 2 
? 'data extraction' ? ? ? ? ? ? ? ? ? ? ? PDB_EXTRACT ? ? ? 3.15                          3 
? 'data scaling'    ? ? ? ? ? ? ? ? ? ? ? SCALEPACK   ? ? ? .                             4 
? phasing           ? ? ? ? ? ? ? ? ? ? ? PHASER      ? ? ? .                             5 
# 
_pdbx_validate_close_contact.id               1 
_pdbx_validate_close_contact.PDB_model_num    1 
_pdbx_validate_close_contact.auth_atom_id_1   O 
_pdbx_validate_close_contact.auth_asym_id_1   B 
_pdbx_validate_close_contact.auth_comp_id_1   HOH 
_pdbx_validate_close_contact.auth_seq_id_1    304 
_pdbx_validate_close_contact.PDB_ins_code_1   ? 
_pdbx_validate_close_contact.label_alt_id_1   ? 
_pdbx_validate_close_contact.auth_atom_id_2   O 
_pdbx_validate_close_contact.auth_asym_id_2   B 
_pdbx_validate_close_contact.auth_comp_id_2   HOH 
_pdbx_validate_close_contact.auth_seq_id_2    305 
_pdbx_validate_close_contact.PDB_ins_code_2   ? 
_pdbx_validate_close_contact.label_alt_id_2   ? 
_pdbx_validate_close_contact.dist             2.19 
# 
loop_
_pdbx_validate_torsion.id 
_pdbx_validate_torsion.PDB_model_num 
_pdbx_validate_torsion.auth_comp_id 
_pdbx_validate_torsion.auth_asym_id 
_pdbx_validate_torsion.auth_seq_id 
_pdbx_validate_torsion.PDB_ins_code 
_pdbx_validate_torsion.label_alt_id 
_pdbx_validate_torsion.phi 
_pdbx_validate_torsion.psi 
1 1 SER A 188 ? ? 36.80 63.67 
2 1 SER B 188 ? ? 38.13 65.15 
# 
loop_
_chem_comp_atom.comp_id 
_chem_comp_atom.atom_id 
_chem_comp_atom.type_symbol 
_chem_comp_atom.pdbx_aromatic_flag 
_chem_comp_atom.pdbx_stereo_config 
_chem_comp_atom.pdbx_ordinal 
2BA P      P N R 1   
2BA O1P    O N N 2   
2BA O2P    O N N 3   
2BA "O5'"  O N N 4   
2BA "C5'"  C N N 5   
2BA "C4'"  C N R 6   
2BA "O4'"  O N N 7   
2BA "C3'"  C N S 8   
2BA "O3'"  O N N 9   
2BA "C2'"  C N R 10  
2BA "O2'"  O N N 11  
2BA "C1'"  C N R 12  
2BA N9     N Y N 13  
2BA C8     C Y N 14  
2BA N7     N Y N 15  
2BA C5     C Y N 16  
2BA C6     C Y N 17  
2BA N6     N N N 18  
2BA N1     N Y N 19  
2BA C2     C Y N 20  
2BA N3     N Y N 21  
2BA C4     C Y N 22  
2BA P1     P N R 23  
2BA O1P1   O N N 24  
2BA O2P1   O N N 25  
2BA "O5'1" O N N 26  
2BA "C5'1" C N N 27  
2BA "C4'1" C N R 28  
2BA "O4'1" O N N 29  
2BA "C3'1" C N S 30  
2BA "O3'1" O N N 31  
2BA "C2'1" C N R 32  
2BA "O2'1" O N N 33  
2BA "C1'1" C N R 34  
2BA N91    N Y N 35  
2BA C81    C Y N 36  
2BA N71    N Y N 37  
2BA C51    C Y N 38  
2BA C61    C Y N 39  
2BA N61    N N N 40  
2BA N11    N Y N 41  
2BA C21    C Y N 42  
2BA N31    N Y N 43  
2BA C41    C Y N 44  
2BA "H5'"  H N N 45  
2BA "H5'A" H N N 46  
2BA "H4'"  H N N 47  
2BA "H3'"  H N N 48  
2BA "H2'"  H N N 49  
2BA "HO2'" H N N 50  
2BA "H1'"  H N N 51  
2BA H8     H N N 52  
2BA HN6    H N N 53  
2BA HN6A   H N N 54  
2BA H2     H N N 55  
2BA "HC5'" H N N 56  
2BA HC5A   H N N 57  
2BA "HC4'" H N N 58  
2BA "HC3'" H N N 59  
2BA "HC2'" H N N 60  
2BA HO2A   H N N 61  
2BA "HC1'" H N N 62  
2BA HC8    H N N 63  
2BA H1N6   H N N 64  
2BA H1NA   H N N 65  
2BA HC2    H N N 66  
2BA H2P    H N N 67  
2BA H2OP   H N N 68  
ALA N      N N N 69  
ALA CA     C N S 70  
ALA C      C N N 71  
ALA O      O N N 72  
ALA CB     C N N 73  
ALA OXT    O N N 74  
ALA H      H N N 75  
ALA H2     H N N 76  
ALA HA     H N N 77  
ALA HB1    H N N 78  
ALA HB2    H N N 79  
ALA HB3    H N N 80  
ALA HXT    H N N 81  
ARG N      N N N 82  
ARG CA     C N S 83  
ARG C      C N N 84  
ARG O      O N N 85  
ARG CB     C N N 86  
ARG CG     C N N 87  
ARG CD     C N N 88  
ARG NE     N N N 89  
ARG CZ     C N N 90  
ARG NH1    N N N 91  
ARG NH2    N N N 92  
ARG OXT    O N N 93  
ARG H      H N N 94  
ARG H2     H N N 95  
ARG HA     H N N 96  
ARG HB2    H N N 97  
ARG HB3    H N N 98  
ARG HG2    H N N 99  
ARG HG3    H N N 100 
ARG HD2    H N N 101 
ARG HD3    H N N 102 
ARG HE     H N N 103 
ARG HH11   H N N 104 
ARG HH12   H N N 105 
ARG HH21   H N N 106 
ARG HH22   H N N 107 
ARG HXT    H N N 108 
ASN N      N N N 109 
ASN CA     C N S 110 
ASN C      C N N 111 
ASN O      O N N 112 
ASN CB     C N N 113 
ASN CG     C N N 114 
ASN OD1    O N N 115 
ASN ND2    N N N 116 
ASN OXT    O N N 117 
ASN H      H N N 118 
ASN H2     H N N 119 
ASN HA     H N N 120 
ASN HB2    H N N 121 
ASN HB3    H N N 122 
ASN HD21   H N N 123 
ASN HD22   H N N 124 
ASN HXT    H N N 125 
ASP N      N N N 126 
ASP CA     C N S 127 
ASP C      C N N 128 
ASP O      O N N 129 
ASP CB     C N N 130 
ASP CG     C N N 131 
ASP OD1    O N N 132 
ASP OD2    O N N 133 
ASP OXT    O N N 134 
ASP H      H N N 135 
ASP H2     H N N 136 
ASP HA     H N N 137 
ASP HB2    H N N 138 
ASP HB3    H N N 139 
ASP HD2    H N N 140 
ASP HXT    H N N 141 
GLN N      N N N 142 
GLN CA     C N S 143 
GLN C      C N N 144 
GLN O      O N N 145 
GLN CB     C N N 146 
GLN CG     C N N 147 
GLN CD     C N N 148 
GLN OE1    O N N 149 
GLN NE2    N N N 150 
GLN OXT    O N N 151 
GLN H      H N N 152 
GLN H2     H N N 153 
GLN HA     H N N 154 
GLN HB2    H N N 155 
GLN HB3    H N N 156 
GLN HG2    H N N 157 
GLN HG3    H N N 158 
GLN HE21   H N N 159 
GLN HE22   H N N 160 
GLN HXT    H N N 161 
GLU N      N N N 162 
GLU CA     C N S 163 
GLU C      C N N 164 
GLU O      O N N 165 
GLU CB     C N N 166 
GLU CG     C N N 167 
GLU CD     C N N 168 
GLU OE1    O N N 169 
GLU OE2    O N N 170 
GLU OXT    O N N 171 
GLU H      H N N 172 
GLU H2     H N N 173 
GLU HA     H N N 174 
GLU HB2    H N N 175 
GLU HB3    H N N 176 
GLU HG2    H N N 177 
GLU HG3    H N N 178 
GLU HE2    H N N 179 
GLU HXT    H N N 180 
GLY N      N N N 181 
GLY CA     C N N 182 
GLY C      C N N 183 
GLY O      O N N 184 
GLY OXT    O N N 185 
GLY H      H N N 186 
GLY H2     H N N 187 
GLY HA2    H N N 188 
GLY HA3    H N N 189 
GLY HXT    H N N 190 
HIS N      N N N 191 
HIS CA     C N S 192 
HIS C      C N N 193 
HIS O      O N N 194 
HIS CB     C N N 195 
HIS CG     C Y N 196 
HIS ND1    N Y N 197 
HIS CD2    C Y N 198 
HIS CE1    C Y N 199 
HIS NE2    N Y N 200 
HIS OXT    O N N 201 
HIS H      H N N 202 
HIS H2     H N N 203 
HIS HA     H N N 204 
HIS HB2    H N N 205 
HIS HB3    H N N 206 
HIS HD1    H N N 207 
HIS HD2    H N N 208 
HIS HE1    H N N 209 
HIS HE2    H N N 210 
HIS HXT    H N N 211 
HOH O      O N N 212 
HOH H1     H N N 213 
HOH H2     H N N 214 
ILE N      N N N 215 
ILE CA     C N S 216 
ILE C      C N N 217 
ILE O      O N N 218 
ILE CB     C N S 219 
ILE CG1    C N N 220 
ILE CG2    C N N 221 
ILE CD1    C N N 222 
ILE OXT    O N N 223 
ILE H      H N N 224 
ILE H2     H N N 225 
ILE HA     H N N 226 
ILE HB     H N N 227 
ILE HG12   H N N 228 
ILE HG13   H N N 229 
ILE HG21   H N N 230 
ILE HG22   H N N 231 
ILE HG23   H N N 232 
ILE HD11   H N N 233 
ILE HD12   H N N 234 
ILE HD13   H N N 235 
ILE HXT    H N N 236 
LEU N      N N N 237 
LEU CA     C N S 238 
LEU C      C N N 239 
LEU O      O N N 240 
LEU CB     C N N 241 
LEU CG     C N N 242 
LEU CD1    C N N 243 
LEU CD2    C N N 244 
LEU OXT    O N N 245 
LEU H      H N N 246 
LEU H2     H N N 247 
LEU HA     H N N 248 
LEU HB2    H N N 249 
LEU HB3    H N N 250 
LEU HG     H N N 251 
LEU HD11   H N N 252 
LEU HD12   H N N 253 
LEU HD13   H N N 254 
LEU HD21   H N N 255 
LEU HD22   H N N 256 
LEU HD23   H N N 257 
LEU HXT    H N N 258 
LYS N      N N N 259 
LYS CA     C N S 260 
LYS C      C N N 261 
LYS O      O N N 262 
LYS CB     C N N 263 
LYS CG     C N N 264 
LYS CD     C N N 265 
LYS CE     C N N 266 
LYS NZ     N N N 267 
LYS OXT    O N N 268 
LYS H      H N N 269 
LYS H2     H N N 270 
LYS HA     H N N 271 
LYS HB2    H N N 272 
LYS HB3    H N N 273 
LYS HG2    H N N 274 
LYS HG3    H N N 275 
LYS HD2    H N N 276 
LYS HD3    H N N 277 
LYS HE2    H N N 278 
LYS HE3    H N N 279 
LYS HZ1    H N N 280 
LYS HZ2    H N N 281 
LYS HZ3    H N N 282 
LYS HXT    H N N 283 
MET N      N N N 284 
MET CA     C N S 285 
MET C      C N N 286 
MET O      O N N 287 
MET CB     C N N 288 
MET CG     C N N 289 
MET SD     S N N 290 
MET CE     C N N 291 
MET OXT    O N N 292 
MET H      H N N 293 
MET H2     H N N 294 
MET HA     H N N 295 
MET HB2    H N N 296 
MET HB3    H N N 297 
MET HG2    H N N 298 
MET HG3    H N N 299 
MET HE1    H N N 300 
MET HE2    H N N 301 
MET HE3    H N N 302 
MET HXT    H N N 303 
PHE N      N N N 304 
PHE CA     C N S 305 
PHE C      C N N 306 
PHE O      O N N 307 
PHE CB     C N N 308 
PHE CG     C Y N 309 
PHE CD1    C Y N 310 
PHE CD2    C Y N 311 
PHE CE1    C Y N 312 
PHE CE2    C Y N 313 
PHE CZ     C Y N 314 
PHE OXT    O N N 315 
PHE H      H N N 316 
PHE H2     H N N 317 
PHE HA     H N N 318 
PHE HB2    H N N 319 
PHE HB3    H N N 320 
PHE HD1    H N N 321 
PHE HD2    H N N 322 
PHE HE1    H N N 323 
PHE HE2    H N N 324 
PHE HZ     H N N 325 
PHE HXT    H N N 326 
PRO N      N N N 327 
PRO CA     C N S 328 
PRO C      C N N 329 
PRO O      O N N 330 
PRO CB     C N N 331 
PRO CG     C N N 332 
PRO CD     C N N 333 
PRO OXT    O N N 334 
PRO H      H N N 335 
PRO HA     H N N 336 
PRO HB2    H N N 337 
PRO HB3    H N N 338 
PRO HG2    H N N 339 
PRO HG3    H N N 340 
PRO HD2    H N N 341 
PRO HD3    H N N 342 
PRO HXT    H N N 343 
SER N      N N N 344 
SER CA     C N S 345 
SER C      C N N 346 
SER O      O N N 347 
SER CB     C N N 348 
SER OG     O N N 349 
SER OXT    O N N 350 
SER H      H N N 351 
SER H2     H N N 352 
SER HA     H N N 353 
SER HB2    H N N 354 
SER HB3    H N N 355 
SER HG     H N N 356 
SER HXT    H N N 357 
THR N      N N N 358 
THR CA     C N S 359 
THR C      C N N 360 
THR O      O N N 361 
THR CB     C N R 362 
THR OG1    O N N 363 
THR CG2    C N N 364 
THR OXT    O N N 365 
THR H      H N N 366 
THR H2     H N N 367 
THR HA     H N N 368 
THR HB     H N N 369 
THR HG1    H N N 370 
THR HG21   H N N 371 
THR HG22   H N N 372 
THR HG23   H N N 373 
THR HXT    H N N 374 
TYR N      N N N 375 
TYR CA     C N S 376 
TYR C      C N N 377 
TYR O      O N N 378 
TYR CB     C N N 379 
TYR CG     C Y N 380 
TYR CD1    C Y N 381 
TYR CD2    C Y N 382 
TYR CE1    C Y N 383 
TYR CE2    C Y N 384 
TYR CZ     C Y N 385 
TYR OH     O N N 386 
TYR OXT    O N N 387 
TYR H      H N N 388 
TYR H2     H N N 389 
TYR HA     H N N 390 
TYR HB2    H N N 391 
TYR HB3    H N N 392 
TYR HD1    H N N 393 
TYR HD2    H N N 394 
TYR HE1    H N N 395 
TYR HE2    H N N 396 
TYR HH     H N N 397 
TYR HXT    H N N 398 
VAL N      N N N 399 
VAL CA     C N S 400 
VAL C      C N N 401 
VAL O      O N N 402 
VAL CB     C N N 403 
VAL CG1    C N N 404 
VAL CG2    C N N 405 
VAL OXT    O N N 406 
VAL H      H N N 407 
VAL H2     H N N 408 
VAL HA     H N N 409 
VAL HB     H N N 410 
VAL HG11   H N N 411 
VAL HG12   H N N 412 
VAL HG13   H N N 413 
VAL HG21   H N N 414 
VAL HG22   H N N 415 
VAL HG23   H N N 416 
VAL HXT    H N N 417 
# 
loop_
_chem_comp_bond.comp_id 
_chem_comp_bond.atom_id_1 
_chem_comp_bond.atom_id_2 
_chem_comp_bond.value_order 
_chem_comp_bond.pdbx_aromatic_flag 
_chem_comp_bond.pdbx_stereo_config 
_chem_comp_bond.pdbx_ordinal 
2BA P      O1P    doub N N 1   
2BA P      O2P    sing N N 2   
2BA P      "O5'"  sing N N 3   
2BA P      "O3'1" sing N N 4   
2BA "O5'"  "C5'"  sing N N 5   
2BA "C5'"  "C4'"  sing N N 6   
2BA "C4'"  "O4'"  sing N N 7   
2BA "C4'"  "C3'"  sing N N 8   
2BA "O4'"  "C1'"  sing N N 9   
2BA "C3'"  "O3'"  sing N N 10  
2BA "C3'"  "C2'"  sing N N 11  
2BA "O3'"  P1     sing N N 12  
2BA "C2'"  "O2'"  sing N N 13  
2BA "C2'"  "C1'"  sing N N 14  
2BA "C1'"  N9     sing N N 15  
2BA N9     C8     sing Y N 16  
2BA N9     C4     sing Y N 17  
2BA C8     N7     doub Y N 18  
2BA N7     C5     sing Y N 19  
2BA C5     C6     doub Y N 20  
2BA C5     C4     sing Y N 21  
2BA C6     N6     sing N N 22  
2BA C6     N1     sing Y N 23  
2BA N1     C2     doub Y N 24  
2BA C2     N3     sing Y N 25  
2BA N3     C4     doub Y N 26  
2BA P1     O1P1   doub N N 27  
2BA P1     O2P1   sing N N 28  
2BA P1     "O5'1" sing N N 29  
2BA "O5'1" "C5'1" sing N N 30  
2BA "C5'1" "C4'1" sing N N 31  
2BA "C4'1" "O4'1" sing N N 32  
2BA "C4'1" "C3'1" sing N N 33  
2BA "O4'1" "C1'1" sing N N 34  
2BA "C3'1" "O3'1" sing N N 35  
2BA "C3'1" "C2'1" sing N N 36  
2BA "C2'1" "O2'1" sing N N 37  
2BA "C2'1" "C1'1" sing N N 38  
2BA "C1'1" N91    sing N N 39  
2BA N91    C81    sing Y N 40  
2BA N91    C41    sing Y N 41  
2BA C81    N71    doub Y N 42  
2BA N71    C51    sing Y N 43  
2BA C51    C61    doub Y N 44  
2BA C51    C41    sing Y N 45  
2BA C61    N61    sing N N 46  
2BA C61    N11    sing Y N 47  
2BA N11    C21    doub Y N 48  
2BA C21    N31    sing Y N 49  
2BA N31    C41    doub Y N 50  
2BA "C5'"  "H5'"  sing N N 51  
2BA "C5'"  "H5'A" sing N N 52  
2BA "C4'"  "H4'"  sing N N 53  
2BA "C3'"  "H3'"  sing N N 54  
2BA "C2'"  "H2'"  sing N N 55  
2BA "O2'"  "HO2'" sing N N 56  
2BA "C1'"  "H1'"  sing N N 57  
2BA C8     H8     sing N N 58  
2BA N6     HN6    sing N N 59  
2BA N6     HN6A   sing N N 60  
2BA C2     H2     sing N N 61  
2BA "C5'1" "HC5'" sing N N 62  
2BA "C5'1" HC5A   sing N N 63  
2BA "C4'1" "HC4'" sing N N 64  
2BA "C3'1" "HC3'" sing N N 65  
2BA "C2'1" "HC2'" sing N N 66  
2BA "O2'1" HO2A   sing N N 67  
2BA "C1'1" "HC1'" sing N N 68  
2BA C81    HC8    sing N N 69  
2BA N61    H1N6   sing N N 70  
2BA N61    H1NA   sing N N 71  
2BA C21    HC2    sing N N 72  
2BA O2P    H2P    sing N N 73  
2BA O2P1   H2OP   sing N N 74  
ALA N      CA     sing N N 75  
ALA N      H      sing N N 76  
ALA N      H2     sing N N 77  
ALA CA     C      sing N N 78  
ALA CA     CB     sing N N 79  
ALA CA     HA     sing N N 80  
ALA C      O      doub N N 81  
ALA C      OXT    sing N N 82  
ALA CB     HB1    sing N N 83  
ALA CB     HB2    sing N N 84  
ALA CB     HB3    sing N N 85  
ALA OXT    HXT    sing N N 86  
ARG N      CA     sing N N 87  
ARG N      H      sing N N 88  
ARG N      H2     sing N N 89  
ARG CA     C      sing N N 90  
ARG CA     CB     sing N N 91  
ARG CA     HA     sing N N 92  
ARG C      O      doub N N 93  
ARG C      OXT    sing N N 94  
ARG CB     CG     sing N N 95  
ARG CB     HB2    sing N N 96  
ARG CB     HB3    sing N N 97  
ARG CG     CD     sing N N 98  
ARG CG     HG2    sing N N 99  
ARG CG     HG3    sing N N 100 
ARG CD     NE     sing N N 101 
ARG CD     HD2    sing N N 102 
ARG CD     HD3    sing N N 103 
ARG NE     CZ     sing N N 104 
ARG NE     HE     sing N N 105 
ARG CZ     NH1    sing N N 106 
ARG CZ     NH2    doub N N 107 
ARG NH1    HH11   sing N N 108 
ARG NH1    HH12   sing N N 109 
ARG NH2    HH21   sing N N 110 
ARG NH2    HH22   sing N N 111 
ARG OXT    HXT    sing N N 112 
ASN N      CA     sing N N 113 
ASN N      H      sing N N 114 
ASN N      H2     sing N N 115 
ASN CA     C      sing N N 116 
ASN CA     CB     sing N N 117 
ASN CA     HA     sing N N 118 
ASN C      O      doub N N 119 
ASN C      OXT    sing N N 120 
ASN CB     CG     sing N N 121 
ASN CB     HB2    sing N N 122 
ASN CB     HB3    sing N N 123 
ASN CG     OD1    doub N N 124 
ASN CG     ND2    sing N N 125 
ASN ND2    HD21   sing N N 126 
ASN ND2    HD22   sing N N 127 
ASN OXT    HXT    sing N N 128 
ASP N      CA     sing N N 129 
ASP N      H      sing N N 130 
ASP N      H2     sing N N 131 
ASP CA     C      sing N N 132 
ASP CA     CB     sing N N 133 
ASP CA     HA     sing N N 134 
ASP C      O      doub N N 135 
ASP C      OXT    sing N N 136 
ASP CB     CG     sing N N 137 
ASP CB     HB2    sing N N 138 
ASP CB     HB3    sing N N 139 
ASP CG     OD1    doub N N 140 
ASP CG     OD2    sing N N 141 
ASP OD2    HD2    sing N N 142 
ASP OXT    HXT    sing N N 143 
GLN N      CA     sing N N 144 
GLN N      H      sing N N 145 
GLN N      H2     sing N N 146 
GLN CA     C      sing N N 147 
GLN CA     CB     sing N N 148 
GLN CA     HA     sing N N 149 
GLN C      O      doub N N 150 
GLN C      OXT    sing N N 151 
GLN CB     CG     sing N N 152 
GLN CB     HB2    sing N N 153 
GLN CB     HB3    sing N N 154 
GLN CG     CD     sing N N 155 
GLN CG     HG2    sing N N 156 
GLN CG     HG3    sing N N 157 
GLN CD     OE1    doub N N 158 
GLN CD     NE2    sing N N 159 
GLN NE2    HE21   sing N N 160 
GLN NE2    HE22   sing N N 161 
GLN OXT    HXT    sing N N 162 
GLU N      CA     sing N N 163 
GLU N      H      sing N N 164 
GLU N      H2     sing N N 165 
GLU CA     C      sing N N 166 
GLU CA     CB     sing N N 167 
GLU CA     HA     sing N N 168 
GLU C      O      doub N N 169 
GLU C      OXT    sing N N 170 
GLU CB     CG     sing N N 171 
GLU CB     HB2    sing N N 172 
GLU CB     HB3    sing N N 173 
GLU CG     CD     sing N N 174 
GLU CG     HG2    sing N N 175 
GLU CG     HG3    sing N N 176 
GLU CD     OE1    doub N N 177 
GLU CD     OE2    sing N N 178 
GLU OE2    HE2    sing N N 179 
GLU OXT    HXT    sing N N 180 
GLY N      CA     sing N N 181 
GLY N      H      sing N N 182 
GLY N      H2     sing N N 183 
GLY CA     C      sing N N 184 
GLY CA     HA2    sing N N 185 
GLY CA     HA3    sing N N 186 
GLY C      O      doub N N 187 
GLY C      OXT    sing N N 188 
GLY OXT    HXT    sing N N 189 
HIS N      CA     sing N N 190 
HIS N      H      sing N N 191 
HIS N      H2     sing N N 192 
HIS CA     C      sing N N 193 
HIS CA     CB     sing N N 194 
HIS CA     HA     sing N N 195 
HIS C      O      doub N N 196 
HIS C      OXT    sing N N 197 
HIS CB     CG     sing N N 198 
HIS CB     HB2    sing N N 199 
HIS CB     HB3    sing N N 200 
HIS CG     ND1    sing Y N 201 
HIS CG     CD2    doub Y N 202 
HIS ND1    CE1    doub Y N 203 
HIS ND1    HD1    sing N N 204 
HIS CD2    NE2    sing Y N 205 
HIS CD2    HD2    sing N N 206 
HIS CE1    NE2    sing Y N 207 
HIS CE1    HE1    sing N N 208 
HIS NE2    HE2    sing N N 209 
HIS OXT    HXT    sing N N 210 
HOH O      H1     sing N N 211 
HOH O      H2     sing N N 212 
ILE N      CA     sing N N 213 
ILE N      H      sing N N 214 
ILE N      H2     sing N N 215 
ILE CA     C      sing N N 216 
ILE CA     CB     sing N N 217 
ILE CA     HA     sing N N 218 
ILE C      O      doub N N 219 
ILE C      OXT    sing N N 220 
ILE CB     CG1    sing N N 221 
ILE CB     CG2    sing N N 222 
ILE CB     HB     sing N N 223 
ILE CG1    CD1    sing N N 224 
ILE CG1    HG12   sing N N 225 
ILE CG1    HG13   sing N N 226 
ILE CG2    HG21   sing N N 227 
ILE CG2    HG22   sing N N 228 
ILE CG2    HG23   sing N N 229 
ILE CD1    HD11   sing N N 230 
ILE CD1    HD12   sing N N 231 
ILE CD1    HD13   sing N N 232 
ILE OXT    HXT    sing N N 233 
LEU N      CA     sing N N 234 
LEU N      H      sing N N 235 
LEU N      H2     sing N N 236 
LEU CA     C      sing N N 237 
LEU CA     CB     sing N N 238 
LEU CA     HA     sing N N 239 
LEU C      O      doub N N 240 
LEU C      OXT    sing N N 241 
LEU CB     CG     sing N N 242 
LEU CB     HB2    sing N N 243 
LEU CB     HB3    sing N N 244 
LEU CG     CD1    sing N N 245 
LEU CG     CD2    sing N N 246 
LEU CG     HG     sing N N 247 
LEU CD1    HD11   sing N N 248 
LEU CD1    HD12   sing N N 249 
LEU CD1    HD13   sing N N 250 
LEU CD2    HD21   sing N N 251 
LEU CD2    HD22   sing N N 252 
LEU CD2    HD23   sing N N 253 
LEU OXT    HXT    sing N N 254 
LYS N      CA     sing N N 255 
LYS N      H      sing N N 256 
LYS N      H2     sing N N 257 
LYS CA     C      sing N N 258 
LYS CA     CB     sing N N 259 
LYS CA     HA     sing N N 260 
LYS C      O      doub N N 261 
LYS C      OXT    sing N N 262 
LYS CB     CG     sing N N 263 
LYS CB     HB2    sing N N 264 
LYS CB     HB3    sing N N 265 
LYS CG     CD     sing N N 266 
LYS CG     HG2    sing N N 267 
LYS CG     HG3    sing N N 268 
LYS CD     CE     sing N N 269 
LYS CD     HD2    sing N N 270 
LYS CD     HD3    sing N N 271 
LYS CE     NZ     sing N N 272 
LYS CE     HE2    sing N N 273 
LYS CE     HE3    sing N N 274 
LYS NZ     HZ1    sing N N 275 
LYS NZ     HZ2    sing N N 276 
LYS NZ     HZ3    sing N N 277 
LYS OXT    HXT    sing N N 278 
MET N      CA     sing N N 279 
MET N      H      sing N N 280 
MET N      H2     sing N N 281 
MET CA     C      sing N N 282 
MET CA     CB     sing N N 283 
MET CA     HA     sing N N 284 
MET C      O      doub N N 285 
MET C      OXT    sing N N 286 
MET CB     CG     sing N N 287 
MET CB     HB2    sing N N 288 
MET CB     HB3    sing N N 289 
MET CG     SD     sing N N 290 
MET CG     HG2    sing N N 291 
MET CG     HG3    sing N N 292 
MET SD     CE     sing N N 293 
MET CE     HE1    sing N N 294 
MET CE     HE2    sing N N 295 
MET CE     HE3    sing N N 296 
MET OXT    HXT    sing N N 297 
PHE N      CA     sing N N 298 
PHE N      H      sing N N 299 
PHE N      H2     sing N N 300 
PHE CA     C      sing N N 301 
PHE CA     CB     sing N N 302 
PHE CA     HA     sing N N 303 
PHE C      O      doub N N 304 
PHE C      OXT    sing N N 305 
PHE CB     CG     sing N N 306 
PHE CB     HB2    sing N N 307 
PHE CB     HB3    sing N N 308 
PHE CG     CD1    doub Y N 309 
PHE CG     CD2    sing Y N 310 
PHE CD1    CE1    sing Y N 311 
PHE CD1    HD1    sing N N 312 
PHE CD2    CE2    doub Y N 313 
PHE CD2    HD2    sing N N 314 
PHE CE1    CZ     doub Y N 315 
PHE CE1    HE1    sing N N 316 
PHE CE2    CZ     sing Y N 317 
PHE CE2    HE2    sing N N 318 
PHE CZ     HZ     sing N N 319 
PHE OXT    HXT    sing N N 320 
PRO N      CA     sing N N 321 
PRO N      CD     sing N N 322 
PRO N      H      sing N N 323 
PRO CA     C      sing N N 324 
PRO CA     CB     sing N N 325 
PRO CA     HA     sing N N 326 
PRO C      O      doub N N 327 
PRO C      OXT    sing N N 328 
PRO CB     CG     sing N N 329 
PRO CB     HB2    sing N N 330 
PRO CB     HB3    sing N N 331 
PRO CG     CD     sing N N 332 
PRO CG     HG2    sing N N 333 
PRO CG     HG3    sing N N 334 
PRO CD     HD2    sing N N 335 
PRO CD     HD3    sing N N 336 
PRO OXT    HXT    sing N N 337 
SER N      CA     sing N N 338 
SER N      H      sing N N 339 
SER N      H2     sing N N 340 
SER CA     C      sing N N 341 
SER CA     CB     sing N N 342 
SER CA     HA     sing N N 343 
SER C      O      doub N N 344 
SER C      OXT    sing N N 345 
SER CB     OG     sing N N 346 
SER CB     HB2    sing N N 347 
SER CB     HB3    sing N N 348 
SER OG     HG     sing N N 349 
SER OXT    HXT    sing N N 350 
THR N      CA     sing N N 351 
THR N      H      sing N N 352 
THR N      H2     sing N N 353 
THR CA     C      sing N N 354 
THR CA     CB     sing N N 355 
THR CA     HA     sing N N 356 
THR C      O      doub N N 357 
THR C      OXT    sing N N 358 
THR CB     OG1    sing N N 359 
THR CB     CG2    sing N N 360 
THR CB     HB     sing N N 361 
THR OG1    HG1    sing N N 362 
THR CG2    HG21   sing N N 363 
THR CG2    HG22   sing N N 364 
THR CG2    HG23   sing N N 365 
THR OXT    HXT    sing N N 366 
TYR N      CA     sing N N 367 
TYR N      H      sing N N 368 
TYR N      H2     sing N N 369 
TYR CA     C      sing N N 370 
TYR CA     CB     sing N N 371 
TYR CA     HA     sing N N 372 
TYR C      O      doub N N 373 
TYR C      OXT    sing N N 374 
TYR CB     CG     sing N N 375 
TYR CB     HB2    sing N N 376 
TYR CB     HB3    sing N N 377 
TYR CG     CD1    doub Y N 378 
TYR CG     CD2    sing Y N 379 
TYR CD1    CE1    sing Y N 380 
TYR CD1    HD1    sing N N 381 
TYR CD2    CE2    doub Y N 382 
TYR CD2    HD2    sing N N 383 
TYR CE1    CZ     doub Y N 384 
TYR CE1    HE1    sing N N 385 
TYR CE2    CZ     sing Y N 386 
TYR CE2    HE2    sing N N 387 
TYR CZ     OH     sing N N 388 
TYR OH     HH     sing N N 389 
TYR OXT    HXT    sing N N 390 
VAL N      CA     sing N N 391 
VAL N      H      sing N N 392 
VAL N      H2     sing N N 393 
VAL CA     C      sing N N 394 
VAL CA     CB     sing N N 395 
VAL CA     HA     sing N N 396 
VAL C      O      doub N N 397 
VAL C      OXT    sing N N 398 
VAL CB     CG1    sing N N 399 
VAL CB     CG2    sing N N 400 
VAL CB     HB     sing N N 401 
VAL CG1    HG11   sing N N 402 
VAL CG1    HG12   sing N N 403 
VAL CG1    HG13   sing N N 404 
VAL CG2    HG21   sing N N 405 
VAL CG2    HG22   sing N N 406 
VAL CG2    HG23   sing N N 407 
VAL OXT    HXT    sing N N 408 
# 
loop_
_pdbx_audit_support.funding_organization 
_pdbx_audit_support.country 
_pdbx_audit_support.grant_number 
_pdbx_audit_support.ordinal 
'National Research Foundation of Korea'        'Korea, Republic Of' 2011-0020322 1 
'Ministry of Science, ICT and Future Planning' 'Korea, Republic Of' 2011-0031955 2 
# 
loop_
_pdbx_entity_nonpoly.entity_id 
_pdbx_entity_nonpoly.name 
_pdbx_entity_nonpoly.comp_id 
2 
;(2R,3R,3aS,5R,7aR,9R,10R,10aS,12R,14aR)-2,9-bis(6-amino-9H-purin-9-yl)octahydro-2H,7H-difuro[3,2-d:3',2'-j][1,3,7,9,2,8 ]tetraoxadiphosphacyclododecine-3,5,10,12-tetrol 5,12-dioxide
;
2BA 
3 water HOH 
# 
_pdbx_initial_refinement_model.id               1 
_pdbx_initial_refinement_model.entity_id_list   ? 
_pdbx_initial_refinement_model.type             'experimental model' 
_pdbx_initial_refinement_model.source_name      PDB 
_pdbx_initial_refinement_model.accession_code   4J91 
_pdbx_initial_refinement_model.details          ? 
# 
